data_5SKA
#
_entry.id   5SKA
#
_cell.length_a   135.148
_cell.length_b   135.148
_cell.length_c   235.062
_cell.angle_alpha   90.000
_cell.angle_beta   90.000
_cell.angle_gamma   120.000
#
_symmetry.space_group_name_H-M   'H 3'
#
loop_
_entity.id
_entity.type
_entity.pdbx_description
1 polymer "cAMP and cAMP-inhibited cGMP 3',5'-cyclic phosphodiesterase 10A"
2 non-polymer 'ZINC ION'
3 non-polymer 'MAGNESIUM ION'
4 non-polymer 7-{[(4-ethoxy-5-methylpyridin-2-yl)methyl]sulfanyl}-8H-imidazo[4,5-g][1,3]benzothiazole
5 water water
#
_entity_poly.entity_id   1
_entity_poly.type   'polypeptide(L)'
_entity_poly.pdbx_seq_one_letter_code
;GSSICTSEEWQGLMQFTLPVRLCKEIELFHFDIGPFENMWPGIFVYMVHRSCGTSCFELEKL(CME)RFIMSVKKNYRRV
PYHNWKHAVTVAHCMYAILQNNHTLFTDLERKGLLIACLCHDLDHRGFSNSYLQKFDHPLAALYSTSTMEQHHFSQTVSI
LQLEGHNIFSTLSSSEYEQVLEIIRKAIIATDLALYFGNRKQLEEMYQTGSLNLNNQSHRDRVIGLMMTACDLCSVTKLW
PVTKLTANDIYAEFWAEGDEMKKLGIQPIPMMDRDKKDEVPQGQLGFYNAVAIPCYTTLTQILPPTEPLLKACRDNLSQW
EKVIRGEETATWISSPSVAQKAAASED
;
_entity_poly.pdbx_strand_id   A,B,C,D
#
loop_
_chem_comp.id
_chem_comp.type
_chem_comp.name
_chem_comp.formula
KDC non-polymer 7-{[(4-ethoxy-5-methylpyridin-2-yl)methyl]sulfanyl}-8H-imidazo[4,5-g][1,3]benzothiazole 'C17 H16 N4 O S2'
MG non-polymer 'MAGNESIUM ION' 'Mg 2'
ZN non-polymer 'ZINC ION' 'Zn 2'
#
# COMPACT_ATOMS: atom_id res chain seq x y z
N GLY A 12 40.31 16.81 -19.01
CA GLY A 12 41.08 17.96 -18.43
C GLY A 12 40.40 19.30 -18.63
N LEU A 13 39.77 19.49 -19.80
CA LEU A 13 39.03 20.73 -20.18
C LEU A 13 37.55 20.65 -19.78
N MET A 14 37.16 19.58 -19.05
CA MET A 14 35.76 19.32 -18.63
C MET A 14 35.54 19.91 -17.24
N GLN A 15 34.99 21.13 -17.19
CA GLN A 15 34.50 21.80 -15.95
C GLN A 15 33.12 21.26 -15.59
N PHE A 16 32.83 21.19 -14.29
CA PHE A 16 31.44 21.13 -13.79
C PHE A 16 30.93 22.58 -13.73
N THR A 17 29.69 22.77 -14.15
CA THR A 17 28.99 24.08 -14.06
C THR A 17 27.73 23.84 -13.24
N LEU A 18 27.25 24.88 -12.59
CA LEU A 18 26.03 24.81 -11.78
C LEU A 18 25.06 25.81 -12.38
N PRO A 19 23.74 25.66 -12.14
CA PRO A 19 22.83 26.75 -12.44
C PRO A 19 23.28 28.04 -11.72
N VAL A 20 22.91 29.17 -12.30
CA VAL A 20 23.26 30.52 -11.81
C VAL A 20 23.00 30.65 -10.30
N ARG A 21 21.82 30.31 -9.79
CA ARG A 21 21.50 30.56 -8.36
C ARG A 21 22.51 29.79 -7.50
N LEU A 22 22.84 28.55 -7.88
CA LEU A 22 23.79 27.70 -7.12
C LEU A 22 25.21 28.22 -7.29
N CYS A 23 25.58 28.57 -8.53
CA CYS A 23 26.92 29.13 -8.86
C CYS A 23 27.25 30.33 -7.94
N LYS A 24 26.25 31.14 -7.61
CA LYS A 24 26.37 32.33 -6.74
C LYS A 24 26.27 31.94 -5.26
N GLU A 25 25.22 31.24 -4.87
CA GLU A 25 24.95 30.90 -3.45
C GLU A 25 26.02 29.94 -2.92
N ILE A 26 26.60 29.05 -3.75
CA ILE A 26 27.57 28.03 -3.24
C ILE A 26 28.78 28.72 -2.59
N GLU A 27 29.06 29.97 -2.97
CA GLU A 27 30.23 30.74 -2.46
C GLU A 27 29.92 31.28 -1.07
N LEU A 28 28.66 31.26 -0.63
CA LEU A 28 28.26 31.86 0.66
C LEU A 28 28.32 30.79 1.73
N PHE A 29 28.71 31.15 2.95
CA PHE A 29 28.84 30.18 4.05
C PHE A 29 27.50 29.47 4.29
N HIS A 30 26.36 30.17 4.15
CA HIS A 30 25.03 29.66 4.58
C HIS A 30 24.34 28.87 3.46
N PHE A 31 25.01 28.61 2.35
CA PHE A 31 24.47 27.77 1.26
C PHE A 31 23.92 26.44 1.78
N ASP A 32 22.71 26.11 1.34
CA ASP A 32 22.10 24.79 1.55
C ASP A 32 22.25 23.98 0.25
N ILE A 33 22.69 22.72 0.29
CA ILE A 33 23.00 21.97 -0.96
C ILE A 33 21.71 21.45 -1.65
N GLY A 34 20.55 21.59 -1.00
CA GLY A 34 19.25 21.28 -1.62
C GLY A 34 18.86 19.80 -1.49
N PRO A 35 17.60 19.45 -1.87
CA PRO A 35 17.07 18.10 -1.71
C PRO A 35 17.29 17.17 -2.91
N PHE A 36 18.06 17.59 -3.92
CA PHE A 36 18.33 16.79 -5.13
C PHE A 36 19.66 16.04 -4.95
N GLU A 37 19.60 14.86 -4.34
CA GLU A 37 20.77 13.99 -4.02
C GLU A 37 21.71 13.85 -5.22
N ASN A 38 21.17 13.69 -6.42
CA ASN A 38 21.98 13.36 -7.62
C ASN A 38 22.79 14.59 -8.05
N MET A 39 22.52 15.77 -7.52
CA MET A 39 23.36 16.96 -7.77
C MET A 39 24.57 17.02 -6.82
N TRP A 40 24.56 16.31 -5.69
CA TRP A 40 25.56 16.52 -4.61
C TRP A 40 26.98 16.16 -5.06
N PRO A 41 27.22 15.06 -5.81
CA PRO A 41 28.56 14.76 -6.33
C PRO A 41 29.10 15.88 -7.20
N GLY A 42 28.26 16.43 -8.08
CA GLY A 42 28.67 17.52 -8.99
C GLY A 42 29.05 18.76 -8.22
N ILE A 43 28.27 19.10 -7.19
CA ILE A 43 28.54 20.23 -6.26
C ILE A 43 29.91 20.01 -5.60
N PHE A 44 30.19 18.80 -5.10
CA PHE A 44 31.50 18.50 -4.45
C PHE A 44 32.61 18.65 -5.47
N VAL A 45 32.46 18.07 -6.66
CA VAL A 45 33.53 18.11 -7.69
C VAL A 45 33.74 19.57 -8.10
N TYR A 46 32.66 20.32 -8.32
CA TYR A 46 32.73 21.77 -8.60
C TYR A 46 33.61 22.44 -7.55
N MET A 47 33.44 22.08 -6.27
CA MET A 47 34.10 22.75 -5.12
C MET A 47 35.59 22.36 -5.13
N VAL A 48 35.89 21.10 -5.39
CA VAL A 48 37.27 20.59 -5.54
C VAL A 48 37.97 21.36 -6.68
N HIS A 49 37.33 21.49 -7.84
CA HIS A 49 37.94 22.19 -9.01
C HIS A 49 38.27 23.64 -8.66
N ARG A 50 37.39 24.39 -7.99
CA ARG A 50 37.60 25.84 -7.73
C ARG A 50 38.54 26.06 -6.55
N SER A 51 38.61 25.11 -5.62
CA SER A 51 39.36 25.21 -4.33
C SER A 51 40.81 24.75 -4.50
N CYS A 52 41.02 23.84 -5.46
CA CYS A 52 42.22 22.97 -5.56
C CYS A 52 42.81 23.03 -6.96
N GLY A 53 41.96 22.99 -7.99
CA GLY A 53 42.35 22.96 -9.41
C GLY A 53 41.62 21.84 -10.13
N THR A 54 41.46 21.93 -11.45
CA THR A 54 40.84 20.85 -12.28
C THR A 54 41.81 19.67 -12.45
N SER A 55 43.03 19.81 -11.92
CA SER A 55 44.21 18.91 -12.08
C SER A 55 44.45 18.06 -10.82
N CYS A 56 44.06 18.56 -9.64
CA CYS A 56 44.33 17.93 -8.32
C CYS A 56 44.06 16.42 -8.39
N PHE A 57 43.01 16.01 -9.10
CA PHE A 57 42.53 14.61 -9.10
C PHE A 57 42.20 14.19 -10.54
N GLU A 58 42.55 12.97 -10.91
CA GLU A 58 42.01 12.36 -12.16
C GLU A 58 40.49 12.22 -11.95
N LEU A 59 39.70 12.87 -12.82
CA LEU A 59 38.22 12.92 -12.68
C LEU A 59 37.63 11.49 -12.62
N GLU A 60 38.10 10.59 -13.47
CA GLU A 60 37.72 9.14 -13.50
C GLU A 60 37.82 8.60 -12.07
N LYS A 61 38.94 8.84 -11.37
CA LYS A 61 39.21 8.27 -10.02
C LYS A 61 38.45 9.04 -8.92
N LEU A 62 38.24 10.35 -9.07
CA LEU A 62 37.56 11.16 -8.04
C LEU A 62 36.08 10.72 -7.99
N CME A 63 35.46 10.61 -9.17
CA CME A 63 34.04 10.20 -9.35
CB CME A 63 33.61 10.29 -10.80
SG CME A 63 33.13 11.95 -11.34
SD CME A 63 31.71 12.48 -9.96
CE CME A 63 30.12 12.24 -10.81
CZ CME A 63 29.42 13.55 -11.01
OH CME A 63 28.02 13.41 -11.13
C CME A 63 33.82 8.83 -8.74
O CME A 63 32.81 8.62 -8.04
N ARG A 64 34.76 7.91 -8.97
CA ARG A 64 34.67 6.55 -8.42
C ARG A 64 34.89 6.60 -6.90
N PHE A 65 35.72 7.51 -6.42
CA PHE A 65 35.93 7.70 -4.95
C PHE A 65 34.63 8.24 -4.29
N ILE A 66 34.07 9.30 -4.87
CA ILE A 66 32.84 9.99 -4.39
C ILE A 66 31.71 8.95 -4.22
N MET A 67 31.55 8.05 -5.20
CA MET A 67 30.40 7.12 -5.24
C MET A 67 30.62 5.95 -4.25
N SER A 68 31.87 5.55 -4.03
CA SER A 68 32.17 4.54 -2.98
C SER A 68 31.94 5.16 -1.58
N VAL A 69 32.39 6.40 -1.38
CA VAL A 69 32.17 7.14 -0.11
C VAL A 69 30.66 7.19 0.12
N LYS A 70 29.89 7.67 -0.86
CA LYS A 70 28.41 7.79 -0.76
C LYS A 70 27.82 6.43 -0.34
N LYS A 71 28.20 5.37 -1.02
CA LYS A 71 27.70 3.99 -0.75
C LYS A 71 27.91 3.64 0.73
N ASN A 72 28.97 4.15 1.39
CA ASN A 72 29.40 3.67 2.73
C ASN A 72 28.84 4.58 3.84
N TYR A 73 28.04 5.59 3.50
CA TYR A 73 27.15 6.34 4.41
C TYR A 73 25.82 5.60 4.46
N ARG A 74 25.24 5.52 5.65
CA ARG A 74 24.00 4.77 5.85
C ARG A 74 22.81 5.74 5.80
N ARG A 75 21.62 5.14 5.79
CA ARG A 75 20.31 5.83 5.69
C ARG A 75 19.87 6.25 7.11
N VAL A 76 20.70 6.98 7.83
CA VAL A 76 20.34 7.50 9.17
C VAL A 76 19.79 8.91 9.02
N PRO A 77 19.01 9.41 10.01
CA PRO A 77 18.36 10.72 9.88
C PRO A 77 19.27 11.92 9.64
N TYR A 78 20.50 11.89 10.17
CA TYR A 78 21.38 13.08 10.18
C TYR A 78 22.79 12.74 9.71
N HIS A 79 23.46 11.75 10.31
CA HIS A 79 24.86 11.37 10.00
C HIS A 79 24.93 10.59 8.68
N ASN A 80 24.44 11.21 7.62
CA ASN A 80 24.22 10.60 6.29
C ASN A 80 25.02 11.40 5.25
N TRP A 81 24.90 10.96 4.00
CA TRP A 81 25.62 11.50 2.83
C TRP A 81 25.34 13.01 2.69
N LYS A 82 24.12 13.46 2.96
CA LYS A 82 23.81 14.93 2.93
C LYS A 82 24.73 15.68 3.92
N HIS A 83 24.90 15.19 5.14
CA HIS A 83 25.79 15.80 6.17
C HIS A 83 27.24 15.91 5.61
N ALA A 84 27.72 14.84 4.96
CA ALA A 84 29.10 14.74 4.45
C ALA A 84 29.36 15.92 3.52
N VAL A 85 28.46 16.12 2.58
CA VAL A 85 28.63 17.14 1.50
C VAL A 85 28.43 18.52 2.14
N THR A 86 27.46 18.65 3.04
CA THR A 86 27.22 19.90 3.80
C THR A 86 28.52 20.33 4.48
N VAL A 87 29.15 19.43 5.23
CA VAL A 87 30.40 19.72 5.99
C VAL A 87 31.53 20.05 5.00
N ALA A 88 31.61 19.36 3.87
CA ALA A 88 32.60 19.66 2.81
C ALA A 88 32.35 21.06 2.25
N HIS A 89 31.10 21.47 2.06
CA HIS A 89 30.81 22.82 1.51
C HIS A 89 31.30 23.90 2.50
N CYS A 90 31.05 23.75 3.78
CA CYS A 90 31.50 24.73 4.81
C CYS A 90 33.02 24.87 4.75
N MET A 91 33.74 23.76 4.65
CA MET A 91 35.23 23.77 4.50
C MET A 91 35.59 24.51 3.21
N TYR A 92 34.86 24.29 2.12
CA TYR A 92 35.14 24.92 0.80
C TYR A 92 35.06 26.45 0.98
N ALA A 93 34.01 26.94 1.64
CA ALA A 93 33.79 28.38 1.92
C ALA A 93 34.91 28.93 2.81
N ILE A 94 35.37 28.19 3.82
CA ILE A 94 36.50 28.66 4.67
C ILE A 94 37.75 28.80 3.80
N LEU A 95 38.05 27.80 2.99
CA LEU A 95 39.30 27.74 2.20
C LEU A 95 39.23 28.85 1.12
N GLN A 96 38.07 29.08 0.54
CA GLN A 96 37.90 30.09 -0.54
C GLN A 96 38.06 31.49 0.04
N ASN A 97 37.64 31.74 1.27
CA ASN A 97 37.73 33.06 1.93
C ASN A 97 39.09 33.23 2.62
N ASN A 98 40.00 32.24 2.56
CA ASN A 98 41.36 32.26 3.19
C ASN A 98 42.38 31.75 2.18
N HIS A 99 42.30 32.24 0.94
CA HIS A 99 43.04 31.80 -0.27
C HIS A 99 44.48 31.41 0.07
N THR A 100 45.26 32.34 0.63
CA THR A 100 46.75 32.26 0.67
C THR A 100 47.24 31.48 1.88
N LEU A 101 46.39 31.18 2.87
CA LEU A 101 46.85 30.66 4.19
C LEU A 101 47.13 29.15 4.15
N PHE A 102 46.66 28.41 3.15
CA PHE A 102 46.71 26.92 3.15
C PHE A 102 47.48 26.40 1.93
N THR A 103 48.25 25.34 2.15
CA THR A 103 49.08 24.67 1.12
C THR A 103 48.16 23.98 0.10
N ASP A 104 48.74 23.46 -0.97
CA ASP A 104 47.99 22.72 -2.02
C ASP A 104 47.51 21.41 -1.39
N LEU A 105 48.40 20.74 -0.64
CA LEU A 105 48.14 19.46 0.06
C LEU A 105 46.96 19.61 1.03
N GLU A 106 46.93 20.69 1.81
CA GLU A 106 45.90 20.92 2.84
C GLU A 106 44.54 21.08 2.17
N ARG A 107 44.47 21.79 1.04
CA ARG A 107 43.20 22.06 0.34
C ARG A 107 42.67 20.73 -0.24
N LYS A 108 43.56 19.92 -0.80
CA LYS A 108 43.26 18.54 -1.30
C LYS A 108 42.70 17.70 -0.16
N GLY A 109 43.45 17.60 0.93
CA GLY A 109 43.17 16.73 2.10
C GLY A 109 41.89 17.10 2.81
N LEU A 110 41.67 18.38 3.11
CA LEU A 110 40.60 18.84 4.03
C LEU A 110 39.20 18.63 3.42
N LEU A 111 39.02 18.83 2.12
CA LEU A 111 37.70 18.59 1.44
C LEU A 111 37.42 17.09 1.41
N ILE A 112 38.44 16.27 1.17
CA ILE A 112 38.29 14.80 1.20
C ILE A 112 38.02 14.40 2.65
N ALA A 113 38.69 15.04 3.60
CA ALA A 113 38.54 14.69 5.03
C ALA A 113 37.10 14.93 5.47
N CYS A 114 36.51 16.06 5.04
CA CYS A 114 35.14 16.48 5.41
C CYS A 114 34.12 15.50 4.79
N LEU A 115 34.30 15.15 3.51
CA LEU A 115 33.45 14.17 2.81
C LEU A 115 33.50 12.82 3.55
N CYS A 116 34.66 12.47 4.11
CA CYS A 116 34.89 11.12 4.67
C CYS A 116 34.66 11.09 6.19
N HIS A 117 34.41 12.23 6.82
CA HIS A 117 34.60 12.39 8.29
C HIS A 117 33.61 11.52 9.08
N ASP A 118 32.48 11.12 8.51
CA ASP A 118 31.45 10.36 9.26
C ASP A 118 31.17 9.03 8.54
N LEU A 119 32.11 8.54 7.71
CA LEU A 119 31.92 7.27 6.97
C LEU A 119 31.40 6.15 7.87
N ASP A 120 30.28 5.51 7.47
CA ASP A 120 29.70 4.29 8.07
C ASP A 120 29.20 4.60 9.49
N HIS A 121 28.69 5.81 9.71
CA HIS A 121 28.09 6.22 11.01
C HIS A 121 26.79 5.44 11.20
N ARG A 122 26.53 4.95 12.40
CA ARG A 122 25.31 4.12 12.67
C ARG A 122 24.22 4.98 13.29
N GLY A 123 24.53 6.25 13.60
CA GLY A 123 23.61 7.20 14.23
C GLY A 123 23.65 7.10 15.74
N PHE A 124 24.75 6.61 16.30
CA PHE A 124 24.94 6.42 17.76
C PHE A 124 26.30 7.01 18.18
N SER A 125 26.30 7.59 19.38
CA SER A 125 27.50 8.27 19.95
C SER A 125 28.51 7.23 20.44
N ASN A 126 29.74 7.67 20.66
CA ASN A 126 30.82 6.89 21.28
C ASN A 126 30.33 6.30 22.60
N SER A 127 29.64 7.13 23.41
CA SER A 127 29.04 6.73 24.72
C SER A 127 28.19 5.48 24.55
N TYR A 128 27.27 5.49 23.59
CA TYR A 128 26.34 4.36 23.37
C TYR A 128 27.11 3.09 22.94
N LEU A 129 28.11 3.20 22.06
CA LEU A 129 28.94 2.04 21.67
C LEU A 129 29.58 1.44 22.91
N GLN A 130 30.08 2.27 23.84
CA GLN A 130 30.82 1.79 25.03
C GLN A 130 29.84 1.10 25.99
N LYS A 131 28.67 1.70 26.22
CA LYS A 131 27.66 1.08 27.13
C LYS A 131 27.08 -0.18 26.48
N PHE A 132 26.86 -0.19 25.17
CA PHE A 132 26.42 -1.40 24.45
C PHE A 132 27.51 -2.49 24.54
N ASP A 133 28.79 -2.08 24.56
CA ASP A 133 29.97 -2.97 24.51
C ASP A 133 30.13 -3.41 23.04
N HIS A 134 29.91 -2.50 22.11
CA HIS A 134 30.10 -2.75 20.66
C HIS A 134 31.55 -3.14 20.40
N PRO A 135 31.83 -4.10 19.50
CA PRO A 135 33.20 -4.45 19.11
C PRO A 135 34.11 -3.26 18.78
N LEU A 136 33.61 -2.24 18.07
CA LEU A 136 34.40 -1.02 17.75
C LEU A 136 34.93 -0.37 19.04
N ALA A 137 34.23 -0.44 20.16
CA ALA A 137 34.65 0.15 21.46
C ALA A 137 35.83 -0.64 22.04
N ALA A 138 36.02 -1.92 21.69
CA ALA A 138 37.20 -2.72 22.06
C ALA A 138 38.37 -2.41 21.12
N LEU A 139 38.12 -2.19 19.84
CA LEU A 139 39.20 -1.88 18.87
C LEU A 139 39.77 -0.47 19.09
N TYR A 140 38.96 0.49 19.56
CA TYR A 140 39.33 1.93 19.67
C TYR A 140 38.73 2.53 20.94
N SER A 141 39.54 2.68 21.99
CA SER A 141 39.07 2.97 23.37
C SER A 141 38.54 4.40 23.42
N THR A 142 39.21 5.34 22.75
CA THR A 142 38.79 6.76 22.64
C THR A 142 38.61 7.13 21.16
N SER A 143 37.73 8.10 20.95
CA SER A 143 37.32 8.63 19.63
C SER A 143 36.90 7.45 18.74
N THR A 144 36.11 6.54 19.29
CA THR A 144 35.74 5.24 18.68
C THR A 144 35.29 5.45 17.22
N MET A 145 34.17 6.13 17.00
CA MET A 145 33.63 6.28 15.64
C MET A 145 34.65 7.02 14.75
N GLU A 146 35.39 7.98 15.29
CA GLU A 146 36.25 8.84 14.44
C GLU A 146 37.42 8.00 13.90
N GLN A 147 37.96 7.09 14.70
CA GLN A 147 39.03 6.16 14.21
C GLN A 147 38.43 5.22 13.16
N HIS A 148 37.21 4.73 13.38
CA HIS A 148 36.43 3.94 12.39
C HIS A 148 36.33 4.74 11.09
N HIS A 149 35.89 6.00 11.17
CA HIS A 149 35.66 6.87 9.99
C HIS A 149 36.95 6.95 9.17
N PHE A 150 38.09 7.14 9.83
CA PHE A 150 39.41 7.21 9.15
C PHE A 150 39.79 5.84 8.54
N SER A 151 39.60 4.77 9.29
CA SER A 151 39.79 3.36 8.85
C SER A 151 39.07 3.14 7.53
N GLN A 152 37.77 3.46 7.50
CA GLN A 152 36.90 3.34 6.30
C GLN A 152 37.43 4.20 5.16
N THR A 153 37.95 5.39 5.44
CA THR A 153 38.51 6.30 4.40
C THR A 153 39.70 5.61 3.72
N VAL A 154 40.63 5.07 4.54
CA VAL A 154 41.83 4.31 4.09
C VAL A 154 41.37 3.12 3.22
N SER A 155 40.39 2.34 3.68
CA SER A 155 39.87 1.15 2.95
C SER A 155 39.38 1.55 1.56
N ILE A 156 38.58 2.62 1.47
CA ILE A 156 37.99 3.08 0.17
C ILE A 156 39.12 3.58 -0.74
N LEU A 157 40.14 4.23 -0.17
CA LEU A 157 41.32 4.74 -0.93
C LEU A 157 42.13 3.58 -1.55
N GLN A 158 42.03 2.37 -0.99
CA GLN A 158 42.83 1.17 -1.35
C GLN A 158 42.05 0.22 -2.26
N LEU A 159 40.75 0.45 -2.49
CA LEU A 159 39.98 -0.22 -3.58
C LEU A 159 40.68 0.06 -4.91
N GLU A 160 40.85 -0.94 -5.79
CA GLU A 160 41.48 -0.74 -7.13
C GLU A 160 40.74 0.44 -7.80
N GLY A 161 41.48 1.39 -8.36
CA GLY A 161 40.97 2.51 -9.17
C GLY A 161 40.46 3.71 -8.36
N HIS A 162 40.69 3.74 -7.04
CA HIS A 162 40.05 4.69 -6.09
C HIS A 162 41.09 5.60 -5.45
N ASN A 163 42.37 5.44 -5.79
CA ASN A 163 43.48 6.20 -5.14
C ASN A 163 43.69 7.54 -5.84
N ILE A 164 42.95 8.53 -5.37
CA ILE A 164 42.87 9.90 -5.93
C ILE A 164 44.18 10.63 -5.65
N PHE A 165 45.07 10.08 -4.83
CA PHE A 165 46.36 10.70 -4.45
C PHE A 165 47.54 10.03 -5.19
N SER A 166 47.27 9.08 -6.08
CA SER A 166 48.28 8.24 -6.79
C SER A 166 49.46 9.09 -7.27
N THR A 167 49.17 10.30 -7.76
CA THR A 167 50.13 11.20 -8.45
C THR A 167 50.83 12.15 -7.45
N LEU A 168 50.66 11.94 -6.14
CA LEU A 168 51.51 12.57 -5.09
C LEU A 168 52.74 11.69 -4.89
N SER A 169 53.88 12.29 -4.56
CA SER A 169 55.13 11.61 -4.10
C SER A 169 54.82 10.78 -2.85
N SER A 170 55.74 9.91 -2.45
CA SER A 170 55.60 9.05 -1.24
C SER A 170 55.41 9.92 0.00
N SER A 171 56.16 11.01 0.13
CA SER A 171 56.18 11.88 1.34
C SER A 171 54.91 12.74 1.38
N GLU A 172 54.56 13.36 0.26
CA GLU A 172 53.31 14.15 0.10
C GLU A 172 52.09 13.28 0.39
N TYR A 173 52.11 12.01 -0.04
CA TYR A 173 51.05 11.00 0.23
C TYR A 173 50.95 10.73 1.74
N GLU A 174 52.06 10.55 2.46
CA GLU A 174 52.05 10.38 3.94
C GLU A 174 51.54 11.65 4.63
N GLN A 175 51.90 12.83 4.14
CA GLN A 175 51.48 14.15 4.68
C GLN A 175 49.96 14.34 4.52
N VAL A 176 49.41 14.02 3.34
CA VAL A 176 47.95 14.19 3.08
C VAL A 176 47.20 13.20 3.98
N LEU A 177 47.63 11.94 4.06
CA LEU A 177 46.93 10.93 4.91
C LEU A 177 46.93 11.42 6.34
N GLU A 178 48.03 12.05 6.76
CA GLU A 178 48.20 12.51 8.16
C GLU A 178 47.29 13.71 8.42
N ILE A 179 47.19 14.63 7.46
CA ILE A 179 46.21 15.77 7.53
C ILE A 179 44.79 15.21 7.69
N ILE A 180 44.43 14.21 6.89
CA ILE A 180 43.04 13.65 6.87
C ILE A 180 42.80 12.97 8.22
N ARG A 181 43.78 12.23 8.74
CA ARG A 181 43.66 11.49 10.04
C ARG A 181 43.39 12.49 11.18
N LYS A 182 44.26 13.48 11.39
CA LYS A 182 44.04 14.48 12.48
C LYS A 182 42.69 15.17 12.27
N ALA A 183 42.35 15.52 11.03
CA ALA A 183 41.11 16.28 10.72
C ALA A 183 39.90 15.47 11.15
N ILE A 184 39.91 14.16 10.86
CA ILE A 184 38.74 13.28 11.18
C ILE A 184 38.68 13.06 12.70
N ILE A 185 39.81 12.78 13.36
CA ILE A 185 39.85 12.58 14.83
C ILE A 185 39.35 13.85 15.52
N ALA A 186 39.66 15.05 14.97
CA ALA A 186 39.27 16.35 15.55
C ALA A 186 37.74 16.49 15.61
N THR A 187 37.02 15.83 14.71
CA THR A 187 35.53 15.93 14.65
C THR A 187 34.96 15.24 15.88
N ASP A 188 35.78 14.63 16.73
CA ASP A 188 35.32 14.05 18.02
C ASP A 188 35.08 15.21 18.99
N LEU A 189 33.82 15.54 19.27
CA LEU A 189 33.52 16.82 19.95
C LEU A 189 34.17 16.82 21.35
N ALA A 190 34.38 15.65 21.98
CA ALA A 190 35.03 15.53 23.30
C ALA A 190 36.40 16.24 23.23
N LEU A 191 37.09 16.20 22.08
CA LEU A 191 38.44 16.79 21.95
C LEU A 191 38.36 18.30 21.67
N TYR A 192 37.22 18.81 21.20
CA TYR A 192 37.07 20.23 20.76
C TYR A 192 37.40 21.19 21.92
N PHE A 193 36.88 20.92 23.11
CA PHE A 193 36.88 21.88 24.25
C PHE A 193 38.32 22.26 24.61
N GLY A 194 39.17 21.26 24.80
CA GLY A 194 40.61 21.46 25.07
C GLY A 194 41.27 22.15 23.90
N ASN A 195 40.99 21.71 22.67
CA ASN A 195 41.66 22.27 21.46
C ASN A 195 41.36 23.77 21.38
N ARG A 196 40.11 24.17 21.63
CA ARG A 196 39.72 25.60 21.53
C ARG A 196 40.32 26.40 22.70
N LYS A 197 40.33 25.85 23.92
CA LYS A 197 40.93 26.57 25.08
C LYS A 197 42.38 26.86 24.74
N GLN A 198 43.14 25.85 24.31
CA GLN A 198 44.56 25.99 23.93
C GLN A 198 44.69 27.08 22.88
N LEU A 199 43.84 27.08 21.85
CA LEU A 199 43.91 28.09 20.75
C LEU A 199 43.58 29.48 21.31
N GLU A 200 42.66 29.55 22.27
CA GLU A 200 42.22 30.79 22.96
C GLU A 200 43.44 31.36 23.71
N GLU A 201 44.11 30.56 24.55
CA GLU A 201 45.35 30.99 25.27
C GLU A 201 46.39 31.49 24.25
N MET A 202 46.67 30.74 23.20
CA MET A 202 47.76 31.04 22.23
C MET A 202 47.48 32.33 21.47
N TYR A 203 46.22 32.60 21.13
CA TYR A 203 45.83 33.82 20.38
C TYR A 203 46.01 35.06 21.27
N GLN A 204 45.55 34.94 22.53
CA GLN A 204 45.52 36.03 23.54
C GLN A 204 46.94 36.38 24.01
N THR A 205 47.71 35.41 24.52
CA THR A 205 49.12 35.60 24.92
C THR A 205 50.00 35.89 23.71
N GLY A 206 49.49 35.74 22.48
CA GLY A 206 50.16 36.20 21.24
C GLY A 206 51.13 35.18 20.66
N SER A 207 51.21 33.97 21.22
CA SER A 207 52.17 32.90 20.82
C SER A 207 51.66 32.05 19.64
N LEU A 208 50.48 32.34 19.07
CA LEU A 208 49.92 31.57 17.92
C LEU A 208 50.79 31.80 16.68
N ASN A 209 51.29 30.72 16.08
CA ASN A 209 52.29 30.74 14.99
C ASN A 209 51.91 29.72 13.92
N LEU A 210 51.41 30.17 12.77
CA LEU A 210 50.86 29.27 11.70
C LEU A 210 51.99 28.62 10.87
N ASN A 211 53.25 28.89 11.16
CA ASN A 211 54.39 28.13 10.54
C ASN A 211 54.76 26.98 11.48
N ASN A 212 54.27 27.01 12.71
CA ASN A 212 54.40 25.91 13.68
C ASN A 212 53.34 24.86 13.33
N GLN A 213 53.77 23.66 12.94
CA GLN A 213 52.88 22.55 12.50
C GLN A 213 51.87 22.21 13.60
N SER A 214 52.31 22.08 14.85
CA SER A 214 51.44 21.72 15.99
C SER A 214 50.33 22.77 16.15
N HIS A 215 50.61 24.02 15.72
CA HIS A 215 49.64 25.14 15.78
C HIS A 215 48.65 24.99 14.63
N ARG A 216 49.15 24.73 13.41
CA ARG A 216 48.35 24.49 12.19
C ARG A 216 47.36 23.37 12.50
N ASP A 217 47.87 22.24 13.02
CA ASP A 217 47.05 21.09 13.46
C ASP A 217 45.87 21.58 14.31
N ARG A 218 46.12 22.37 15.37
CA ARG A 218 45.06 22.88 16.28
C ARG A 218 44.05 23.72 15.49
N VAL A 219 44.55 24.56 14.57
CA VAL A 219 43.72 25.50 13.78
C VAL A 219 42.86 24.71 12.80
N ILE A 220 43.45 23.71 12.15
CA ILE A 220 42.69 22.77 11.28
C ILE A 220 41.63 22.04 12.11
N GLY A 221 41.97 21.56 13.30
CA GLY A 221 41.01 20.88 14.20
C GLY A 221 39.78 21.75 14.44
N LEU A 222 40.00 23.05 14.69
CA LEU A 222 38.89 23.99 14.98
C LEU A 222 38.02 24.20 13.72
N MET A 223 38.64 24.34 12.56
CA MET A 223 37.92 24.41 11.27
C MET A 223 36.97 23.20 11.13
N MET A 224 37.47 22.01 11.48
CA MET A 224 36.74 20.74 11.30
C MET A 224 35.51 20.79 12.21
N THR A 225 35.70 21.20 13.46
CA THR A 225 34.58 21.39 14.41
C THR A 225 33.57 22.38 13.81
N ALA A 226 34.04 23.54 13.32
CA ALA A 226 33.21 24.63 12.75
C ALA A 226 32.41 24.12 11.54
N CYS A 227 33.06 23.39 10.62
CA CYS A 227 32.37 22.80 9.43
C CYS A 227 31.34 21.78 9.91
N ASP A 228 31.71 20.98 10.90
CA ASP A 228 30.89 19.86 11.41
C ASP A 228 29.60 20.37 12.06
N LEU A 229 29.66 21.52 12.73
CA LEU A 229 28.50 22.10 13.46
C LEU A 229 27.76 23.09 12.58
N CYS A 230 28.08 23.20 11.28
CA CYS A 230 27.67 24.34 10.41
C CYS A 230 26.14 24.38 10.28
N SER A 231 25.42 23.36 10.73
CA SER A 231 23.94 23.40 10.80
C SER A 231 23.48 24.68 11.52
N VAL A 232 24.24 25.12 12.54
CA VAL A 232 23.84 26.29 13.36
C VAL A 232 24.18 27.60 12.62
N THR A 233 24.85 27.55 11.47
CA THR A 233 25.30 28.77 10.73
C THR A 233 24.50 28.97 9.44
N LYS A 234 23.41 28.24 9.25
CA LYS A 234 22.48 28.38 8.10
C LYS A 234 21.39 29.41 8.42
N LEU A 235 20.51 29.70 7.47
CA LEU A 235 19.32 30.53 7.74
C LEU A 235 18.36 29.71 8.59
N TRP A 236 17.60 30.41 9.42
CA TRP A 236 16.83 29.83 10.54
C TRP A 236 16.02 28.61 10.10
N PRO A 237 15.29 28.66 8.96
CA PRO A 237 14.46 27.53 8.56
C PRO A 237 15.26 26.24 8.29
N VAL A 238 16.47 26.36 7.74
CA VAL A 238 17.40 25.21 7.52
C VAL A 238 17.88 24.70 8.88
N THR A 239 18.34 25.59 9.76
CA THR A 239 18.82 25.27 11.12
C THR A 239 17.73 24.52 11.90
N LYS A 240 16.51 25.04 11.83
CA LYS A 240 15.34 24.50 12.57
C LYS A 240 15.01 23.12 12.00
N LEU A 241 15.02 22.95 10.68
CA LEU A 241 14.61 21.67 10.06
C LEU A 241 15.70 20.61 10.26
N THR A 242 16.97 21.00 10.24
CA THR A 242 18.08 20.06 10.52
C THR A 242 18.01 19.55 11.97
N ALA A 243 17.59 20.39 12.93
CA ALA A 243 17.53 20.00 14.35
C ALA A 243 16.59 18.78 14.49
N ASN A 244 15.52 18.72 13.70
CA ASN A 244 14.57 17.57 13.66
C ASN A 244 15.32 16.26 13.39
N ASP A 245 16.28 16.30 12.46
CA ASP A 245 17.08 15.11 12.07
C ASP A 245 18.07 14.83 13.19
N ILE A 246 18.67 15.88 13.74
CA ILE A 246 19.67 15.71 14.83
C ILE A 246 18.94 15.01 15.98
N TYR A 247 17.78 15.52 16.37
CA TYR A 247 17.04 14.99 17.55
C TYR A 247 16.46 13.61 17.22
N ALA A 248 16.14 13.34 15.95
CA ALA A 248 15.62 12.04 15.50
C ALA A 248 16.65 10.94 15.83
N GLU A 249 17.95 11.18 15.59
CA GLU A 249 19.01 10.24 15.98
C GLU A 249 19.13 10.20 17.51
N PHE A 250 19.25 11.35 18.17
CA PHE A 250 19.48 11.41 19.64
C PHE A 250 18.38 10.62 20.38
N TRP A 251 17.13 10.83 20.03
CA TRP A 251 15.98 10.18 20.70
C TRP A 251 15.98 8.65 20.44
N ALA A 252 16.36 8.18 19.25
CA ALA A 252 16.54 6.74 18.95
C ALA A 252 17.60 6.17 19.89
N GLU A 253 18.77 6.81 19.96
CA GLU A 253 19.84 6.41 20.90
C GLU A 253 19.30 6.38 22.33
N GLY A 254 18.50 7.38 22.70
CA GLY A 254 17.88 7.44 24.03
C GLY A 254 17.05 6.21 24.29
N ASP A 255 16.20 5.85 23.30
CA ASP A 255 15.35 4.64 23.34
C ASP A 255 16.23 3.42 23.62
N GLU A 256 17.35 3.29 22.92
CA GLU A 256 18.29 2.13 23.00
C GLU A 256 19.00 2.12 24.36
N MET A 257 19.28 3.30 24.93
CA MET A 257 19.83 3.39 26.31
C MET A 257 18.81 2.74 27.25
N LYS A 258 17.54 3.11 27.11
CA LYS A 258 16.46 2.63 28.01
C LYS A 258 16.38 1.10 27.87
N LYS A 259 16.56 0.58 26.65
CA LYS A 259 16.59 -0.87 26.37
C LYS A 259 17.74 -1.53 27.12
N LEU A 260 18.88 -0.86 27.30
CA LEU A 260 19.98 -1.37 28.15
C LEU A 260 19.69 -1.14 29.65
N GLY A 261 18.54 -0.59 30.05
CA GLY A 261 18.21 -0.27 31.47
C GLY A 261 19.01 0.93 32.00
N ILE A 262 19.30 1.91 31.15
CA ILE A 262 20.01 3.17 31.50
C ILE A 262 19.11 4.35 31.12
N GLN A 263 18.90 5.30 32.03
CA GLN A 263 18.15 6.55 31.72
C GLN A 263 19.07 7.36 30.82
N PRO A 264 18.65 7.71 29.59
CA PRO A 264 19.50 8.53 28.74
C PRO A 264 19.58 9.92 29.38
N ILE A 265 20.53 10.72 28.92
CA ILE A 265 20.60 12.16 29.29
C ILE A 265 19.37 12.82 28.68
N PRO A 266 18.86 13.96 29.23
CA PRO A 266 17.69 14.62 28.66
C PRO A 266 17.74 14.94 27.16
N MET A 267 18.94 15.25 26.62
CA MET A 267 19.19 15.58 25.20
C MET A 267 18.70 14.44 24.29
N MET A 268 18.70 13.20 24.81
CA MET A 268 18.38 11.97 24.04
C MET A 268 17.05 11.37 24.52
N ASP A 269 16.41 11.96 25.52
CA ASP A 269 15.15 11.41 26.05
C ASP A 269 14.02 12.11 25.31
N ARG A 270 13.27 11.38 24.50
CA ARG A 270 12.16 11.96 23.72
C ARG A 270 11.08 12.45 24.69
N ASP A 271 11.02 11.95 25.92
CA ASP A 271 10.03 12.42 26.91
C ASP A 271 10.34 13.87 27.34
N LYS A 272 11.52 14.41 27.01
CA LYS A 272 11.95 15.79 27.37
C LYS A 272 12.12 16.68 26.12
N LYS A 273 11.21 16.54 25.14
CA LYS A 273 11.12 17.37 23.90
C LYS A 273 11.00 18.86 24.23
N ASP A 274 10.24 19.17 25.29
CA ASP A 274 9.86 20.53 25.74
C ASP A 274 11.12 21.32 26.12
N GLU A 275 12.18 20.65 26.58
CA GLU A 275 13.45 21.31 27.03
C GLU A 275 14.40 21.55 25.85
N VAL A 276 13.98 21.31 24.60
CA VAL A 276 14.86 21.46 23.40
C VAL A 276 15.31 22.91 23.29
N PRO A 277 14.40 23.90 23.26
CA PRO A 277 14.82 25.30 23.15
C PRO A 277 15.91 25.68 24.16
N GLN A 278 15.74 25.30 25.43
CA GLN A 278 16.70 25.60 26.53
C GLN A 278 18.01 24.80 26.34
N GLY A 279 17.92 23.52 25.96
CA GLY A 279 19.10 22.71 25.61
C GLY A 279 19.89 23.29 24.44
N GLN A 280 19.21 23.87 23.45
CA GLN A 280 19.86 24.58 22.32
C GLN A 280 20.60 25.84 22.81
N LEU A 281 20.02 26.62 23.73
CA LEU A 281 20.72 27.80 24.34
C LEU A 281 22.08 27.40 24.90
N GLY A 282 22.11 26.39 25.80
CA GLY A 282 23.34 25.90 26.42
C GLY A 282 24.34 25.45 25.37
N PHE A 283 23.86 24.73 24.35
CA PHE A 283 24.69 24.26 23.22
C PHE A 283 25.29 25.45 22.46
N TYR A 284 24.50 26.48 22.13
CA TYR A 284 25.05 27.68 21.42
C TYR A 284 26.08 28.36 22.33
N ASN A 285 25.74 28.50 23.62
CA ASN A 285 26.56 29.25 24.61
C ASN A 285 27.82 28.45 24.96
N ALA A 286 27.68 27.15 25.27
CA ALA A 286 28.81 26.26 25.64
C ALA A 286 29.69 25.82 24.45
N VAL A 287 29.17 25.71 23.21
CA VAL A 287 29.92 25.01 22.11
C VAL A 287 30.03 25.89 20.86
N ALA A 288 28.89 26.23 20.25
CA ALA A 288 28.78 26.89 18.92
C ALA A 288 29.45 28.27 18.92
N ILE A 289 29.00 29.19 19.79
CA ILE A 289 29.48 30.63 19.81
C ILE A 289 30.98 30.65 20.11
N PRO A 290 31.45 29.97 21.17
CA PRO A 290 32.90 29.92 21.45
C PRO A 290 33.71 29.38 20.26
N CYS A 291 33.17 28.37 19.55
CA CYS A 291 33.82 27.73 18.37
C CYS A 291 34.05 28.76 17.27
N TYR A 292 33.00 29.43 16.83
CA TYR A 292 33.05 30.40 15.72
C TYR A 292 33.74 31.70 16.17
N THR A 293 33.71 32.03 17.46
CA THR A 293 34.46 33.20 18.03
C THR A 293 35.98 32.98 17.88
N THR A 294 36.52 31.85 18.37
CA THR A 294 37.98 31.59 18.28
C THR A 294 38.38 31.45 16.82
N LEU A 295 37.52 30.85 15.98
CA LEU A 295 37.79 30.75 14.52
C LEU A 295 37.83 32.15 13.89
N THR A 296 36.95 33.07 14.32
CA THR A 296 36.88 34.45 13.74
C THR A 296 38.15 35.23 14.13
N GLN A 297 38.65 35.04 15.35
CA GLN A 297 39.88 35.68 15.84
C GLN A 297 41.09 35.20 15.03
N ILE A 298 41.17 33.89 14.74
CA ILE A 298 42.33 33.27 14.01
C ILE A 298 42.18 33.52 12.50
N LEU A 299 40.96 33.43 11.96
CA LEU A 299 40.65 33.58 10.51
C LEU A 299 39.53 34.60 10.35
N PRO A 300 39.89 35.90 10.37
CA PRO A 300 38.90 36.96 10.35
C PRO A 300 37.83 36.81 9.27
N PRO A 301 38.17 36.40 8.04
CA PRO A 301 37.14 36.24 7.00
C PRO A 301 36.02 35.20 7.24
N THR A 302 36.05 34.45 8.36
CA THR A 302 35.04 33.40 8.67
C THR A 302 33.98 34.00 9.61
N GLU A 303 33.96 35.33 9.73
CA GLU A 303 33.03 36.06 10.66
C GLU A 303 31.58 35.78 10.28
N PRO A 304 31.22 35.65 8.98
CA PRO A 304 29.84 35.37 8.61
C PRO A 304 29.23 34.16 9.36
N LEU A 305 30.03 33.16 9.71
CA LEU A 305 29.62 31.96 10.48
C LEU A 305 29.26 32.39 11.91
N LEU A 306 30.11 33.21 12.57
CA LEU A 306 29.79 33.71 13.94
C LEU A 306 28.48 34.51 13.91
N LYS A 307 28.34 35.40 12.95
CA LYS A 307 27.11 36.24 12.79
C LYS A 307 25.89 35.32 12.61
N ALA A 308 25.95 34.38 11.67
CA ALA A 308 24.85 33.41 11.41
C ALA A 308 24.52 32.65 12.71
N CYS A 309 25.54 32.19 13.44
CA CYS A 309 25.34 31.46 14.72
C CYS A 309 24.64 32.36 15.72
N ARG A 310 25.10 33.60 15.91
CA ARG A 310 24.44 34.54 16.87
CA ARG A 310 24.45 34.56 16.86
C ARG A 310 22.99 34.77 16.43
N ASP A 311 22.74 34.88 15.12
CA ASP A 311 21.35 35.08 14.61
C ASP A 311 20.47 33.91 15.09
N ASN A 312 20.97 32.66 14.95
CA ASN A 312 20.22 31.43 15.31
C ASN A 312 20.11 31.37 16.82
N LEU A 313 21.12 31.78 17.59
CA LEU A 313 20.99 31.83 19.07
C LEU A 313 19.76 32.68 19.38
N SER A 314 19.67 33.84 18.74
CA SER A 314 18.57 34.81 19.00
C SER A 314 17.23 34.19 18.60
N GLN A 315 17.16 33.46 17.50
CA GLN A 315 15.90 32.80 17.06
C GLN A 315 15.41 31.78 18.12
N TRP A 316 16.33 31.02 18.75
CA TRP A 316 16.01 30.06 19.85
C TRP A 316 15.52 30.84 21.09
N GLU A 317 16.18 31.94 21.42
CA GLU A 317 15.68 32.80 22.53
C GLU A 317 14.22 33.20 22.28
N LYS A 318 13.89 33.59 21.04
CA LYS A 318 12.51 33.95 20.63
C LYS A 318 11.58 32.75 20.80
N VAL A 319 12.01 31.53 20.46
CA VAL A 319 11.14 30.32 20.60
C VAL A 319 10.72 30.19 22.07
N ILE A 320 11.68 30.23 23.00
CA ILE A 320 11.42 30.07 24.47
C ILE A 320 10.38 31.09 24.90
N ARG A 321 10.55 32.35 24.49
CA ARG A 321 9.66 33.50 24.85
C ARG A 321 8.27 33.37 24.19
N GLY A 322 7.97 32.20 23.60
CA GLY A 322 6.64 31.86 23.08
C GLY A 322 6.32 32.60 21.78
N GLU A 323 7.20 33.50 21.31
CA GLU A 323 6.97 34.32 20.09
C GLU A 323 6.99 33.42 18.84
N GLU A 324 7.61 32.24 18.94
CA GLU A 324 7.51 31.13 17.96
C GLU A 324 8.04 29.83 18.59
N GLN B 11 3.40 -20.21 -26.66
CA GLN B 11 3.41 -19.21 -25.55
C GLN B 11 2.64 -17.95 -25.99
N GLY B 12 1.46 -18.12 -26.61
CA GLY B 12 0.69 -17.04 -27.26
C GLY B 12 -0.69 -16.85 -26.64
N LEU B 13 -1.43 -17.95 -26.39
CA LEU B 13 -2.77 -17.91 -25.76
C LEU B 13 -2.64 -17.93 -24.22
N MET B 14 -1.72 -17.13 -23.70
CA MET B 14 -1.66 -16.77 -22.26
C MET B 14 -2.54 -15.54 -22.08
N GLN B 15 -3.39 -15.55 -21.06
CA GLN B 15 -4.05 -14.33 -20.55
C GLN B 15 -3.64 -14.19 -19.09
N PHE B 16 -3.89 -13.03 -18.49
CA PHE B 16 -3.68 -12.81 -17.03
C PHE B 16 -5.04 -12.93 -16.36
N THR B 17 -5.11 -13.69 -15.27
CA THR B 17 -6.31 -13.81 -14.42
C THR B 17 -5.98 -13.15 -13.08
N LEU B 18 -6.98 -12.59 -12.44
CA LEU B 18 -6.87 -12.00 -11.09
C LEU B 18 -7.73 -12.82 -10.15
N PRO B 19 -7.43 -12.82 -8.85
CA PRO B 19 -8.38 -13.27 -7.85
C PRO B 19 -9.76 -12.65 -8.10
N VAL B 20 -10.80 -13.46 -7.84
CA VAL B 20 -12.23 -13.09 -8.04
C VAL B 20 -12.42 -11.63 -7.63
N ARG B 21 -12.10 -11.25 -6.38
CA ARG B 21 -12.47 -9.92 -5.81
C ARG B 21 -11.90 -8.81 -6.70
N LEU B 22 -10.71 -8.99 -7.26
CA LEU B 22 -10.01 -7.95 -8.06
C LEU B 22 -10.67 -7.91 -9.45
N CYS B 23 -10.82 -9.08 -10.05
CA CYS B 23 -11.47 -9.31 -11.37
C CYS B 23 -12.76 -8.50 -11.49
N LYS B 24 -13.62 -8.53 -10.47
CA LYS B 24 -14.95 -7.85 -10.47
C LYS B 24 -14.78 -6.38 -10.05
N GLU B 25 -13.82 -6.07 -9.18
CA GLU B 25 -13.68 -4.72 -8.55
C GLU B 25 -12.95 -3.81 -9.55
N ILE B 26 -12.10 -4.38 -10.40
CA ILE B 26 -11.18 -3.60 -11.28
C ILE B 26 -11.99 -2.83 -12.31
N GLU B 27 -13.19 -3.32 -12.62
CA GLU B 27 -14.06 -2.73 -13.67
C GLU B 27 -14.74 -1.49 -13.12
N LEU B 28 -14.74 -1.30 -11.80
CA LEU B 28 -15.32 -0.13 -11.09
C LEU B 28 -14.28 1.02 -11.02
N PHE B 29 -14.75 2.25 -11.19
CA PHE B 29 -13.92 3.48 -11.18
C PHE B 29 -13.21 3.66 -9.83
N HIS B 30 -13.82 3.23 -8.71
CA HIS B 30 -13.30 3.48 -7.35
C HIS B 30 -12.38 2.35 -6.86
N PHE B 31 -11.95 1.48 -7.78
CA PHE B 31 -11.05 0.33 -7.47
C PHE B 31 -9.74 0.88 -6.90
N ASP B 32 -9.31 0.34 -5.76
CA ASP B 32 -7.97 0.63 -5.18
C ASP B 32 -7.10 -0.58 -5.50
N ILE B 33 -5.90 -0.40 -6.07
CA ILE B 33 -5.04 -1.51 -6.58
C ILE B 33 -4.35 -2.24 -5.41
N GLY B 34 -4.54 -1.78 -4.18
CA GLY B 34 -4.09 -2.50 -2.97
C GLY B 34 -2.60 -2.38 -2.69
N PRO B 35 -2.13 -2.90 -1.52
CA PRO B 35 -0.79 -2.66 -1.00
C PRO B 35 0.28 -3.69 -1.41
N PHE B 36 -0.06 -4.65 -2.27
CA PHE B 36 0.89 -5.68 -2.74
C PHE B 36 1.52 -5.20 -4.05
N GLU B 37 2.66 -4.49 -3.95
CA GLU B 37 3.42 -3.87 -5.08
C GLU B 37 3.67 -4.88 -6.19
N ASN B 38 3.92 -6.15 -5.82
CA ASN B 38 4.30 -7.24 -6.75
C ASN B 38 3.11 -7.61 -7.65
N MET B 39 1.88 -7.26 -7.27
CA MET B 39 0.69 -7.53 -8.12
C MET B 39 0.46 -6.40 -9.16
N TRP B 40 1.01 -5.21 -8.99
CA TRP B 40 0.69 -4.03 -9.84
C TRP B 40 1.02 -4.35 -11.30
N PRO B 41 2.24 -4.81 -11.63
CA PRO B 41 2.58 -5.14 -13.01
C PRO B 41 1.53 -6.02 -13.69
N GLY B 42 1.05 -7.03 -12.97
CA GLY B 42 0.07 -8.00 -13.48
C GLY B 42 -1.25 -7.30 -13.69
N ILE B 43 -1.62 -6.44 -12.75
CA ILE B 43 -2.87 -5.63 -12.81
C ILE B 43 -2.81 -4.81 -14.09
N PHE B 44 -1.65 -4.26 -14.42
CA PHE B 44 -1.49 -3.38 -15.61
C PHE B 44 -1.58 -4.20 -16.92
N VAL B 45 -0.83 -5.32 -17.02
CA VAL B 45 -0.86 -6.24 -18.19
C VAL B 45 -2.28 -6.77 -18.37
N TYR B 46 -2.98 -7.08 -17.28
CA TYR B 46 -4.41 -7.51 -17.31
C TYR B 46 -5.27 -6.44 -17.97
N MET B 47 -5.05 -5.17 -17.61
CA MET B 47 -5.83 -4.03 -18.17
C MET B 47 -5.48 -3.83 -19.64
N VAL B 48 -4.20 -3.89 -20.02
CA VAL B 48 -3.77 -3.80 -21.45
C VAL B 48 -4.51 -4.85 -22.28
N HIS B 49 -4.43 -6.13 -21.90
CA HIS B 49 -4.99 -7.29 -22.65
C HIS B 49 -6.50 -7.07 -22.88
N ARG B 50 -7.28 -6.85 -21.82
CA ARG B 50 -8.75 -6.68 -21.93
C ARG B 50 -9.08 -5.39 -22.69
N SER B 51 -8.23 -4.36 -22.61
CA SER B 51 -8.55 -3.03 -23.15
C SER B 51 -8.24 -2.96 -24.63
N CYS B 52 -7.21 -3.64 -25.12
CA CYS B 52 -6.81 -3.50 -26.55
C CYS B 52 -6.27 -4.82 -27.12
N GLY B 53 -6.16 -5.89 -26.34
CA GLY B 53 -5.91 -7.25 -26.87
C GLY B 53 -4.63 -7.90 -26.36
N THR B 54 -4.58 -9.23 -26.47
CA THR B 54 -3.42 -10.09 -26.06
C THR B 54 -2.32 -9.96 -27.11
N SER B 55 -2.63 -9.33 -28.23
CA SER B 55 -1.73 -9.14 -29.40
C SER B 55 -1.21 -7.69 -29.47
N CYS B 56 -1.78 -6.76 -28.70
CA CYS B 56 -1.41 -5.32 -28.68
C CYS B 56 0.11 -5.22 -28.59
N PHE B 57 0.71 -6.03 -27.72
CA PHE B 57 2.14 -5.97 -27.36
C PHE B 57 2.69 -7.39 -27.26
N GLU B 58 3.93 -7.60 -27.70
CA GLU B 58 4.71 -8.83 -27.40
C GLU B 58 5.01 -8.81 -25.90
N LEU B 59 4.45 -9.79 -25.17
CA LEU B 59 4.48 -9.91 -23.69
C LEU B 59 5.91 -9.74 -23.15
N GLU B 60 6.93 -10.29 -23.82
CA GLU B 60 8.37 -10.23 -23.40
C GLU B 60 8.79 -8.76 -23.32
N LYS B 61 8.60 -8.00 -24.39
CA LYS B 61 8.89 -6.54 -24.45
C LYS B 61 8.07 -5.78 -23.40
N LEU B 62 6.75 -5.96 -23.38
CA LEU B 62 5.85 -5.25 -22.45
C LEU B 62 6.38 -5.42 -21.01
N CME B 63 6.58 -6.66 -20.56
CA CME B 63 7.03 -6.97 -19.17
CB CME B 63 7.03 -8.47 -18.89
SG CME B 63 5.42 -9.20 -18.48
SD CME B 63 4.88 -8.28 -16.74
CE CME B 63 5.63 -9.29 -15.42
CZ CME B 63 4.71 -10.40 -14.99
OH CME B 63 5.42 -11.56 -14.63
C CME B 63 8.37 -6.27 -18.90
O CME B 63 8.56 -5.75 -17.79
N ARG B 64 9.26 -6.21 -19.89
CA ARG B 64 10.58 -5.55 -19.77
C ARG B 64 10.39 -4.03 -19.75
N PHE B 65 9.42 -3.52 -20.50
CA PHE B 65 9.04 -2.09 -20.52
C PHE B 65 8.55 -1.72 -19.11
N ILE B 66 7.55 -2.44 -18.61
CA ILE B 66 6.92 -2.22 -17.28
C ILE B 66 7.98 -2.20 -16.15
N MET B 67 8.90 -3.16 -16.11
CA MET B 67 9.89 -3.23 -14.99
C MET B 67 10.90 -2.08 -15.11
N SER B 68 11.24 -1.64 -16.32
CA SER B 68 12.09 -0.43 -16.53
C SER B 68 11.35 0.85 -16.08
N VAL B 69 10.04 0.95 -16.31
CA VAL B 69 9.24 2.13 -15.90
C VAL B 69 9.23 2.15 -14.37
N LYS B 70 8.87 1.03 -13.73
CA LYS B 70 8.83 0.88 -12.25
C LYS B 70 10.16 1.37 -11.65
N LYS B 71 11.27 0.95 -12.25
CA LYS B 71 12.63 1.26 -11.74
C LYS B 71 12.87 2.77 -11.85
N ASN B 72 12.18 3.51 -12.73
CA ASN B 72 12.43 4.95 -12.94
C ASN B 72 11.42 5.84 -12.19
N TYR B 73 10.56 5.26 -11.36
CA TYR B 73 9.74 5.97 -10.35
C TYR B 73 10.47 5.94 -9.01
N ARG B 74 10.42 7.01 -8.26
CA ARG B 74 11.21 7.13 -7.00
C ARG B 74 10.32 6.83 -5.81
N ARG B 75 10.96 6.61 -4.67
CA ARG B 75 10.28 6.27 -3.41
C ARG B 75 9.93 7.58 -2.73
N VAL B 76 8.94 8.26 -3.28
CA VAL B 76 8.38 9.53 -2.77
C VAL B 76 6.99 9.20 -2.22
N PRO B 77 6.45 10.02 -1.28
CA PRO B 77 5.15 9.72 -0.67
C PRO B 77 3.97 9.49 -1.64
N TYR B 78 3.93 10.19 -2.78
CA TYR B 78 2.73 10.19 -3.65
C TYR B 78 3.08 9.93 -5.12
N HIS B 79 3.95 10.72 -5.75
CA HIS B 79 4.31 10.64 -7.18
C HIS B 79 5.23 9.45 -7.43
N ASN B 80 4.74 8.28 -7.06
CA ASN B 80 5.46 6.99 -7.04
C ASN B 80 4.75 6.01 -7.97
N TRP B 81 5.31 4.82 -8.10
CA TRP B 81 4.85 3.72 -8.98
C TRP B 81 3.38 3.37 -8.70
N LYS B 82 2.92 3.38 -7.45
CA LYS B 82 1.49 3.12 -7.15
C LYS B 82 0.61 4.15 -7.88
N HIS B 83 1.05 5.40 -7.94
CA HIS B 83 0.28 6.51 -8.53
C HIS B 83 0.15 6.20 -10.02
N ALA B 84 1.25 5.75 -10.63
CA ALA B 84 1.34 5.48 -12.07
C ALA B 84 0.28 4.45 -12.47
N VAL B 85 0.16 3.38 -11.70
CA VAL B 85 -0.75 2.23 -12.01
C VAL B 85 -2.18 2.66 -11.65
N THR B 86 -2.37 3.39 -10.56
CA THR B 86 -3.68 3.95 -10.16
C THR B 86 -4.28 4.80 -11.29
N VAL B 87 -3.47 5.70 -11.89
CA VAL B 87 -3.89 6.61 -12.99
C VAL B 87 -4.13 5.77 -14.26
N ALA B 88 -3.30 4.77 -14.55
CA ALA B 88 -3.53 3.86 -15.69
C ALA B 88 -4.84 3.10 -15.49
N HIS B 89 -5.19 2.72 -14.26
CA HIS B 89 -6.45 2.00 -13.97
C HIS B 89 -7.67 2.90 -14.23
N CYS B 90 -7.68 4.13 -13.74
CA CYS B 90 -8.74 5.10 -14.08
C CYS B 90 -8.91 5.15 -15.61
N MET B 91 -7.83 5.29 -16.36
CA MET B 91 -7.91 5.46 -17.83
C MET B 91 -8.50 4.18 -18.42
N TYR B 92 -8.14 3.03 -17.86
CA TYR B 92 -8.71 1.70 -18.18
C TYR B 92 -10.22 1.72 -18.01
N ALA B 93 -10.69 2.21 -16.87
CA ALA B 93 -12.12 2.31 -16.54
C ALA B 93 -12.84 3.17 -17.58
N ILE B 94 -12.27 4.31 -17.97
CA ILE B 94 -12.88 5.24 -18.95
C ILE B 94 -12.96 4.55 -20.31
N LEU B 95 -11.85 3.98 -20.77
CA LEU B 95 -11.79 3.34 -22.11
C LEU B 95 -12.74 2.16 -22.16
N GLN B 96 -12.89 1.39 -21.07
CA GLN B 96 -13.73 0.17 -21.07
C GLN B 96 -15.23 0.54 -21.18
N ASN B 97 -15.64 1.66 -20.60
CA ASN B 97 -17.02 2.16 -20.71
C ASN B 97 -17.22 3.07 -21.95
N ASN B 98 -16.20 3.35 -22.76
CA ASN B 98 -16.34 4.21 -23.97
C ASN B 98 -15.59 3.57 -25.14
N HIS B 99 -15.60 2.25 -25.27
CA HIS B 99 -14.57 1.52 -26.06
C HIS B 99 -14.68 1.88 -27.55
N THR B 100 -15.87 2.22 -28.03
CA THR B 100 -16.13 2.47 -29.48
C THR B 100 -15.65 3.88 -29.87
N LEU B 101 -15.51 4.80 -28.90
CA LEU B 101 -15.10 6.21 -29.17
C LEU B 101 -13.62 6.33 -29.58
N PHE B 102 -12.74 5.38 -29.22
CA PHE B 102 -11.27 5.52 -29.44
C PHE B 102 -10.71 4.40 -30.31
N THR B 103 -9.67 4.74 -31.07
CA THR B 103 -8.94 3.83 -31.99
C THR B 103 -8.03 2.92 -31.16
N ASP B 104 -7.51 1.87 -31.80
CA ASP B 104 -6.59 0.90 -31.16
C ASP B 104 -5.29 1.64 -30.81
N LEU B 105 -4.84 2.56 -31.67
CA LEU B 105 -3.66 3.43 -31.38
C LEU B 105 -3.88 4.17 -30.07
N GLU B 106 -5.01 4.88 -29.94
CA GLU B 106 -5.33 5.69 -28.73
C GLU B 106 -5.39 4.75 -27.53
N ARG B 107 -6.06 3.60 -27.62
CA ARG B 107 -6.19 2.67 -26.46
C ARG B 107 -4.79 2.22 -26.03
N LYS B 108 -3.92 1.90 -26.99
CA LYS B 108 -2.49 1.54 -26.79
C LYS B 108 -1.75 2.70 -26.10
N GLY B 109 -1.71 3.86 -26.75
CA GLY B 109 -0.94 5.04 -26.30
C GLY B 109 -1.31 5.47 -24.88
N LEU B 110 -2.61 5.46 -24.56
CA LEU B 110 -3.16 6.18 -23.39
C LEU B 110 -2.85 5.42 -22.10
N LEU B 111 -2.94 4.07 -22.09
CA LEU B 111 -2.60 3.28 -20.88
C LEU B 111 -1.11 3.38 -20.60
N ILE B 112 -0.29 3.39 -21.67
CA ILE B 112 1.19 3.57 -21.61
C ILE B 112 1.48 5.01 -21.14
N ALA B 113 0.73 6.02 -21.64
CA ALA B 113 0.96 7.43 -21.26
C ALA B 113 0.70 7.57 -19.76
N CYS B 114 -0.36 6.93 -19.27
CA CYS B 114 -0.77 6.98 -17.85
C CYS B 114 0.31 6.32 -16.98
N LEU B 115 0.86 5.20 -17.42
CA LEU B 115 1.89 4.47 -16.64
C LEU B 115 3.16 5.33 -16.56
N CYS B 116 3.47 6.07 -17.62
CA CYS B 116 4.73 6.83 -17.76
C CYS B 116 4.59 8.30 -17.34
N HIS B 117 3.38 8.79 -17.04
CA HIS B 117 3.08 10.26 -16.99
C HIS B 117 3.84 10.98 -15.88
N ASP B 118 4.36 10.29 -14.86
CA ASP B 118 5.11 10.97 -13.78
C ASP B 118 6.53 10.40 -13.68
N LEU B 119 7.04 9.78 -14.74
CA LEU B 119 8.36 9.09 -14.65
C LEU B 119 9.40 10.03 -14.04
N ASP B 120 10.13 9.53 -13.05
CA ASP B 120 11.34 10.18 -12.48
C ASP B 120 10.95 11.45 -11.72
N HIS B 121 9.72 11.47 -11.19
CA HIS B 121 9.22 12.57 -10.31
C HIS B 121 10.05 12.61 -9.02
N ARG B 122 10.45 13.80 -8.58
CA ARG B 122 11.26 13.97 -7.34
C ARG B 122 10.36 14.37 -6.17
N GLY B 123 9.04 14.47 -6.37
CA GLY B 123 8.10 14.91 -5.33
C GLY B 123 8.03 16.43 -5.22
N PHE B 124 8.45 17.17 -6.24
CA PHE B 124 8.44 18.65 -6.21
C PHE B 124 7.66 19.17 -7.41
N SER B 125 6.96 20.28 -7.20
CA SER B 125 6.27 21.05 -8.27
C SER B 125 7.25 21.71 -9.25
N ASN B 126 6.74 22.08 -10.43
CA ASN B 126 7.45 22.90 -11.44
C ASN B 126 7.89 24.24 -10.81
N SER B 127 7.05 24.88 -9.99
CA SER B 127 7.41 26.13 -9.28
C SER B 127 8.69 25.89 -8.49
N TYR B 128 8.74 24.83 -7.68
CA TYR B 128 9.92 24.59 -6.81
C TYR B 128 11.16 24.47 -7.70
N LEU B 129 11.08 23.68 -8.78
CA LEU B 129 12.21 23.47 -9.74
C LEU B 129 12.64 24.83 -10.34
N GLN B 130 11.70 25.72 -10.65
CA GLN B 130 11.99 27.09 -11.17
C GLN B 130 12.71 27.90 -10.09
N LYS B 131 12.19 27.96 -8.86
CA LYS B 131 12.77 28.77 -7.75
C LYS B 131 14.12 28.21 -7.28
N PHE B 132 14.29 26.90 -7.31
CA PHE B 132 15.56 26.25 -6.92
C PHE B 132 16.63 26.48 -7.99
N ASP B 133 16.18 26.65 -9.23
CA ASP B 133 17.04 26.84 -10.42
C ASP B 133 17.61 25.47 -10.79
N HIS B 134 16.77 24.44 -10.75
CA HIS B 134 17.15 23.05 -11.15
C HIS B 134 17.48 23.03 -12.64
N PRO B 135 18.49 22.25 -13.07
CA PRO B 135 18.81 22.08 -14.50
C PRO B 135 17.58 21.82 -15.40
N LEU B 136 16.62 21.04 -14.94
CA LEU B 136 15.42 20.73 -15.75
C LEU B 136 14.67 22.04 -16.08
N ALA B 137 14.67 23.05 -15.19
CA ALA B 137 13.99 24.34 -15.44
C ALA B 137 14.64 25.09 -16.61
N ALA B 138 15.96 24.98 -16.80
CA ALA B 138 16.68 25.62 -17.93
C ALA B 138 16.36 24.87 -19.23
N LEU B 139 16.32 23.55 -19.18
CA LEU B 139 16.00 22.66 -20.33
C LEU B 139 14.54 22.84 -20.78
N TYR B 140 13.59 23.00 -19.85
CA TYR B 140 12.13 23.00 -20.14
C TYR B 140 11.50 24.18 -19.39
N SER B 141 11.33 25.32 -20.06
CA SER B 141 10.88 26.59 -19.43
C SER B 141 9.44 26.43 -18.92
N THR B 142 8.57 25.69 -19.64
CA THR B 142 7.18 25.41 -19.19
C THR B 142 6.94 23.90 -19.13
N SER B 143 5.91 23.51 -18.41
CA SER B 143 5.55 22.09 -18.16
C SER B 143 6.84 21.30 -17.85
N THR B 144 7.65 21.80 -16.92
CA THR B 144 9.07 21.37 -16.73
C THR B 144 9.10 19.87 -16.44
N MET B 145 8.45 19.43 -15.38
CA MET B 145 8.47 17.99 -15.02
C MET B 145 7.82 17.18 -16.14
N GLU B 146 6.77 17.72 -16.78
CA GLU B 146 5.97 16.91 -17.73
C GLU B 146 6.80 16.68 -19.00
N GLN B 147 7.57 17.65 -19.47
CA GLN B 147 8.46 17.40 -20.63
C GLN B 147 9.55 16.39 -20.22
N HIS B 148 10.01 16.43 -18.97
CA HIS B 148 10.97 15.44 -18.43
C HIS B 148 10.35 14.05 -18.45
N HIS B 149 9.09 13.90 -17.99
CA HIS B 149 8.37 12.60 -17.96
C HIS B 149 8.32 12.03 -19.39
N PHE B 150 8.04 12.88 -20.37
CA PHE B 150 7.88 12.37 -21.75
C PHE B 150 9.26 11.92 -22.26
N SER B 151 10.29 12.72 -22.03
CA SER B 151 11.70 12.42 -22.37
C SER B 151 12.15 11.08 -21.80
N GLN B 152 11.86 10.84 -20.52
CA GLN B 152 12.13 9.57 -19.83
C GLN B 152 11.41 8.44 -20.56
N THR B 153 10.17 8.68 -20.99
CA THR B 153 9.33 7.65 -21.65
C THR B 153 10.01 7.20 -22.94
N VAL B 154 10.55 8.16 -23.70
CA VAL B 154 11.22 7.89 -25.01
C VAL B 154 12.55 7.16 -24.79
N SER B 155 13.24 7.45 -23.69
CA SER B 155 14.50 6.78 -23.28
C SER B 155 14.27 5.29 -23.09
N ILE B 156 13.24 4.96 -22.33
CA ILE B 156 12.97 3.55 -21.93
C ILE B 156 12.54 2.80 -23.18
N LEU B 157 11.77 3.44 -24.07
CA LEU B 157 11.31 2.83 -25.34
C LEU B 157 12.52 2.45 -26.22
N GLN B 158 13.64 3.17 -26.11
CA GLN B 158 14.81 3.03 -27.00
C GLN B 158 15.84 2.04 -26.42
N LEU B 159 15.68 1.59 -25.18
CA LEU B 159 16.49 0.49 -24.58
C LEU B 159 16.34 -0.78 -25.44
N GLU B 160 17.41 -1.57 -25.61
CA GLU B 160 17.43 -2.87 -26.36
C GLU B 160 16.28 -3.71 -25.76
N GLY B 161 15.34 -4.16 -26.59
CA GLY B 161 14.28 -5.11 -26.19
C GLY B 161 13.09 -4.46 -25.53
N HIS B 162 13.00 -3.11 -25.52
CA HIS B 162 11.97 -2.35 -24.76
C HIS B 162 10.94 -1.69 -25.68
N ASN B 163 11.05 -1.82 -27.01
CA ASN B 163 10.20 -1.05 -27.96
C ASN B 163 8.91 -1.82 -28.25
N ILE B 164 7.97 -1.66 -27.33
CA ILE B 164 6.63 -2.32 -27.29
C ILE B 164 5.81 -1.93 -28.52
N PHE B 165 6.26 -0.98 -29.33
CA PHE B 165 5.54 -0.51 -30.55
C PHE B 165 6.29 -0.96 -31.81
N SER B 166 7.07 -2.03 -31.72
CA SER B 166 7.95 -2.49 -32.82
C SER B 166 7.09 -2.93 -34.01
N THR B 167 5.88 -3.44 -33.77
CA THR B 167 4.95 -3.97 -34.81
C THR B 167 4.12 -2.87 -35.49
N LEU B 168 4.32 -1.57 -35.18
CA LEU B 168 3.58 -0.43 -35.80
C LEU B 168 4.31 0.01 -37.09
N SER B 169 3.56 0.40 -38.13
CA SER B 169 4.15 1.09 -39.30
C SER B 169 4.84 2.37 -38.82
N SER B 170 5.72 2.96 -39.63
CA SER B 170 6.45 4.20 -39.30
C SER B 170 5.45 5.31 -38.94
N SER B 171 4.37 5.45 -39.72
CA SER B 171 3.29 6.44 -39.47
C SER B 171 2.61 6.17 -38.11
N GLU B 172 2.16 4.94 -37.89
CA GLU B 172 1.44 4.56 -36.65
C GLU B 172 2.31 4.82 -35.40
N TYR B 173 3.60 4.53 -35.46
CA TYR B 173 4.60 4.76 -34.39
C TYR B 173 4.62 6.25 -34.08
N GLU B 174 4.73 7.07 -35.13
CA GLU B 174 4.85 8.54 -35.07
C GLU B 174 3.58 9.09 -34.37
N GLN B 175 2.43 8.57 -34.75
CA GLN B 175 1.14 9.04 -34.22
C GLN B 175 1.03 8.66 -32.76
N VAL B 176 1.43 7.43 -32.38
CA VAL B 176 1.23 6.95 -30.99
C VAL B 176 2.18 7.76 -30.08
N LEU B 177 3.40 8.05 -30.52
CA LEU B 177 4.35 8.89 -29.71
C LEU B 177 3.75 10.29 -29.54
N GLU B 178 3.06 10.79 -30.56
CA GLU B 178 2.43 12.14 -30.52
C GLU B 178 1.21 12.10 -29.59
N ILE B 179 0.43 11.00 -29.58
CA ILE B 179 -0.64 10.80 -28.56
C ILE B 179 -0.02 10.80 -27.15
N ILE B 180 1.00 9.97 -26.89
CA ILE B 180 1.65 9.86 -25.55
C ILE B 180 2.18 11.23 -25.11
N ARG B 181 2.86 11.96 -25.99
CA ARG B 181 3.43 13.29 -25.64
C ARG B 181 2.33 14.26 -25.21
N LYS B 182 1.29 14.44 -26.01
CA LYS B 182 0.21 15.38 -25.69
C LYS B 182 -0.47 14.93 -24.41
N ALA B 183 -0.64 13.62 -24.21
CA ALA B 183 -1.34 13.11 -23.01
C ALA B 183 -0.50 13.48 -21.79
N ILE B 184 0.82 13.28 -21.86
CA ILE B 184 1.70 13.55 -20.69
C ILE B 184 1.76 15.07 -20.46
N ILE B 185 1.92 15.88 -21.50
CA ILE B 185 1.97 17.36 -21.30
C ILE B 185 0.67 17.86 -20.66
N ALA B 186 -0.48 17.29 -21.02
CA ALA B 186 -1.81 17.66 -20.48
C ALA B 186 -1.90 17.40 -18.97
N THR B 187 -1.05 16.55 -18.37
CA THR B 187 -1.12 16.31 -16.90
C THR B 187 -0.53 17.50 -16.12
N ASP B 188 0.05 18.49 -16.79
CA ASP B 188 0.46 19.80 -16.19
C ASP B 188 -0.80 20.56 -15.80
N LEU B 189 -1.17 20.61 -14.52
CA LEU B 189 -2.51 21.10 -14.10
C LEU B 189 -2.66 22.59 -14.49
N ALA B 190 -1.57 23.33 -14.63
CA ALA B 190 -1.61 24.73 -15.13
C ALA B 190 -2.33 24.77 -16.49
N LEU B 191 -2.19 23.74 -17.33
CA LEU B 191 -2.84 23.70 -18.67
C LEU B 191 -4.29 23.22 -18.60
N TYR B 192 -4.72 22.60 -17.50
CA TYR B 192 -6.07 21.99 -17.37
C TYR B 192 -7.15 23.10 -17.43
N PHE B 193 -6.92 24.26 -16.84
CA PHE B 193 -8.00 25.29 -16.70
C PHE B 193 -8.43 25.81 -18.09
N GLY B 194 -7.48 26.21 -18.93
CA GLY B 194 -7.74 26.61 -20.34
C GLY B 194 -8.41 25.47 -21.12
N ASN B 195 -7.89 24.25 -21.01
CA ASN B 195 -8.41 23.10 -21.78
C ASN B 195 -9.87 22.87 -21.41
N ARG B 196 -10.21 22.70 -20.12
CA ARG B 196 -11.59 22.44 -19.64
C ARG B 196 -12.55 23.55 -20.08
N LYS B 197 -12.11 24.80 -20.07
CA LYS B 197 -12.93 25.99 -20.45
C LYS B 197 -13.28 25.89 -21.94
N GLN B 198 -12.30 25.75 -22.82
CA GLN B 198 -12.56 25.52 -24.27
C GLN B 198 -13.52 24.34 -24.48
N LEU B 199 -13.32 23.22 -23.77
CA LEU B 199 -14.15 22.01 -23.94
C LEU B 199 -15.58 22.31 -23.50
N GLU B 200 -15.75 22.97 -22.36
CA GLU B 200 -17.08 23.31 -21.78
C GLU B 200 -17.83 24.24 -22.74
N GLU B 201 -17.11 25.19 -23.34
CA GLU B 201 -17.67 26.12 -24.36
C GLU B 201 -18.11 25.31 -25.59
N MET B 202 -17.19 24.52 -26.18
CA MET B 202 -17.48 23.68 -27.38
C MET B 202 -18.66 22.73 -27.11
N TYR B 203 -18.71 22.12 -25.93
CA TYR B 203 -19.76 21.13 -25.64
C TYR B 203 -21.11 21.85 -25.59
N GLN B 204 -21.13 22.96 -24.87
CA GLN B 204 -22.39 23.63 -24.49
C GLN B 204 -23.01 24.30 -25.71
N THR B 205 -22.21 24.68 -26.71
CA THR B 205 -22.70 25.27 -27.96
C THR B 205 -23.04 24.20 -29.00
N GLY B 206 -22.55 22.98 -28.81
CA GLY B 206 -22.65 21.90 -29.81
C GLY B 206 -21.66 22.06 -30.96
N SER B 207 -20.52 22.69 -30.76
CA SER B 207 -19.42 22.72 -31.77
C SER B 207 -18.41 21.56 -31.56
N LEU B 208 -18.48 20.84 -30.43
CA LEU B 208 -17.51 19.76 -30.11
C LEU B 208 -17.69 18.63 -31.12
N ASN B 209 -16.62 18.34 -31.85
CA ASN B 209 -16.56 17.35 -32.96
C ASN B 209 -15.41 16.36 -32.68
N LEU B 210 -15.73 15.14 -32.26
CA LEU B 210 -14.70 14.08 -31.99
C LEU B 210 -13.96 13.65 -33.26
N ASN B 211 -14.32 14.13 -34.46
CA ASN B 211 -13.58 13.84 -35.72
C ASN B 211 -12.61 14.97 -36.00
N ASN B 212 -12.73 16.05 -35.23
CA ASN B 212 -11.72 17.11 -35.18
C ASN B 212 -10.61 16.60 -34.24
N GLN B 213 -9.41 16.30 -34.77
CA GLN B 213 -8.23 15.80 -34.01
C GLN B 213 -7.89 16.80 -32.89
N SER B 214 -8.02 18.08 -33.20
CA SER B 214 -7.82 19.24 -32.29
C SER B 214 -8.74 19.09 -31.08
N HIS B 215 -9.97 18.65 -31.32
CA HIS B 215 -10.99 18.40 -30.29
C HIS B 215 -10.68 17.10 -29.55
N ARG B 216 -10.32 16.03 -30.27
CA ARG B 216 -9.93 14.74 -29.66
C ARG B 216 -8.80 15.04 -28.66
N ASP B 217 -7.78 15.76 -29.12
CA ASP B 217 -6.60 16.14 -28.30
C ASP B 217 -7.09 16.73 -26.97
N ARG B 218 -8.03 17.66 -27.03
CA ARG B 218 -8.57 18.34 -25.84
C ARG B 218 -9.29 17.31 -24.94
N VAL B 219 -10.10 16.43 -25.51
CA VAL B 219 -10.92 15.51 -24.69
C VAL B 219 -9.95 14.50 -24.06
N ILE B 220 -8.87 14.17 -24.76
CA ILE B 220 -7.82 13.24 -24.21
C ILE B 220 -7.11 13.96 -23.06
N GLY B 221 -6.81 15.26 -23.22
CA GLY B 221 -6.18 16.06 -22.16
C GLY B 221 -7.03 16.08 -20.90
N LEU B 222 -8.33 16.27 -21.06
CA LEU B 222 -9.29 16.26 -19.92
C LEU B 222 -9.34 14.83 -19.32
N MET B 223 -9.32 13.81 -20.15
CA MET B 223 -9.32 12.42 -19.62
C MET B 223 -8.06 12.21 -18.76
N MET B 224 -6.93 12.73 -19.21
CA MET B 224 -5.64 12.66 -18.48
C MET B 224 -5.77 13.39 -17.14
N THR B 225 -6.32 14.60 -17.12
CA THR B 225 -6.49 15.32 -15.83
C THR B 225 -7.34 14.47 -14.88
N ALA B 226 -8.49 13.98 -15.34
CA ALA B 226 -9.47 13.21 -14.53
C ALA B 226 -8.79 11.98 -13.90
N CYS B 227 -8.06 11.21 -14.70
CA CYS B 227 -7.27 10.04 -14.19
C CYS B 227 -6.22 10.52 -13.16
N ASP B 228 -5.52 11.60 -13.47
CA ASP B 228 -4.44 12.13 -12.61
C ASP B 228 -5.04 12.60 -11.27
N LEU B 229 -6.28 13.09 -11.26
CA LEU B 229 -6.87 13.58 -9.99
C LEU B 229 -7.71 12.49 -9.33
N CYS B 230 -7.65 11.24 -9.81
CA CYS B 230 -8.70 10.22 -9.53
C CYS B 230 -8.72 9.87 -8.04
N SER B 231 -7.73 10.33 -7.27
CA SER B 231 -7.71 10.26 -5.79
C SER B 231 -9.07 10.69 -5.22
N VAL B 232 -9.66 11.74 -5.78
CA VAL B 232 -10.90 12.39 -5.25
C VAL B 232 -12.15 11.58 -5.66
N THR B 233 -12.01 10.55 -6.49
CA THR B 233 -13.15 9.74 -7.01
C THR B 233 -13.18 8.36 -6.34
N LYS B 234 -12.35 8.14 -5.32
CA LYS B 234 -12.32 6.84 -4.60
C LYS B 234 -13.34 6.96 -3.49
N LEU B 235 -13.70 5.83 -2.86
CA LEU B 235 -14.46 5.87 -1.59
C LEU B 235 -13.68 6.64 -0.53
N TRP B 236 -14.41 7.27 0.38
CA TRP B 236 -13.89 8.23 1.39
C TRP B 236 -12.62 7.70 2.08
N PRO B 237 -12.59 6.45 2.61
CA PRO B 237 -11.43 6.03 3.39
C PRO B 237 -10.12 6.03 2.58
N VAL B 238 -10.19 5.66 1.29
CA VAL B 238 -9.05 5.72 0.33
C VAL B 238 -8.67 7.18 0.09
N THR B 239 -9.67 8.01 -0.24
CA THR B 239 -9.51 9.46 -0.53
C THR B 239 -8.77 10.13 0.63
N LYS B 240 -9.24 9.89 1.85
CA LYS B 240 -8.72 10.47 3.12
C LYS B 240 -7.25 10.05 3.32
N LEU B 241 -6.96 8.76 3.18
CA LEU B 241 -5.58 8.23 3.38
C LEU B 241 -4.67 8.70 2.24
N THR B 242 -5.13 8.73 0.98
CA THR B 242 -4.33 9.23 -0.15
C THR B 242 -3.96 10.69 0.10
N ALA B 243 -4.81 11.46 0.78
CA ALA B 243 -4.58 12.89 1.07
C ALA B 243 -3.41 13.05 2.05
N ASN B 244 -3.18 12.09 2.95
CA ASN B 244 -1.99 12.10 3.86
C ASN B 244 -0.71 12.10 3.01
N ASP B 245 -0.65 11.27 1.96
CA ASP B 245 0.48 11.10 1.03
C ASP B 245 0.70 12.39 0.20
N ILE B 246 -0.35 12.93 -0.40
CA ILE B 246 -0.26 14.16 -1.25
C ILE B 246 0.35 15.30 -0.40
N TYR B 247 -0.13 15.48 0.83
CA TYR B 247 0.30 16.57 1.73
C TYR B 247 1.71 16.31 2.27
N ALA B 248 2.11 15.05 2.47
CA ALA B 248 3.47 14.72 2.92
C ALA B 248 4.46 15.31 1.92
N GLU B 249 4.19 15.15 0.61
CA GLU B 249 5.01 15.74 -0.47
C GLU B 249 4.89 17.26 -0.44
N PHE B 250 3.66 17.77 -0.43
CA PHE B 250 3.41 19.22 -0.41
C PHE B 250 4.18 19.87 0.74
N TRP B 251 4.15 19.27 1.92
CA TRP B 251 4.76 19.88 3.13
C TRP B 251 6.30 19.84 3.05
N ALA B 252 6.86 18.78 2.48
CA ALA B 252 8.31 18.67 2.23
C ALA B 252 8.73 19.73 1.20
N GLU B 253 7.90 19.97 0.19
CA GLU B 253 8.18 21.08 -0.76
C GLU B 253 8.11 22.40 0.01
N GLY B 254 7.03 22.62 0.78
CA GLY B 254 6.91 23.76 1.74
C GLY B 254 8.20 24.02 2.50
N ASP B 255 8.80 22.97 3.03
CA ASP B 255 10.03 23.02 3.87
C ASP B 255 11.22 23.47 3.00
N GLU B 256 11.30 22.99 1.76
CA GLU B 256 12.38 23.35 0.82
C GLU B 256 12.23 24.81 0.33
N MET B 257 11.01 25.30 0.10
CA MET B 257 10.74 26.74 -0.16
C MET B 257 11.28 27.60 0.99
N LYS B 258 10.97 27.26 2.25
CA LYS B 258 11.40 28.03 3.43
C LYS B 258 12.93 28.03 3.45
N LYS B 259 13.57 26.91 3.10
CA LYS B 259 15.05 26.79 3.10
C LYS B 259 15.63 27.75 2.05
N LEU B 260 14.91 28.01 0.97
CA LEU B 260 15.28 29.01 -0.07
C LEU B 260 14.96 30.43 0.40
N GLY B 261 14.31 30.58 1.55
CA GLY B 261 13.92 31.90 2.10
C GLY B 261 12.67 32.44 1.42
N ILE B 262 11.78 31.55 0.97
CA ILE B 262 10.51 31.90 0.27
C ILE B 262 9.38 31.32 1.09
N GLN B 263 8.37 32.13 1.45
CA GLN B 263 7.17 31.63 2.18
C GLN B 263 6.39 30.75 1.22
N PRO B 264 6.12 29.47 1.58
CA PRO B 264 5.32 28.63 0.69
C PRO B 264 3.85 29.05 0.71
N ILE B 265 3.10 28.67 -0.31
CA ILE B 265 1.62 28.82 -0.30
C ILE B 265 1.07 27.93 0.81
N PRO B 266 -0.08 28.30 1.44
CA PRO B 266 -0.63 27.56 2.57
C PRO B 266 -0.73 26.03 2.36
N MET B 267 -1.13 25.63 1.15
CA MET B 267 -1.27 24.22 0.76
C MET B 267 0.01 23.45 1.13
N MET B 268 1.18 24.06 0.96
CA MET B 268 2.51 23.43 1.13
C MET B 268 3.14 23.72 2.51
N ASP B 269 2.41 24.41 3.39
CA ASP B 269 2.94 24.90 4.69
C ASP B 269 2.41 24.00 5.81
N ARG B 270 3.25 23.13 6.36
CA ARG B 270 2.78 22.17 7.39
C ARG B 270 2.26 22.98 8.60
N ASP B 271 2.73 24.20 8.84
CA ASP B 271 2.25 25.03 9.98
C ASP B 271 0.74 25.31 9.80
N LYS B 272 0.20 25.19 8.59
CA LYS B 272 -1.21 25.55 8.30
C LYS B 272 -2.05 24.28 8.07
N LYS B 273 -1.62 23.16 8.65
CA LYS B 273 -2.33 21.85 8.67
C LYS B 273 -3.83 21.99 8.95
N ASP B 274 -4.24 22.79 9.94
CA ASP B 274 -5.64 22.83 10.44
C ASP B 274 -6.56 23.42 9.37
N GLU B 275 -6.00 24.07 8.33
CA GLU B 275 -6.76 24.66 7.19
C GLU B 275 -6.94 23.64 6.05
N VAL B 276 -6.59 22.36 6.26
CA VAL B 276 -6.59 21.33 5.18
C VAL B 276 -8.03 21.12 4.69
N PRO B 277 -9.04 20.96 5.58
CA PRO B 277 -10.41 20.72 5.14
C PRO B 277 -10.95 21.85 4.26
N GLN B 278 -10.76 23.11 4.66
CA GLN B 278 -11.20 24.29 3.87
C GLN B 278 -10.41 24.39 2.54
N GLY B 279 -9.17 23.89 2.49
CA GLY B 279 -8.37 23.88 1.24
C GLY B 279 -8.81 22.78 0.27
N GLN B 280 -9.21 21.60 0.80
CA GLN B 280 -9.81 20.48 0.03
C GLN B 280 -11.16 20.93 -0.54
N LEU B 281 -12.00 21.52 0.30
CA LEU B 281 -13.28 22.16 -0.14
C LEU B 281 -12.99 23.07 -1.36
N GLY B 282 -12.00 23.97 -1.27
CA GLY B 282 -11.70 24.93 -2.36
C GLY B 282 -11.21 24.22 -3.62
N PHE B 283 -10.47 23.12 -3.46
CA PHE B 283 -9.93 22.30 -4.58
C PHE B 283 -11.06 21.57 -5.32
N TYR B 284 -12.03 20.99 -4.61
CA TYR B 284 -13.18 20.29 -5.25
C TYR B 284 -13.98 21.31 -6.08
N ASN B 285 -14.35 22.43 -5.46
CA ASN B 285 -15.23 23.46 -6.07
C ASN B 285 -14.55 24.06 -7.32
N ALA B 286 -13.23 24.32 -7.27
CA ALA B 286 -12.47 25.09 -8.29
C ALA B 286 -11.85 24.18 -9.35
N VAL B 287 -11.58 22.91 -9.07
CA VAL B 287 -10.82 21.99 -10.00
C VAL B 287 -11.56 20.67 -10.21
N ALA B 288 -11.78 19.89 -9.15
CA ALA B 288 -12.25 18.49 -9.27
C ALA B 288 -13.69 18.47 -9.83
N ILE B 289 -14.63 19.20 -9.24
CA ILE B 289 -16.07 19.09 -9.67
C ILE B 289 -16.18 19.58 -11.12
N PRO B 290 -15.61 20.73 -11.51
CA PRO B 290 -15.63 21.17 -12.91
C PRO B 290 -15.00 20.15 -13.87
N CYS B 291 -13.93 19.48 -13.43
CA CYS B 291 -13.22 18.47 -14.24
C CYS B 291 -14.21 17.34 -14.61
N TYR B 292 -14.81 16.70 -13.59
CA TYR B 292 -15.62 15.46 -13.71
C TYR B 292 -17.05 15.78 -14.19
N THR B 293 -17.55 16.99 -13.92
CA THR B 293 -18.81 17.50 -14.53
C THR B 293 -18.60 17.59 -16.04
N THR B 294 -17.58 18.30 -16.53
CA THR B 294 -17.33 18.49 -17.98
C THR B 294 -17.09 17.14 -18.66
N LEU B 295 -16.39 16.21 -17.98
CA LEU B 295 -16.03 14.90 -18.55
C LEU B 295 -17.31 14.09 -18.73
N THR B 296 -18.17 14.11 -17.72
CA THR B 296 -19.44 13.35 -17.67
C THR B 296 -20.38 13.83 -18.78
N GLN B 297 -20.41 15.13 -19.07
CA GLN B 297 -21.14 15.70 -20.23
C GLN B 297 -20.59 15.12 -21.53
N ILE B 298 -19.28 15.11 -21.71
CA ILE B 298 -18.70 14.69 -23.03
C ILE B 298 -18.71 13.16 -23.11
N LEU B 299 -18.62 12.45 -21.98
CA LEU B 299 -18.56 10.95 -21.87
C LEU B 299 -19.45 10.51 -20.71
N PRO B 300 -20.79 10.48 -20.90
CA PRO B 300 -21.73 10.15 -19.83
C PRO B 300 -21.40 8.93 -18.98
N PRO B 301 -20.86 7.83 -19.54
CA PRO B 301 -20.49 6.67 -18.74
C PRO B 301 -19.39 6.90 -17.68
N THR B 302 -18.66 8.05 -17.71
CA THR B 302 -17.69 8.48 -16.66
C THR B 302 -18.40 9.07 -15.43
N GLU B 303 -19.73 9.17 -15.45
CA GLU B 303 -20.64 9.67 -14.38
C GLU B 303 -20.19 9.22 -12.99
N PRO B 304 -19.85 7.92 -12.78
CA PRO B 304 -19.51 7.45 -11.44
C PRO B 304 -18.30 8.17 -10.81
N LEU B 305 -17.42 8.76 -11.63
CA LEU B 305 -16.31 9.61 -11.13
C LEU B 305 -16.91 10.86 -10.45
N LEU B 306 -17.87 11.51 -11.12
CA LEU B 306 -18.49 12.77 -10.64
C LEU B 306 -19.21 12.48 -9.34
N LYS B 307 -19.95 11.37 -9.29
CA LYS B 307 -20.78 10.99 -8.12
C LYS B 307 -19.86 10.78 -6.91
N ALA B 308 -18.79 10.00 -7.09
CA ALA B 308 -17.76 9.75 -6.07
C ALA B 308 -17.11 11.07 -5.64
N CYS B 309 -16.83 11.97 -6.58
CA CYS B 309 -16.24 13.28 -6.29
C CYS B 309 -17.21 14.11 -5.45
N ARG B 310 -18.52 14.08 -5.78
CA ARG B 310 -19.55 14.84 -5.02
CA ARG B 310 -19.58 14.81 -5.04
C ARG B 310 -19.68 14.26 -3.62
N ASP B 311 -19.64 12.94 -3.47
CA ASP B 311 -19.68 12.27 -2.15
C ASP B 311 -18.53 12.73 -1.26
N ASN B 312 -17.30 12.73 -1.80
CA ASN B 312 -16.07 13.18 -1.11
C ASN B 312 -16.18 14.67 -0.74
N LEU B 313 -16.68 15.53 -1.63
CA LEU B 313 -16.88 16.98 -1.30
C LEU B 313 -17.74 17.09 -0.03
N SER B 314 -18.80 16.28 0.07
CA SER B 314 -19.76 16.25 1.21
C SER B 314 -19.10 15.75 2.50
N GLN B 315 -18.25 14.72 2.42
CA GLN B 315 -17.41 14.24 3.55
C GLN B 315 -16.50 15.37 4.02
N TRP B 316 -15.88 16.15 3.11
CA TRP B 316 -14.97 17.25 3.51
C TRP B 316 -15.76 18.36 4.21
N GLU B 317 -17.01 18.61 3.79
CA GLU B 317 -17.95 19.57 4.45
C GLU B 317 -18.23 19.10 5.88
N LYS B 318 -18.50 17.81 6.06
CA LYS B 318 -18.75 17.21 7.41
C LYS B 318 -17.55 17.49 8.29
N VAL B 319 -16.35 17.25 7.78
CA VAL B 319 -15.09 17.49 8.56
C VAL B 319 -15.01 18.98 8.91
N ILE B 320 -15.36 19.89 7.99
CA ILE B 320 -15.21 21.36 8.21
C ILE B 320 -16.11 21.80 9.36
N ARG B 321 -17.25 21.12 9.51
CA ARG B 321 -18.32 21.46 10.49
C ARG B 321 -18.05 20.77 11.84
N GLY B 322 -17.15 19.78 11.86
CA GLY B 322 -16.76 19.04 13.08
C GLY B 322 -17.39 17.65 13.15
N GLU B 323 -18.37 17.37 12.29
CA GLU B 323 -19.25 16.17 12.34
C GLU B 323 -18.46 14.88 12.07
N GLU B 324 -17.25 14.96 11.50
CA GLU B 324 -16.38 13.76 11.26
C GLU B 324 -14.93 14.07 11.68
N THR B 325 -14.23 13.05 12.21
CA THR B 325 -12.76 13.01 12.45
C THR B 325 -12.09 12.31 11.26
N GLY C 12 34.72 -27.70 12.34
CA GLY C 12 34.32 -26.31 12.73
C GLY C 12 35.34 -25.67 13.66
N LEU C 13 36.47 -25.21 13.13
CA LEU C 13 37.59 -24.66 13.95
C LEU C 13 37.27 -23.21 14.36
N MET C 14 36.60 -22.45 13.51
CA MET C 14 36.18 -21.05 13.81
C MET C 14 34.98 -21.07 14.77
N GLN C 15 35.08 -20.31 15.87
CA GLN C 15 33.96 -20.03 16.80
C GLN C 15 33.65 -18.53 16.74
N PHE C 16 32.44 -18.16 17.12
CA PHE C 16 32.06 -16.74 17.30
C PHE C 16 32.24 -16.41 18.78
N THR C 17 32.79 -15.23 19.07
CA THR C 17 32.85 -14.67 20.44
C THR C 17 32.04 -13.38 20.46
N LEU C 18 31.44 -13.11 21.61
CA LEU C 18 30.58 -11.93 21.84
C LEU C 18 31.29 -11.04 22.84
N PRO C 19 31.21 -9.71 22.68
CA PRO C 19 31.70 -8.81 23.71
C PRO C 19 31.20 -9.33 25.06
N VAL C 20 31.95 -9.06 26.12
CA VAL C 20 31.64 -9.51 27.51
C VAL C 20 30.16 -9.27 27.81
N ARG C 21 29.61 -8.07 27.62
CA ARG C 21 28.19 -7.81 28.03
C ARG C 21 27.25 -8.78 27.29
N LEU C 22 27.45 -9.03 26.00
CA LEU C 22 26.55 -9.90 25.17
C LEU C 22 26.72 -11.36 25.60
N CYS C 23 27.97 -11.80 25.82
CA CYS C 23 28.34 -13.18 26.23
C CYS C 23 27.54 -13.58 27.48
N LYS C 24 27.39 -12.65 28.43
CA LYS C 24 26.73 -12.82 29.75
C LYS C 24 25.21 -12.67 29.59
N GLU C 25 24.74 -11.62 28.91
CA GLU C 25 23.30 -11.23 28.82
C GLU C 25 22.54 -12.17 27.86
N ILE C 26 23.21 -12.75 26.87
CA ILE C 26 22.52 -13.55 25.81
C ILE C 26 21.90 -14.80 26.44
N GLU C 27 22.46 -15.27 27.55
CA GLU C 27 21.96 -16.47 28.27
C GLU C 27 20.63 -16.14 28.94
N LEU C 28 20.35 -14.88 29.28
CA LEU C 28 19.09 -14.47 29.95
C LEU C 28 17.91 -14.45 28.95
N PHE C 29 16.73 -14.90 29.37
CA PHE C 29 15.54 -14.93 28.50
C PHE C 29 15.23 -13.53 27.95
N HIS C 30 15.46 -12.44 28.72
CA HIS C 30 14.96 -11.07 28.38
C HIS C 30 16.02 -10.28 27.61
N PHE C 31 17.10 -10.92 27.20
CA PHE C 31 18.10 -10.27 26.34
C PHE C 31 17.43 -9.62 25.13
N ASP C 32 17.94 -8.45 24.75
CA ASP C 32 17.56 -7.68 23.56
C ASP C 32 18.75 -7.73 22.61
N ILE C 33 18.57 -8.12 21.34
CA ILE C 33 19.71 -8.33 20.41
C ILE C 33 20.34 -6.98 20.01
N GLY C 34 19.68 -5.87 20.31
CA GLY C 34 20.28 -4.53 20.08
C GLY C 34 20.11 -4.04 18.62
N PRO C 35 20.47 -2.78 18.35
CA PRO C 35 20.15 -2.12 17.09
C PRO C 35 21.23 -2.24 15.99
N PHE C 36 22.28 -3.03 16.18
CA PHE C 36 23.36 -3.17 15.16
C PHE C 36 23.03 -4.38 14.29
N GLU C 37 22.34 -4.15 13.17
CA GLU C 37 21.89 -5.23 12.23
C GLU C 37 23.04 -6.19 11.92
N ASN C 38 24.25 -5.66 11.72
CA ASN C 38 25.42 -6.40 11.19
C ASN C 38 25.97 -7.36 12.23
N MET C 39 25.51 -7.26 13.48
CA MET C 39 25.93 -8.20 14.55
C MET C 39 24.98 -9.40 14.62
N TRP C 40 23.77 -9.24 14.10
CA TRP C 40 22.68 -10.24 14.31
C TRP C 40 23.11 -11.58 13.75
N PRO C 41 23.73 -11.64 12.54
CA PRO C 41 24.13 -12.93 11.97
C PRO C 41 25.11 -13.67 12.88
N GLY C 42 26.14 -12.96 13.38
CA GLY C 42 27.16 -13.53 14.27
C GLY C 42 26.56 -13.99 15.59
N ILE C 43 25.56 -13.27 16.10
CA ILE C 43 24.83 -13.68 17.34
C ILE C 43 24.10 -15.01 17.08
N PHE C 44 23.46 -15.16 15.91
CA PHE C 44 22.71 -16.39 15.56
C PHE C 44 23.69 -17.58 15.45
N VAL C 45 24.80 -17.39 14.75
CA VAL C 45 25.86 -18.45 14.61
C VAL C 45 26.38 -18.81 16.02
N TYR C 46 26.65 -17.83 16.88
CA TYR C 46 27.05 -18.09 18.30
C TYR C 46 26.03 -19.03 18.97
N MET C 47 24.74 -18.76 18.79
CA MET C 47 23.66 -19.53 19.47
C MET C 47 23.59 -20.96 18.91
N VAL C 48 23.77 -21.14 17.59
CA VAL C 48 23.83 -22.47 16.91
C VAL C 48 25.05 -23.27 17.42
N HIS C 49 26.25 -22.70 17.47
CA HIS C 49 27.48 -23.39 17.98
C HIS C 49 27.29 -23.81 19.45
N ARG C 50 26.73 -22.97 20.30
CA ARG C 50 26.56 -23.28 21.74
C ARG C 50 25.40 -24.28 21.97
N SER C 51 24.34 -24.25 21.16
CA SER C 51 23.11 -25.04 21.45
C SER C 51 23.09 -26.34 20.63
N CYS C 52 23.79 -26.37 19.51
CA CYS C 52 23.80 -27.52 18.56
C CYS C 52 25.18 -28.19 18.59
N GLY C 53 26.25 -27.38 18.62
CA GLY C 53 27.65 -27.82 18.50
C GLY C 53 28.31 -27.14 17.33
N THR C 54 29.64 -27.11 17.31
CA THR C 54 30.50 -26.30 16.39
C THR C 54 30.52 -26.90 14.98
N SER C 55 30.11 -28.15 14.79
CA SER C 55 30.18 -28.87 13.50
C SER C 55 28.79 -29.22 12.96
N CYS C 56 27.72 -29.01 13.76
CA CYS C 56 26.30 -29.21 13.37
C CYS C 56 26.04 -28.83 11.92
N PHE C 57 26.59 -27.68 11.49
CA PHE C 57 26.47 -27.16 10.11
C PHE C 57 27.87 -26.75 9.64
N GLU C 58 28.09 -26.84 8.33
CA GLU C 58 29.30 -26.32 7.67
C GLU C 58 29.14 -24.80 7.60
N LEU C 59 30.10 -24.04 8.13
CA LEU C 59 29.98 -22.57 8.34
C LEU C 59 29.71 -21.83 7.02
N GLU C 60 30.45 -22.16 5.95
CA GLU C 60 30.31 -21.54 4.61
C GLU C 60 28.85 -21.65 4.18
N LYS C 61 28.25 -22.84 4.36
CA LYS C 61 26.84 -23.12 3.95
C LYS C 61 25.89 -22.35 4.87
N LEU C 62 26.13 -22.38 6.19
CA LEU C 62 25.30 -21.67 7.19
C LEU C 62 25.25 -20.19 6.84
N CME C 63 26.41 -19.56 6.67
CA CME C 63 26.52 -18.09 6.54
CB CME C 63 27.96 -17.60 6.59
SG CME C 63 28.57 -17.26 8.26
SD CME C 63 27.40 -15.68 8.86
CE CME C 63 28.55 -14.49 9.62
CZ CME C 63 28.28 -13.07 9.19
OH CME C 63 28.81 -12.15 10.12
C CME C 63 25.74 -17.65 5.29
O CME C 63 25.05 -16.62 5.36
N ARG C 64 25.81 -18.42 4.20
CA ARG C 64 25.14 -17.98 2.95
C ARG C 64 23.64 -18.30 3.05
N PHE C 65 23.26 -19.36 3.77
CA PHE C 65 21.84 -19.64 4.11
C PHE C 65 21.30 -18.44 4.89
N ILE C 66 22.06 -17.98 5.89
CA ILE C 66 21.59 -16.91 6.81
C ILE C 66 21.38 -15.66 5.97
N MET C 67 22.30 -15.37 5.05
CA MET C 67 22.31 -14.07 4.32
C MET C 67 21.20 -14.08 3.28
N SER C 68 20.81 -15.26 2.80
CA SER C 68 19.68 -15.48 1.85
C SER C 68 18.36 -15.33 2.60
N VAL C 69 18.32 -15.86 3.81
CA VAL C 69 17.13 -15.73 4.68
C VAL C 69 16.88 -14.24 4.94
N LYS C 70 17.88 -13.50 5.42
CA LYS C 70 17.82 -12.05 5.71
C LYS C 70 17.29 -11.26 4.51
N LYS C 71 17.83 -11.54 3.32
CA LYS C 71 17.46 -10.94 2.02
C LYS C 71 15.96 -11.09 1.76
N ASN C 72 15.34 -12.15 2.28
CA ASN C 72 13.91 -12.45 2.02
C ASN C 72 13.02 -12.02 3.18
N TYR C 73 13.55 -11.34 4.19
CA TYR C 73 12.69 -10.54 5.11
C TYR C 73 12.54 -9.16 4.49
N ARG C 74 11.41 -8.52 4.73
CA ARG C 74 11.10 -7.19 4.16
C ARG C 74 11.28 -6.12 5.22
N ARG C 75 11.26 -4.87 4.78
CA ARG C 75 11.41 -3.65 5.60
C ARG C 75 10.01 -3.25 6.04
N VAL C 76 9.46 -4.02 6.98
CA VAL C 76 8.15 -3.79 7.65
C VAL C 76 8.48 -3.39 9.07
N PRO C 77 7.58 -2.70 9.80
CA PRO C 77 7.89 -2.23 11.15
C PRO C 77 8.25 -3.32 12.18
N TYR C 78 7.61 -4.49 12.14
CA TYR C 78 7.76 -5.54 13.18
C TYR C 78 8.18 -6.91 12.63
N HIS C 79 7.45 -7.47 11.66
CA HIS C 79 7.70 -8.81 11.07
C HIS C 79 8.93 -8.81 10.17
N ASN C 80 10.09 -8.45 10.73
CA ASN C 80 11.32 -8.15 9.97
C ASN C 80 12.43 -9.10 10.40
N TRP C 81 13.63 -8.90 9.86
CA TRP C 81 14.86 -9.64 10.23
C TRP C 81 15.10 -9.61 11.75
N LYS C 82 14.94 -8.45 12.39
CA LYS C 82 15.21 -8.29 13.85
C LYS C 82 14.32 -9.26 14.63
N HIS C 83 13.03 -9.39 14.26
CA HIS C 83 12.03 -10.30 14.88
C HIS C 83 12.50 -11.75 14.76
N ALA C 84 12.99 -12.10 13.58
CA ALA C 84 13.46 -13.46 13.26
C ALA C 84 14.58 -13.84 14.23
N VAL C 85 15.61 -13.01 14.33
CA VAL C 85 16.77 -13.32 15.23
C VAL C 85 16.26 -13.31 16.68
N THR C 86 15.31 -12.44 17.04
CA THR C 86 14.79 -12.28 18.42
C THR C 86 14.02 -13.55 18.80
N VAL C 87 13.23 -14.09 17.89
CA VAL C 87 12.50 -15.36 18.15
C VAL C 87 13.52 -16.51 18.27
N ALA C 88 14.52 -16.54 17.38
CA ALA C 88 15.62 -17.53 17.45
C ALA C 88 16.30 -17.45 18.81
N HIS C 89 16.52 -16.26 19.38
CA HIS C 89 17.22 -16.15 20.69
C HIS C 89 16.36 -16.73 21.84
N CYS C 90 15.07 -16.45 21.84
CA CYS C 90 14.15 -17.02 22.85
C CYS C 90 14.26 -18.54 22.81
N MET C 91 14.19 -19.14 21.62
CA MET C 91 14.35 -20.59 21.41
C MET C 91 15.70 -21.05 21.97
N TYR C 92 16.79 -20.33 21.68
CA TYR C 92 18.15 -20.61 22.24
C TYR C 92 18.06 -20.74 23.77
N ALA C 93 17.47 -19.74 24.42
CA ALA C 93 17.34 -19.71 25.89
C ALA C 93 16.51 -20.92 26.35
N ILE C 94 15.36 -21.22 25.72
CA ILE C 94 14.54 -22.41 26.11
C ILE C 94 15.42 -23.66 25.98
N LEU C 95 16.15 -23.82 24.88
CA LEU C 95 16.98 -25.03 24.62
C LEU C 95 18.10 -25.16 25.67
N GLN C 96 18.88 -24.10 25.94
CA GLN C 96 20.06 -24.19 26.86
C GLN C 96 19.61 -24.55 28.29
N ASN C 97 18.43 -24.11 28.71
CA ASN C 97 17.90 -24.36 30.07
C ASN C 97 17.08 -25.65 30.10
N ASN C 98 17.10 -26.44 29.03
CA ASN C 98 16.27 -27.68 28.94
C ASN C 98 17.03 -28.68 28.08
N HIS C 99 18.36 -28.65 28.11
CA HIS C 99 19.19 -29.26 27.04
C HIS C 99 18.97 -30.79 26.99
N THR C 100 18.67 -31.43 28.12
CA THR C 100 18.53 -32.90 28.19
C THR C 100 17.22 -33.34 27.53
N LEU C 101 16.26 -32.45 27.26
CA LEU C 101 14.91 -32.85 26.80
C LEU C 101 14.83 -32.98 25.27
N PHE C 102 15.82 -32.49 24.52
CA PHE C 102 15.69 -32.40 23.03
C PHE C 102 16.84 -33.13 22.35
N THR C 103 16.52 -33.71 21.21
CA THR C 103 17.44 -34.48 20.35
C THR C 103 18.34 -33.50 19.59
N ASP C 104 19.31 -34.04 18.87
CA ASP C 104 20.22 -33.30 17.96
C ASP C 104 19.42 -32.68 16.81
N LEU C 105 18.58 -33.48 16.15
CA LEU C 105 17.74 -33.02 15.02
C LEU C 105 16.89 -31.83 15.48
N GLU C 106 16.20 -31.98 16.60
CA GLU C 106 15.33 -30.93 17.20
C GLU C 106 16.16 -29.66 17.40
N ARG C 107 17.37 -29.76 17.92
CA ARG C 107 18.19 -28.58 18.26
C ARG C 107 18.57 -27.83 16.98
N LYS C 108 19.17 -28.54 16.00
CA LYS C 108 19.42 -28.04 14.62
C LYS C 108 18.16 -27.36 14.09
N GLY C 109 17.05 -28.11 14.11
CA GLY C 109 15.80 -27.75 13.41
C GLY C 109 15.14 -26.51 13.96
N LEU C 110 15.06 -26.34 15.28
CA LEU C 110 14.15 -25.35 15.90
C LEU C 110 14.74 -23.95 15.73
N LEU C 111 16.07 -23.82 15.79
CA LEU C 111 16.74 -22.50 15.62
C LEU C 111 16.61 -22.07 14.16
N ILE C 112 16.75 -22.99 13.21
CA ILE C 112 16.51 -22.69 11.77
C ILE C 112 15.02 -22.31 11.58
N ALA C 113 14.11 -23.08 12.14
CA ALA C 113 12.65 -22.82 12.00
C ALA C 113 12.34 -21.39 12.49
N CYS C 114 12.86 -21.02 13.66
CA CYS C 114 12.67 -19.71 14.31
C CYS C 114 13.21 -18.61 13.41
N LEU C 115 14.44 -18.78 12.93
CA LEU C 115 15.04 -17.82 11.98
C LEU C 115 14.12 -17.65 10.76
N CYS C 116 13.44 -18.71 10.34
CA CYS C 116 12.74 -18.75 9.04
C CYS C 116 11.22 -18.51 9.14
N HIS C 117 10.65 -18.31 10.33
CA HIS C 117 9.22 -18.63 10.60
C HIS C 117 8.32 -17.53 10.03
N ASP C 118 8.86 -16.33 9.78
CA ASP C 118 8.12 -15.21 9.15
C ASP C 118 8.80 -14.81 7.83
N LEU C 119 9.43 -15.75 7.14
CA LEU C 119 10.06 -15.45 5.82
C LEU C 119 9.05 -14.78 4.89
N ASP C 120 9.39 -13.60 4.36
CA ASP C 120 8.66 -12.93 3.27
C ASP C 120 7.33 -12.39 3.78
N HIS C 121 7.25 -12.06 5.07
CA HIS C 121 6.05 -11.46 5.68
C HIS C 121 5.86 -10.06 5.11
N ARG C 122 4.61 -9.65 4.87
CA ARG C 122 4.35 -8.36 4.21
CA ARG C 122 4.24 -8.41 4.18
C ARG C 122 3.74 -7.38 5.20
N GLY C 123 3.66 -7.74 6.47
CA GLY C 123 3.07 -6.91 7.53
C GLY C 123 1.57 -7.06 7.62
N PHE C 124 0.98 -8.01 6.90
CA PHE C 124 -0.49 -8.27 6.90
C PHE C 124 -0.79 -9.66 7.48
N SER C 125 -1.90 -9.73 8.21
CA SER C 125 -2.43 -10.93 8.90
C SER C 125 -3.04 -11.87 7.87
N ASN C 126 -3.29 -13.12 8.26
CA ASN C 126 -4.02 -14.13 7.45
C ASN C 126 -5.44 -13.62 7.14
N SER C 127 -6.07 -12.87 8.03
CA SER C 127 -7.41 -12.26 7.74
C SER C 127 -7.31 -11.42 6.46
N TYR C 128 -6.47 -10.38 6.51
CA TYR C 128 -6.39 -9.37 5.43
C TYR C 128 -6.08 -10.07 4.13
N LEU C 129 -5.17 -11.05 4.08
CA LEU C 129 -4.87 -11.74 2.80
C LEU C 129 -6.15 -12.40 2.30
N GLN C 130 -6.95 -12.93 3.23
CA GLN C 130 -8.19 -13.68 2.92
C GLN C 130 -9.20 -12.66 2.38
N LYS C 131 -9.45 -11.60 3.12
CA LYS C 131 -10.45 -10.56 2.74
C LYS C 131 -10.04 -9.88 1.43
N PHE C 132 -8.76 -9.56 1.29
CA PHE C 132 -8.14 -9.01 0.05
C PHE C 132 -8.30 -10.00 -1.12
N ASP C 133 -8.43 -11.29 -0.83
CA ASP C 133 -8.40 -12.36 -1.87
C ASP C 133 -7.01 -12.37 -2.53
N HIS C 134 -5.96 -12.32 -1.71
CA HIS C 134 -4.55 -12.49 -2.15
C HIS C 134 -4.38 -13.89 -2.74
N PRO C 135 -3.61 -14.05 -3.84
CA PRO C 135 -3.34 -15.38 -4.39
C PRO C 135 -2.81 -16.42 -3.40
N LEU C 136 -2.03 -16.02 -2.39
CA LEU C 136 -1.52 -16.96 -1.34
C LEU C 136 -2.72 -17.60 -0.66
N ALA C 137 -3.83 -16.86 -0.47
CA ALA C 137 -5.05 -17.33 0.25
C ALA C 137 -5.79 -18.41 -0.56
N ALA C 138 -5.59 -18.50 -1.87
CA ALA C 138 -6.14 -19.56 -2.75
C ALA C 138 -5.26 -20.81 -2.66
N LEU C 139 -3.95 -20.62 -2.61
CA LEU C 139 -2.93 -21.71 -2.50
C LEU C 139 -3.01 -22.40 -1.12
N TYR C 140 -3.16 -21.61 -0.06
CA TYR C 140 -3.07 -22.06 1.35
C TYR C 140 -4.32 -21.54 2.06
N SER C 141 -5.35 -22.38 2.13
CA SER C 141 -6.68 -22.02 2.67
C SER C 141 -6.57 -21.64 4.15
N THR C 142 -5.84 -22.41 4.96
CA THR C 142 -5.58 -22.09 6.41
C THR C 142 -4.09 -21.88 6.63
N SER C 143 -3.71 -21.21 7.72
CA SER C 143 -2.30 -20.84 8.03
C SER C 143 -1.60 -20.32 6.78
N THR C 144 -2.24 -19.38 6.06
CA THR C 144 -1.84 -18.91 4.72
C THR C 144 -0.37 -18.45 4.73
N MET C 145 -0.05 -17.48 5.57
CA MET C 145 1.32 -16.90 5.63
C MET C 145 2.30 -17.99 6.09
N GLU C 146 1.87 -18.87 7.01
CA GLU C 146 2.82 -19.79 7.69
C GLU C 146 3.19 -20.91 6.72
N GLN C 147 2.25 -21.36 5.90
CA GLN C 147 2.56 -22.28 4.79
C GLN C 147 3.51 -21.60 3.79
N HIS C 148 3.35 -20.30 3.52
CA HIS C 148 4.27 -19.53 2.64
C HIS C 148 5.66 -19.46 3.29
N HIS C 149 5.77 -19.19 4.60
CA HIS C 149 7.05 -19.05 5.31
C HIS C 149 7.82 -20.36 5.15
N PHE C 150 7.15 -21.49 5.38
CA PHE C 150 7.76 -22.83 5.27
C PHE C 150 8.19 -23.11 3.83
N SER C 151 7.31 -22.75 2.89
CA SER C 151 7.57 -22.80 1.43
C SER C 151 8.81 -21.97 1.09
N GLN C 152 8.86 -20.71 1.53
CA GLN C 152 10.05 -19.83 1.29
C GLN C 152 11.30 -20.52 1.86
N THR C 153 11.19 -21.16 3.04
CA THR C 153 12.33 -21.84 3.72
C THR C 153 12.90 -22.94 2.81
N VAL C 154 12.06 -23.77 2.23
CA VAL C 154 12.47 -24.94 1.39
C VAL C 154 13.11 -24.42 0.10
N SER C 155 12.60 -23.32 -0.46
CA SER C 155 13.22 -22.62 -1.62
C SER C 155 14.68 -22.25 -1.29
N ILE C 156 14.95 -21.67 -0.13
CA ILE C 156 16.32 -21.19 0.21
C ILE C 156 17.22 -22.44 0.38
N LEU C 157 16.72 -23.50 1.02
CA LEU C 157 17.50 -24.76 1.22
C LEU C 157 17.94 -25.38 -0.11
N GLN C 158 17.15 -25.21 -1.17
CA GLN C 158 17.36 -25.84 -2.50
C GLN C 158 18.21 -24.95 -3.42
N LEU C 159 18.48 -23.69 -3.06
CA LEU C 159 19.47 -22.83 -3.76
C LEU C 159 20.84 -23.54 -3.73
N GLU C 160 21.66 -23.38 -4.79
CA GLU C 160 23.03 -23.96 -4.89
C GLU C 160 23.84 -23.44 -3.69
N GLY C 161 24.51 -24.33 -2.96
CA GLY C 161 25.38 -24.00 -1.83
C GLY C 161 24.65 -23.76 -0.50
N HIS C 162 23.32 -23.85 -0.46
CA HIS C 162 22.51 -23.40 0.70
C HIS C 162 22.03 -24.59 1.53
N ASN C 163 22.24 -25.83 1.08
CA ASN C 163 21.70 -27.03 1.79
C ASN C 163 22.54 -27.29 3.04
N ILE C 164 22.20 -26.60 4.14
CA ILE C 164 22.87 -26.71 5.47
C ILE C 164 22.61 -28.10 6.08
N PHE C 165 21.72 -28.92 5.51
CA PHE C 165 21.37 -30.27 6.04
C PHE C 165 21.95 -31.38 5.14
N SER C 166 22.88 -31.06 4.24
CA SER C 166 23.41 -32.01 3.21
C SER C 166 24.15 -33.19 3.86
N THR C 167 24.72 -33.00 5.05
CA THR C 167 25.44 -34.05 5.82
C THR C 167 24.45 -35.05 6.44
N LEU C 168 23.20 -34.67 6.69
CA LEU C 168 22.18 -35.59 7.29
C LEU C 168 21.97 -36.75 6.33
N SER C 169 21.44 -37.88 6.81
CA SER C 169 20.91 -39.00 5.99
C SER C 169 19.54 -38.61 5.42
N SER C 170 19.05 -39.35 4.43
CA SER C 170 17.70 -39.15 3.82
C SER C 170 16.63 -39.12 4.93
N SER C 171 16.74 -39.99 5.94
CA SER C 171 15.72 -40.17 7.00
C SER C 171 15.73 -38.96 7.95
N GLU C 172 16.92 -38.62 8.45
CA GLU C 172 17.20 -37.42 9.28
C GLU C 172 16.75 -36.15 8.54
N TYR C 173 17.06 -36.04 7.24
CA TYR C 173 16.70 -34.90 6.36
C TYR C 173 15.18 -34.70 6.39
N GLU C 174 14.46 -35.79 6.13
CA GLU C 174 12.98 -35.89 6.15
C GLU C 174 12.43 -35.46 7.51
N GLN C 175 13.03 -35.95 8.58
CA GLN C 175 12.59 -35.63 9.97
C GLN C 175 12.80 -34.14 10.23
N VAL C 176 13.99 -33.62 9.99
CA VAL C 176 14.30 -32.23 10.42
C VAL C 176 13.38 -31.29 9.62
N LEU C 177 13.15 -31.59 8.35
CA LEU C 177 12.29 -30.76 7.47
C LEU C 177 10.85 -30.81 8.01
N GLU C 178 10.45 -31.95 8.56
CA GLU C 178 9.12 -32.13 9.20
C GLU C 178 9.06 -31.39 10.56
N ILE C 179 10.12 -31.45 11.37
CA ILE C 179 10.20 -30.65 12.62
C ILE C 179 10.02 -29.17 12.25
N ILE C 180 10.69 -28.69 11.20
CA ILE C 180 10.68 -27.27 10.76
C ILE C 180 9.26 -26.92 10.29
N ARG C 181 8.65 -27.74 9.44
CA ARG C 181 7.27 -27.49 8.93
C ARG C 181 6.29 -27.34 10.11
N LYS C 182 6.17 -28.36 10.97
CA LYS C 182 5.20 -28.33 12.10
C LYS C 182 5.41 -27.08 12.97
N ALA C 183 6.67 -26.77 13.30
CA ALA C 183 7.10 -25.63 14.15
C ALA C 183 6.60 -24.30 13.56
N ILE C 184 6.80 -24.10 12.26
CA ILE C 184 6.44 -22.84 11.54
C ILE C 184 4.92 -22.74 11.46
N ILE C 185 4.23 -23.80 11.07
CA ILE C 185 2.75 -23.81 11.07
C ILE C 185 2.25 -23.44 12.48
N ALA C 186 2.93 -23.93 13.51
CA ALA C 186 2.54 -23.69 14.92
C ALA C 186 2.49 -22.19 15.25
N THR C 187 3.26 -21.34 14.55
CA THR C 187 3.32 -19.88 14.80
C THR C 187 2.05 -19.19 14.28
N ASP C 188 1.16 -19.92 13.62
CA ASP C 188 -0.22 -19.43 13.35
C ASP C 188 -0.95 -19.37 14.70
N LEU C 189 -1.15 -18.17 15.23
CA LEU C 189 -1.80 -17.95 16.55
C LEU C 189 -3.20 -18.57 16.58
N ALA C 190 -3.88 -18.69 15.44
CA ALA C 190 -5.21 -19.33 15.38
C ALA C 190 -5.12 -20.80 15.84
N LEU C 191 -3.98 -21.47 15.63
CA LEU C 191 -3.80 -22.88 16.04
C LEU C 191 -3.36 -22.95 17.50
N TYR C 192 -2.81 -21.88 18.05
CA TYR C 192 -2.27 -21.84 19.44
C TYR C 192 -3.36 -22.25 20.45
N PHE C 193 -4.60 -21.81 20.29
CA PHE C 193 -5.66 -21.93 21.34
C PHE C 193 -6.01 -23.41 21.55
N GLY C 194 -6.24 -24.12 20.44
CA GLY C 194 -6.44 -25.58 20.42
C GLY C 194 -5.22 -26.30 20.98
N ASN C 195 -4.02 -25.95 20.53
CA ASN C 195 -2.77 -26.65 20.93
C ASN C 195 -2.64 -26.57 22.45
N ARG C 196 -2.74 -25.35 22.99
CA ARG C 196 -2.49 -25.08 24.43
C ARG C 196 -3.52 -25.84 25.28
N LYS C 197 -4.77 -25.90 24.83
CA LYS C 197 -5.87 -26.56 25.58
C LYS C 197 -5.62 -28.07 25.62
N GLN C 198 -5.23 -28.68 24.50
CA GLN C 198 -4.89 -30.12 24.45
C GLN C 198 -3.70 -30.37 25.38
N LEU C 199 -2.65 -29.56 25.27
CA LEU C 199 -1.41 -29.74 26.04
C LEU C 199 -1.72 -29.64 27.52
N GLU C 200 -2.60 -28.70 27.88
CA GLU C 200 -2.98 -28.39 29.28
C GLU C 200 -3.69 -29.61 29.86
N GLU C 201 -4.66 -30.17 29.14
CA GLU C 201 -5.38 -31.40 29.54
C GLU C 201 -4.40 -32.58 29.66
N MET C 202 -3.36 -32.66 28.82
CA MET C 202 -2.42 -33.80 28.85
C MET C 202 -1.56 -33.70 30.12
N TYR C 203 -1.06 -32.51 30.41
CA TYR C 203 -0.23 -32.22 31.61
C TYR C 203 -1.04 -32.56 32.89
N GLN C 204 -2.25 -32.02 33.00
CA GLN C 204 -3.09 -32.05 34.21
C GLN C 204 -3.58 -33.49 34.48
N THR C 205 -3.94 -34.24 33.43
CA THR C 205 -4.38 -35.66 33.52
C THR C 205 -3.15 -36.55 33.71
N GLY C 206 -1.95 -36.03 33.43
CA GLY C 206 -0.68 -36.77 33.58
C GLY C 206 -0.45 -37.72 32.41
N SER C 207 -1.18 -37.53 31.31
CA SER C 207 -1.05 -38.34 30.06
C SER C 207 0.11 -37.80 29.21
N LEU C 208 0.66 -36.63 29.56
CA LEU C 208 1.74 -36.01 28.75
C LEU C 208 2.95 -36.95 28.74
N ASN C 209 3.50 -37.24 27.57
CA ASN C 209 4.62 -38.21 27.43
C ASN C 209 5.54 -37.72 26.31
N LEU C 210 6.74 -37.28 26.64
CA LEU C 210 7.73 -36.75 25.65
C LEU C 210 8.27 -37.88 24.79
N ASN C 211 7.94 -39.15 25.08
CA ASN C 211 8.30 -40.31 24.22
C ASN C 211 7.27 -40.45 23.10
N ASN C 212 6.11 -39.81 23.21
CA ASN C 212 5.06 -39.82 22.16
C ASN C 212 5.31 -38.62 21.23
N GLN C 213 5.49 -38.87 19.92
CA GLN C 213 5.89 -37.86 18.90
C GLN C 213 4.84 -36.75 18.80
N SER C 214 3.55 -37.12 18.77
CA SER C 214 2.47 -36.11 18.67
C SER C 214 2.45 -35.25 19.95
N HIS C 215 2.82 -35.80 21.12
CA HIS C 215 2.97 -35.01 22.36
C HIS C 215 4.15 -34.06 22.19
N ARG C 216 5.28 -34.58 21.71
CA ARG C 216 6.50 -33.77 21.48
C ARG C 216 6.14 -32.60 20.54
N ASP C 217 5.43 -32.90 19.45
CA ASP C 217 5.02 -31.92 18.43
C ASP C 217 4.22 -30.80 19.10
N ARG C 218 3.25 -31.17 19.95
CA ARG C 218 2.39 -30.18 20.67
C ARG C 218 3.25 -29.30 21.59
N VAL C 219 4.19 -29.89 22.34
CA VAL C 219 5.14 -29.12 23.19
C VAL C 219 5.98 -28.17 22.32
N ILE C 220 6.49 -28.65 21.17
CA ILE C 220 7.38 -27.82 20.34
C ILE C 220 6.54 -26.66 19.81
N GLY C 221 5.26 -26.93 19.50
CA GLY C 221 4.32 -25.91 19.00
C GLY C 221 4.15 -24.78 19.98
N LEU C 222 3.93 -25.12 21.26
CA LEU C 222 3.79 -24.14 22.36
C LEU C 222 5.11 -23.37 22.51
N MET C 223 6.24 -24.06 22.41
CA MET C 223 7.57 -23.40 22.50
C MET C 223 7.68 -22.33 21.40
N MET C 224 7.19 -22.62 20.19
CA MET C 224 7.24 -21.68 19.02
C MET C 224 6.33 -20.48 19.32
N THR C 225 5.17 -20.72 19.93
CA THR C 225 4.25 -19.62 20.27
C THR C 225 4.96 -18.71 21.27
N ALA C 226 5.53 -19.31 22.31
CA ALA C 226 6.23 -18.61 23.42
C ALA C 226 7.31 -17.71 22.83
N CYS C 227 8.12 -18.25 21.90
CA CYS C 227 9.25 -17.54 21.24
C CYS C 227 8.71 -16.38 20.38
N ASP C 228 7.62 -16.62 19.66
CA ASP C 228 7.00 -15.66 18.74
C ASP C 228 6.47 -14.48 19.55
N LEU C 229 5.89 -14.74 20.73
CA LEU C 229 5.26 -13.70 21.56
C LEU C 229 6.28 -13.01 22.46
N CYS C 230 7.59 -13.29 22.32
CA CYS C 230 8.55 -13.06 23.44
C CYS C 230 8.71 -11.56 23.74
N SER C 231 8.21 -10.66 22.89
CA SER C 231 8.30 -9.20 23.17
C SER C 231 7.59 -8.88 24.49
N VAL C 232 6.56 -9.65 24.87
CA VAL C 232 5.82 -9.45 26.15
C VAL C 232 6.63 -9.98 27.34
N THR C 233 7.83 -10.53 27.11
CA THR C 233 8.65 -11.14 28.20
C THR C 233 9.97 -10.40 28.34
N LYS C 234 10.10 -9.26 27.68
CA LYS C 234 11.27 -8.36 27.82
C LYS C 234 11.06 -7.44 29.02
N LEU C 235 12.12 -6.70 29.36
CA LEU C 235 12.05 -5.61 30.37
C LEU C 235 11.14 -4.53 29.77
N TRP C 236 10.39 -3.82 30.63
CA TRP C 236 9.28 -2.91 30.22
C TRP C 236 9.72 -1.93 29.11
N PRO C 237 10.89 -1.27 29.21
CA PRO C 237 11.27 -0.30 28.18
C PRO C 237 11.31 -0.91 26.77
N VAL C 238 11.85 -2.11 26.63
CA VAL C 238 11.85 -2.87 25.34
C VAL C 238 10.42 -3.25 24.96
N THR C 239 9.62 -3.75 25.91
CA THR C 239 8.25 -4.26 25.65
C THR C 239 7.38 -3.13 25.09
N LYS C 240 7.44 -1.96 25.73
CA LYS C 240 6.74 -0.71 25.34
C LYS C 240 7.19 -0.25 23.94
N LEU C 241 8.49 -0.16 23.69
CA LEU C 241 9.00 0.28 22.36
C LEU C 241 8.61 -0.73 21.27
N THR C 242 8.78 -2.02 21.50
CA THR C 242 8.33 -3.06 20.52
C THR C 242 6.83 -2.90 20.23
N ALA C 243 6.01 -2.56 21.23
CA ALA C 243 4.54 -2.39 21.06
C ALA C 243 4.24 -1.34 19.97
N ASN C 244 5.10 -0.32 19.84
CA ASN C 244 4.98 0.74 18.80
C ASN C 244 5.08 0.12 17.41
N ASP C 245 6.05 -0.79 17.23
CA ASP C 245 6.32 -1.46 15.93
C ASP C 245 5.18 -2.41 15.60
N ILE C 246 4.69 -3.17 16.59
CA ILE C 246 3.56 -4.11 16.38
C ILE C 246 2.35 -3.30 15.91
N TYR C 247 2.01 -2.22 16.61
CA TYR C 247 0.81 -1.40 16.31
C TYR C 247 1.01 -0.67 14.97
N ALA C 248 2.23 -0.22 14.63
CA ALA C 248 2.50 0.41 13.32
C ALA C 248 1.99 -0.53 12.22
N GLU C 249 2.26 -1.83 12.32
CA GLU C 249 1.79 -2.80 11.30
C GLU C 249 0.28 -2.94 11.39
N PHE C 250 -0.25 -3.11 12.61
CA PHE C 250 -1.71 -3.34 12.81
C PHE C 250 -2.48 -2.17 12.23
N TRP C 251 -2.04 -0.95 12.53
CA TRP C 251 -2.75 0.27 12.09
C TRP C 251 -2.69 0.36 10.55
N ALA C 252 -1.58 -0.03 9.94
CA ALA C 252 -1.45 -0.04 8.46
C ALA C 252 -2.44 -1.03 7.87
N GLU C 253 -2.63 -2.18 8.52
CA GLU C 253 -3.60 -3.23 8.09
C GLU C 253 -5.03 -2.69 8.22
N GLY C 254 -5.34 -2.04 9.33
CA GLY C 254 -6.62 -1.34 9.54
C GLY C 254 -6.91 -0.34 8.41
N ASP C 255 -5.93 0.50 8.08
CA ASP C 255 -6.07 1.48 6.96
C ASP C 255 -6.42 0.69 5.69
N GLU C 256 -5.78 -0.44 5.45
CA GLU C 256 -5.99 -1.22 4.19
C GLU C 256 -7.36 -1.89 4.23
N MET C 257 -7.81 -2.29 5.42
CA MET C 257 -9.14 -2.90 5.68
C MET C 257 -10.19 -1.84 5.32
N LYS C 258 -9.95 -0.59 5.72
CA LYS C 258 -10.84 0.56 5.40
C LYS C 258 -10.88 0.76 3.89
N LYS C 259 -9.76 0.56 3.20
CA LYS C 259 -9.69 0.73 1.74
C LYS C 259 -10.42 -0.40 1.03
N LEU C 260 -10.68 -1.52 1.71
CA LEU C 260 -11.48 -2.64 1.15
C LEU C 260 -12.97 -2.41 1.39
N GLY C 261 -13.34 -1.48 2.27
CA GLY C 261 -14.73 -1.22 2.69
C GLY C 261 -15.14 -2.02 3.92
N ILE C 262 -14.19 -2.48 4.73
CA ILE C 262 -14.47 -3.30 5.95
C ILE C 262 -13.94 -2.57 7.17
N GLN C 263 -14.79 -2.32 8.15
CA GLN C 263 -14.37 -1.75 9.46
C GLN C 263 -13.43 -2.78 10.08
N PRO C 264 -12.24 -2.37 10.52
CA PRO C 264 -11.30 -3.30 11.14
C PRO C 264 -11.64 -3.49 12.63
N ILE C 265 -11.09 -4.52 13.25
CA ILE C 265 -11.20 -4.76 14.71
C ILE C 265 -10.50 -3.60 15.42
N PRO C 266 -10.95 -3.20 16.64
CA PRO C 266 -10.36 -2.05 17.33
C PRO C 266 -8.82 -2.07 17.40
N MET C 267 -8.25 -3.27 17.56
CA MET C 267 -6.79 -3.52 17.65
C MET C 267 -6.07 -2.91 16.44
N MET C 268 -6.70 -2.94 15.25
CA MET C 268 -6.07 -2.55 13.96
C MET C 268 -6.58 -1.17 13.50
N ASP C 269 -7.35 -0.46 14.32
CA ASP C 269 -7.95 0.86 13.96
C ASP C 269 -7.19 1.95 14.70
N ARG C 270 -6.48 2.82 13.99
CA ARG C 270 -5.63 3.87 14.61
C ARG C 270 -6.49 4.94 15.32
N ASP C 271 -7.72 5.20 14.88
CA ASP C 271 -8.62 6.17 15.55
C ASP C 271 -8.85 5.74 17.01
N LYS C 272 -8.68 4.45 17.32
CA LYS C 272 -8.88 3.88 18.68
C LYS C 272 -7.54 3.55 19.36
N LYS C 273 -6.53 4.42 19.27
CA LYS C 273 -5.23 4.29 20.00
C LYS C 273 -5.46 4.40 21.51
N ASP C 274 -6.50 5.10 21.96
CA ASP C 274 -6.76 5.39 23.40
C ASP C 274 -7.05 4.08 24.15
N GLU C 275 -7.64 3.08 23.48
CA GLU C 275 -8.04 1.76 24.07
C GLU C 275 -6.88 0.74 23.97
N VAL C 276 -5.63 1.19 23.78
CA VAL C 276 -4.46 0.27 23.57
C VAL C 276 -4.17 -0.40 24.91
N PRO C 277 -4.03 0.34 26.04
CA PRO C 277 -3.70 -0.29 27.33
C PRO C 277 -4.71 -1.39 27.70
N GLN C 278 -6.00 -1.10 27.62
CA GLN C 278 -7.11 -2.07 27.81
C GLN C 278 -6.89 -3.25 26.87
N GLY C 279 -6.42 -2.98 25.65
CA GLY C 279 -6.24 -4.00 24.60
C GLY C 279 -5.12 -4.95 24.96
N GLN C 280 -4.05 -4.43 25.57
CA GLN C 280 -2.87 -5.22 25.97
C GLN C 280 -3.30 -6.12 27.13
N LEU C 281 -3.93 -5.54 28.16
CA LEU C 281 -4.55 -6.30 29.29
C LEU C 281 -5.26 -7.56 28.77
N GLY C 282 -6.24 -7.36 27.89
CA GLY C 282 -7.01 -8.47 27.32
C GLY C 282 -6.07 -9.47 26.68
N PHE C 283 -5.08 -8.99 25.92
CA PHE C 283 -4.14 -9.86 25.17
C PHE C 283 -3.37 -10.73 26.18
N TYR C 284 -2.86 -10.13 27.26
CA TYR C 284 -2.05 -10.83 28.28
C TYR C 284 -2.93 -11.85 29.02
N ASN C 285 -4.15 -11.44 29.37
CA ASN C 285 -5.10 -12.30 30.12
C ASN C 285 -5.45 -13.52 29.26
N ALA C 286 -5.85 -13.29 28.01
CA ALA C 286 -6.41 -14.32 27.10
C ALA C 286 -5.30 -15.14 26.40
N VAL C 287 -4.10 -14.61 26.17
CA VAL C 287 -3.12 -15.24 25.24
C VAL C 287 -1.78 -15.47 25.95
N ALA C 288 -1.08 -14.40 26.27
CA ALA C 288 0.33 -14.47 26.73
C ALA C 288 0.44 -15.23 28.07
N ILE C 289 -0.32 -14.81 29.10
CA ILE C 289 -0.23 -15.44 30.46
C ILE C 289 -0.55 -16.93 30.35
N PRO C 290 -1.70 -17.38 29.79
CA PRO C 290 -1.97 -18.81 29.63
C PRO C 290 -0.84 -19.59 28.94
N CYS C 291 -0.25 -18.99 27.90
CA CYS C 291 0.82 -19.58 27.07
C CYS C 291 2.06 -19.84 27.93
N TYR C 292 2.58 -18.82 28.60
CA TYR C 292 3.79 -18.93 29.45
C TYR C 292 3.49 -19.75 30.72
N THR C 293 2.23 -19.81 31.15
CA THR C 293 1.79 -20.61 32.32
C THR C 293 1.92 -22.10 31.99
N THR C 294 1.36 -22.52 30.87
CA THR C 294 1.45 -23.91 30.37
C THR C 294 2.91 -24.29 30.09
N LEU C 295 3.69 -23.43 29.43
CA LEU C 295 5.11 -23.73 29.10
C LEU C 295 5.91 -23.92 30.40
N THR C 296 5.63 -23.14 31.43
CA THR C 296 6.32 -23.26 32.75
C THR C 296 5.93 -24.58 33.42
N GLN C 297 4.67 -25.00 33.35
CA GLN C 297 4.21 -26.31 33.88
C GLN C 297 5.04 -27.43 33.23
N ILE C 298 5.18 -27.39 31.91
CA ILE C 298 5.81 -28.50 31.13
C ILE C 298 7.32 -28.35 31.20
N LEU C 299 7.85 -27.13 31.23
CA LEU C 299 9.31 -26.85 31.28
C LEU C 299 9.58 -25.81 32.34
N PRO C 300 9.68 -26.23 33.63
CA PRO C 300 9.88 -25.29 34.74
C PRO C 300 11.00 -24.27 34.55
N PRO C 301 12.17 -24.60 33.95
CA PRO C 301 13.25 -23.61 33.78
C PRO C 301 12.97 -22.45 32.80
N THR C 302 11.80 -22.42 32.15
CA THR C 302 11.30 -21.30 31.31
C THR C 302 10.46 -20.34 32.16
N GLU C 303 10.50 -20.47 33.49
CA GLU C 303 9.76 -19.65 34.48
C GLU C 303 10.00 -18.15 34.25
N PRO C 304 11.25 -17.70 34.05
CA PRO C 304 11.53 -16.27 33.85
C PRO C 304 10.69 -15.60 32.77
N LEU C 305 10.29 -16.33 31.72
CA LEU C 305 9.39 -15.80 30.68
C LEU C 305 8.04 -15.49 31.31
N LEU C 306 7.47 -16.40 32.11
CA LEU C 306 6.15 -16.15 32.76
C LEU C 306 6.27 -14.92 33.66
N LYS C 307 7.35 -14.82 34.44
CA LYS C 307 7.54 -13.75 35.45
C LYS C 307 7.62 -12.39 34.73
N ALA C 308 8.40 -12.29 33.66
CA ALA C 308 8.58 -11.02 32.90
C ALA C 308 7.25 -10.60 32.28
N CYS C 309 6.46 -11.58 31.80
CA CYS C 309 5.11 -11.38 31.22
C CYS C 309 4.17 -10.83 32.31
N ARG C 310 4.19 -11.41 33.54
CA ARG C 310 3.41 -10.88 34.69
CA ARG C 310 3.43 -10.89 34.71
C ARG C 310 3.91 -9.47 35.07
N ASP C 311 5.22 -9.24 35.08
CA ASP C 311 5.78 -7.89 35.36
C ASP C 311 5.21 -6.86 34.36
N ASN C 312 5.18 -7.22 33.07
CA ASN C 312 4.67 -6.34 31.98
C ASN C 312 3.16 -6.15 32.13
N LEU C 313 2.41 -7.20 32.48
CA LEU C 313 0.94 -7.13 32.68
C LEU C 313 0.69 -6.06 33.75
N SER C 314 1.50 -6.05 34.81
CA SER C 314 1.45 -5.07 35.94
C SER C 314 1.72 -3.64 35.40
N GLN C 315 2.68 -3.47 34.48
CA GLN C 315 2.98 -2.17 33.84
C GLN C 315 1.77 -1.65 33.08
N TRP C 316 1.13 -2.47 32.24
CA TRP C 316 -0.04 -2.05 31.42
C TRP C 316 -1.19 -1.66 32.34
N GLU C 317 -1.33 -2.32 33.49
CA GLU C 317 -2.34 -2.01 34.55
C GLU C 317 -2.04 -0.63 35.15
N LYS C 318 -0.76 -0.32 35.41
CA LYS C 318 -0.28 1.01 35.91
C LYS C 318 -0.51 2.09 34.85
N VAL C 319 -0.37 1.75 33.56
CA VAL C 319 -0.69 2.68 32.43
C VAL C 319 -2.20 2.94 32.41
N ILE C 320 -3.03 1.91 32.59
CA ILE C 320 -4.52 2.00 32.56
C ILE C 320 -5.01 2.87 33.74
N ARG C 321 -4.22 3.03 34.80
CA ARG C 321 -4.64 3.82 35.99
C ARG C 321 -4.00 5.21 35.94
N GLY C 322 -3.55 5.67 34.76
CA GLY C 322 -2.95 7.00 34.54
C GLY C 322 -1.68 7.23 35.35
N GLU C 323 -0.92 6.17 35.67
CA GLU C 323 0.40 6.25 36.36
C GLU C 323 1.54 6.22 35.33
N GLU C 324 1.23 5.92 34.06
CA GLU C 324 2.13 6.07 32.87
C GLU C 324 1.29 5.91 31.59
N LEU D 13 -38.15 -41.32 -5.10
CA LEU D 13 -36.91 -41.75 -5.85
C LEU D 13 -37.09 -41.49 -7.36
N MET D 14 -38.01 -40.60 -7.72
CA MET D 14 -38.54 -40.43 -9.10
C MET D 14 -38.11 -39.07 -9.67
N GLN D 15 -36.82 -38.91 -10.00
CA GLN D 15 -36.20 -37.59 -10.33
C GLN D 15 -36.38 -37.26 -11.82
N PHE D 16 -36.27 -35.97 -12.18
CA PHE D 16 -36.23 -35.52 -13.58
C PHE D 16 -34.78 -35.45 -14.05
N THR D 17 -34.55 -35.94 -15.27
CA THR D 17 -33.26 -35.86 -15.99
C THR D 17 -33.53 -35.07 -17.27
N LEU D 18 -32.63 -34.16 -17.64
CA LEU D 18 -32.70 -33.40 -18.91
C LEU D 18 -31.76 -34.06 -19.91
N PRO D 19 -31.94 -33.80 -21.21
CA PRO D 19 -30.94 -34.17 -22.21
C PRO D 19 -29.56 -33.57 -21.87
N VAL D 20 -28.49 -34.22 -22.34
CA VAL D 20 -27.08 -33.87 -21.98
C VAL D 20 -26.87 -32.36 -22.19
N ARG D 21 -27.27 -31.79 -23.33
CA ARG D 21 -26.98 -30.36 -23.62
C ARG D 21 -27.65 -29.47 -22.58
N LEU D 22 -28.94 -29.74 -22.29
CA LEU D 22 -29.78 -28.94 -21.35
C LEU D 22 -29.29 -29.14 -19.91
N CYS D 23 -28.97 -30.39 -19.57
CA CYS D 23 -28.34 -30.78 -18.29
C CYS D 23 -27.09 -29.91 -18.04
N LYS D 24 -26.23 -29.74 -19.05
CA LYS D 24 -24.96 -28.97 -18.91
C LYS D 24 -25.23 -27.46 -19.01
N GLU D 25 -26.06 -27.00 -19.96
CA GLU D 25 -26.18 -25.56 -20.28
C GLU D 25 -27.08 -24.86 -19.25
N ILE D 26 -27.94 -25.61 -18.54
CA ILE D 26 -28.92 -25.05 -17.56
C ILE D 26 -28.16 -24.44 -16.38
N GLU D 27 -26.91 -24.84 -16.19
CA GLU D 27 -26.02 -24.32 -15.12
C GLU D 27 -25.49 -22.94 -15.55
N LEU D 28 -25.49 -22.59 -16.84
CA LEU D 28 -25.03 -21.25 -17.32
C LEU D 28 -26.13 -20.19 -17.09
N PHE D 29 -25.74 -19.01 -16.62
CA PHE D 29 -26.65 -17.84 -16.41
C PHE D 29 -27.42 -17.47 -17.69
N HIS D 30 -26.82 -17.63 -18.87
CA HIS D 30 -27.39 -17.15 -20.17
C HIS D 30 -28.21 -18.26 -20.84
N PHE D 31 -28.36 -19.43 -20.21
CA PHE D 31 -29.22 -20.52 -20.73
C PHE D 31 -30.60 -19.96 -21.18
N ASP D 32 -31.05 -20.40 -22.36
CA ASP D 32 -32.39 -20.13 -22.91
C ASP D 32 -33.19 -21.42 -22.84
N ILE D 33 -34.41 -21.41 -22.29
CA ILE D 33 -35.21 -22.64 -21.97
C ILE D 33 -35.80 -23.28 -23.24
N GLY D 34 -35.65 -22.63 -24.40
CA GLY D 34 -36.04 -23.18 -25.71
C GLY D 34 -37.53 -22.99 -26.02
N PRO D 35 -37.97 -23.46 -27.21
CA PRO D 35 -39.32 -23.15 -27.71
C PRO D 35 -40.39 -24.21 -27.40
N PHE D 36 -39.99 -25.38 -26.87
CA PHE D 36 -40.89 -26.51 -26.52
C PHE D 36 -41.52 -26.29 -25.13
N GLU D 37 -42.74 -25.73 -25.10
CA GLU D 37 -43.53 -25.40 -23.88
C GLU D 37 -43.68 -26.64 -22.97
N ASN D 38 -43.87 -27.81 -23.57
CA ASN D 38 -44.17 -29.07 -22.86
C ASN D 38 -43.00 -29.50 -21.96
N MET D 39 -41.77 -28.99 -22.17
CA MET D 39 -40.59 -29.38 -21.33
C MET D 39 -40.34 -28.38 -20.19
N TRP D 40 -41.00 -27.22 -20.18
CA TRP D 40 -40.77 -26.13 -19.19
C TRP D 40 -41.15 -26.60 -17.79
N PRO D 41 -42.31 -27.26 -17.55
CA PRO D 41 -42.55 -27.85 -16.24
C PRO D 41 -41.39 -28.76 -15.80
N GLY D 42 -40.97 -29.70 -16.65
CA GLY D 42 -39.89 -30.63 -16.28
C GLY D 42 -38.57 -29.91 -16.00
N ILE D 43 -38.32 -28.79 -16.69
CA ILE D 43 -37.11 -27.96 -16.44
C ILE D 43 -37.26 -27.30 -15.07
N PHE D 44 -38.47 -26.89 -14.70
CA PHE D 44 -38.70 -26.19 -13.42
C PHE D 44 -38.42 -27.16 -12.27
N VAL D 45 -39.09 -28.33 -12.29
CA VAL D 45 -38.99 -29.39 -11.25
C VAL D 45 -37.52 -29.82 -11.11
N TYR D 46 -36.82 -29.99 -12.24
CA TYR D 46 -35.36 -30.30 -12.26
C TYR D 46 -34.65 -29.30 -11.36
N MET D 47 -34.85 -27.99 -11.63
CA MET D 47 -34.19 -26.87 -10.89
C MET D 47 -34.58 -26.92 -9.41
N VAL D 48 -35.85 -27.15 -9.08
CA VAL D 48 -36.33 -27.21 -7.67
C VAL D 48 -35.64 -28.39 -6.98
N HIS D 49 -35.45 -29.52 -7.66
CA HIS D 49 -34.80 -30.71 -7.06
C HIS D 49 -33.34 -30.41 -6.72
N ARG D 50 -32.56 -29.89 -7.67
CA ARG D 50 -31.11 -29.59 -7.46
C ARG D 50 -30.92 -28.39 -6.53
N SER D 51 -31.83 -27.43 -6.54
CA SER D 51 -31.65 -26.12 -5.87
C SER D 51 -31.98 -26.30 -4.39
N CYS D 52 -33.01 -27.10 -4.15
CA CYS D 52 -33.75 -27.15 -2.87
C CYS D 52 -33.50 -28.51 -2.23
N GLY D 53 -33.78 -29.57 -2.98
CA GLY D 53 -33.61 -30.99 -2.58
C GLY D 53 -34.74 -31.83 -3.15
N THR D 54 -34.51 -33.13 -3.36
CA THR D 54 -35.45 -34.05 -4.04
C THR D 54 -36.78 -34.15 -3.29
N SER D 55 -36.80 -33.81 -2.00
CA SER D 55 -37.92 -34.01 -1.05
C SER D 55 -38.41 -32.67 -0.49
N CYS D 56 -37.99 -31.54 -1.06
CA CYS D 56 -38.47 -30.19 -0.69
C CYS D 56 -40.01 -30.11 -0.78
N PHE D 57 -40.58 -30.66 -1.85
CA PHE D 57 -42.04 -30.69 -2.07
C PHE D 57 -42.42 -32.12 -2.45
N GLU D 58 -43.62 -32.53 -2.05
CA GLU D 58 -44.32 -33.72 -2.58
C GLU D 58 -44.61 -33.47 -4.07
N LEU D 59 -44.17 -34.38 -4.95
CA LEU D 59 -44.17 -34.19 -6.43
C LEU D 59 -45.60 -34.02 -6.98
N GLU D 60 -46.60 -34.74 -6.46
CA GLU D 60 -48.01 -34.68 -6.94
C GLU D 60 -48.55 -33.25 -6.77
N LYS D 61 -48.43 -32.68 -5.57
CA LYS D 61 -48.84 -31.28 -5.24
C LYS D 61 -48.08 -30.28 -6.13
N LEU D 62 -46.78 -30.49 -6.29
CA LEU D 62 -45.88 -29.59 -7.06
C LEU D 62 -46.36 -29.55 -8.49
N CME D 63 -46.56 -30.72 -9.09
CA CME D 63 -46.91 -30.85 -10.52
CB CME D 63 -46.88 -32.27 -11.04
SG CME D 63 -45.25 -32.85 -11.59
SD CME D 63 -44.80 -31.66 -13.17
CE CME D 63 -45.84 -32.28 -14.52
CZ CME D 63 -45.02 -32.91 -15.62
OH CME D 63 -45.85 -33.51 -16.61
C CME D 63 -48.25 -30.13 -10.75
O CME D 63 -48.32 -29.33 -11.71
N ARG D 64 -49.21 -30.33 -9.86
CA ARG D 64 -50.54 -29.71 -10.06
C ARG D 64 -50.49 -28.22 -9.69
N PHE D 65 -49.59 -27.82 -8.77
CA PHE D 65 -49.29 -26.39 -8.50
C PHE D 65 -48.77 -25.72 -9.78
N ILE D 66 -47.84 -26.38 -10.46
CA ILE D 66 -47.20 -25.84 -11.70
C ILE D 66 -48.27 -25.69 -12.80
N MET D 67 -49.11 -26.71 -13.04
CA MET D 67 -50.08 -26.67 -14.17
C MET D 67 -51.20 -25.64 -13.86
N SER D 68 -51.49 -25.38 -12.58
CA SER D 68 -52.40 -24.28 -12.17
C SER D 68 -51.76 -22.91 -12.42
N VAL D 69 -50.47 -22.75 -12.04
CA VAL D 69 -49.72 -21.49 -12.31
C VAL D 69 -49.74 -21.23 -13.82
N LYS D 70 -49.24 -22.16 -14.63
CA LYS D 70 -49.27 -22.10 -16.12
C LYS D 70 -50.63 -21.60 -16.59
N LYS D 71 -51.70 -22.20 -16.08
CA LYS D 71 -53.08 -21.95 -16.56
C LYS D 71 -53.43 -20.47 -16.30
N ASN D 72 -52.81 -19.82 -15.33
CA ASN D 72 -53.18 -18.45 -14.87
C ASN D 72 -52.23 -17.41 -15.45
N TYR D 73 -51.24 -17.81 -16.24
CA TYR D 73 -50.54 -16.92 -17.20
C TYR D 73 -51.37 -16.82 -18.48
N ARG D 74 -51.44 -15.63 -19.07
CA ARG D 74 -52.23 -15.32 -20.28
C ARG D 74 -51.32 -15.40 -21.50
N ARG D 75 -51.91 -15.52 -22.70
CA ARG D 75 -51.20 -15.54 -23.99
C ARG D 75 -50.90 -14.09 -24.39
N VAL D 76 -49.93 -13.50 -23.71
CA VAL D 76 -49.45 -12.12 -23.98
C VAL D 76 -48.05 -12.25 -24.59
N PRO D 77 -47.59 -11.26 -25.38
CA PRO D 77 -46.32 -11.42 -26.11
C PRO D 77 -45.08 -11.67 -25.25
N TYR D 78 -45.01 -11.09 -24.03
CA TYR D 78 -43.81 -11.12 -23.17
C TYR D 78 -44.12 -11.65 -21.76
N HIS D 79 -45.09 -11.08 -21.03
CA HIS D 79 -45.41 -11.41 -19.61
C HIS D 79 -46.21 -12.72 -19.52
N ASN D 80 -45.59 -13.80 -19.97
CA ASN D 80 -46.30 -15.08 -20.26
C ASN D 80 -45.56 -16.20 -19.52
N TRP D 81 -46.02 -17.44 -19.71
CA TRP D 81 -45.47 -18.63 -19.03
C TRP D 81 -43.96 -18.74 -19.27
N LYS D 82 -43.49 -18.44 -20.48
CA LYS D 82 -42.06 -18.54 -20.84
C LYS D 82 -41.23 -17.60 -19.96
N HIS D 83 -41.70 -16.37 -19.77
CA HIS D 83 -41.12 -15.38 -18.84
C HIS D 83 -41.07 -15.91 -17.39
N ALA D 84 -42.12 -16.52 -16.88
CA ALA D 84 -42.18 -17.08 -15.50
C ALA D 84 -41.02 -18.08 -15.30
N VAL D 85 -40.79 -18.98 -16.24
CA VAL D 85 -39.78 -20.07 -16.07
C VAL D 85 -38.38 -19.48 -16.31
N THR D 86 -38.23 -18.58 -17.27
CA THR D 86 -36.95 -17.88 -17.57
C THR D 86 -36.46 -17.18 -16.31
N VAL D 87 -37.33 -16.41 -15.66
CA VAL D 87 -37.02 -15.72 -14.37
C VAL D 87 -36.63 -16.75 -13.29
N ALA D 88 -37.42 -17.80 -13.10
CA ALA D 88 -37.10 -18.91 -12.16
C ALA D 88 -35.72 -19.51 -12.47
N HIS D 89 -35.39 -19.75 -13.74
CA HIS D 89 -34.06 -20.29 -14.12
C HIS D 89 -32.91 -19.37 -13.62
N CYS D 90 -33.04 -18.06 -13.81
CA CYS D 90 -32.01 -17.08 -13.38
C CYS D 90 -31.85 -17.18 -11.86
N MET D 91 -32.94 -17.24 -11.10
CA MET D 91 -32.89 -17.39 -9.64
C MET D 91 -32.17 -18.71 -9.31
N TYR D 92 -32.51 -19.79 -10.02
CA TYR D 92 -31.83 -21.10 -9.90
C TYR D 92 -30.31 -20.92 -10.00
N ALA D 93 -29.83 -20.30 -11.09
CA ALA D 93 -28.41 -20.03 -11.39
C ALA D 93 -27.78 -19.26 -10.22
N ILE D 94 -28.44 -18.21 -9.76
CA ILE D 94 -27.99 -17.38 -8.61
C ILE D 94 -27.85 -18.27 -7.38
N LEU D 95 -28.89 -19.05 -7.05
CA LEU D 95 -28.92 -19.86 -5.80
C LEU D 95 -27.81 -20.92 -5.87
N GLN D 96 -27.66 -21.60 -7.00
CA GLN D 96 -26.66 -22.68 -7.16
C GLN D 96 -25.24 -22.12 -6.91
N ASN D 97 -24.98 -20.89 -7.33
CA ASN D 97 -23.62 -20.28 -7.35
C ASN D 97 -23.41 -19.47 -6.07
N ASN D 98 -24.38 -19.46 -5.15
CA ASN D 98 -24.30 -18.79 -3.82
C ASN D 98 -24.98 -19.65 -2.77
N HIS D 99 -24.83 -20.98 -2.83
CA HIS D 99 -25.73 -21.94 -2.13
C HIS D 99 -25.60 -21.80 -0.61
N THR D 100 -24.41 -21.52 -0.08
CA THR D 100 -24.14 -21.41 1.39
C THR D 100 -24.74 -20.14 1.98
N LEU D 101 -25.06 -19.13 1.17
CA LEU D 101 -25.57 -17.80 1.63
C LEU D 101 -27.07 -17.83 1.97
N PHE D 102 -27.85 -18.84 1.52
CA PHE D 102 -29.33 -18.81 1.59
C PHE D 102 -29.88 -20.01 2.37
N THR D 103 -30.91 -19.74 3.17
CA THR D 103 -31.58 -20.74 4.04
C THR D 103 -32.39 -21.70 3.15
N ASP D 104 -32.86 -22.80 3.74
CA ASP D 104 -33.68 -23.85 3.09
C ASP D 104 -35.04 -23.24 2.69
N LEU D 105 -35.65 -22.46 3.60
CA LEU D 105 -36.93 -21.71 3.40
C LEU D 105 -36.82 -20.73 2.21
N GLU D 106 -35.70 -20.02 2.09
CA GLU D 106 -35.44 -19.04 1.01
C GLU D 106 -35.32 -19.78 -0.34
N ARG D 107 -34.61 -20.92 -0.37
CA ARG D 107 -34.47 -21.77 -1.60
C ARG D 107 -35.87 -22.16 -2.10
N LYS D 108 -36.68 -22.79 -1.24
CA LYS D 108 -38.10 -23.17 -1.51
C LYS D 108 -38.88 -21.95 -2.00
N GLY D 109 -38.84 -20.86 -1.23
CA GLY D 109 -39.63 -19.64 -1.42
C GLY D 109 -39.35 -18.93 -2.74
N LEU D 110 -38.07 -18.70 -3.06
CA LEU D 110 -37.65 -17.77 -4.15
C LEU D 110 -37.91 -18.37 -5.53
N LEU D 111 -37.76 -19.69 -5.70
CA LEU D 111 -38.08 -20.36 -6.98
C LEU D 111 -39.58 -20.23 -7.27
N ILE D 112 -40.40 -20.47 -6.24
CA ILE D 112 -41.88 -20.39 -6.37
C ILE D 112 -42.19 -18.91 -6.68
N ALA D 113 -41.55 -17.98 -5.98
CA ALA D 113 -41.83 -16.52 -6.12
C ALA D 113 -41.63 -16.15 -7.59
N CYS D 114 -40.52 -16.57 -8.19
CA CYS D 114 -40.13 -16.22 -9.59
C CYS D 114 -41.17 -16.77 -10.58
N LEU D 115 -41.63 -18.00 -10.36
CA LEU D 115 -42.62 -18.70 -11.22
C LEU D 115 -43.95 -17.97 -11.16
N CYS D 116 -44.28 -17.42 -9.98
CA CYS D 116 -45.61 -16.82 -9.69
C CYS D 116 -45.56 -15.30 -9.86
N HIS D 117 -44.39 -14.71 -10.03
CA HIS D 117 -44.14 -13.23 -9.90
C HIS D 117 -44.98 -12.40 -10.86
N ASP D 118 -45.52 -12.98 -11.95
CA ASP D 118 -46.23 -12.19 -12.98
C ASP D 118 -47.61 -12.78 -13.25
N LEU D 119 -48.13 -13.61 -12.33
CA LEU D 119 -49.41 -14.36 -12.49
C LEU D 119 -50.53 -13.42 -12.96
N ASP D 120 -51.19 -13.77 -14.07
CA ASP D 120 -52.42 -13.10 -14.57
C ASP D 120 -52.08 -11.68 -15.04
N HIS D 121 -50.87 -11.49 -15.57
CA HIS D 121 -50.46 -10.24 -16.25
C HIS D 121 -51.29 -10.08 -17.53
N ARG D 122 -51.75 -8.85 -17.81
CA ARG D 122 -52.61 -8.51 -18.98
C ARG D 122 -51.79 -7.87 -20.10
N GLY D 123 -50.50 -7.66 -19.90
CA GLY D 123 -49.63 -7.01 -20.89
C GLY D 123 -49.55 -5.51 -20.64
N PHE D 124 -50.18 -5.00 -19.58
CA PHE D 124 -50.28 -3.54 -19.29
C PHE D 124 -49.57 -3.23 -17.96
N SER D 125 -48.84 -2.12 -17.95
CA SER D 125 -48.15 -1.51 -16.79
C SER D 125 -49.15 -0.97 -15.76
N ASN D 126 -48.68 -0.85 -14.51
CA ASN D 126 -49.41 -0.19 -13.39
C ASN D 126 -49.94 1.17 -13.85
N SER D 127 -49.11 1.95 -14.55
CA SER D 127 -49.45 3.31 -15.03
C SER D 127 -50.75 3.24 -15.81
N TYR D 128 -50.79 2.32 -16.78
CA TYR D 128 -51.92 2.22 -17.73
C TYR D 128 -53.17 1.86 -16.92
N LEU D 129 -53.05 0.91 -15.98
CA LEU D 129 -54.18 0.48 -15.12
C LEU D 129 -54.75 1.69 -14.38
N GLN D 130 -53.89 2.63 -13.97
CA GLN D 130 -54.32 3.85 -13.21
C GLN D 130 -54.99 4.82 -14.19
N LYS D 131 -54.46 5.00 -15.39
CA LYS D 131 -55.02 5.99 -16.35
C LYS D 131 -56.32 5.46 -16.94
N PHE D 132 -56.44 4.15 -17.09
CA PHE D 132 -57.68 3.45 -17.53
C PHE D 132 -58.73 3.56 -16.42
N ASP D 133 -58.27 3.54 -15.17
CA ASP D 133 -59.13 3.52 -13.95
C ASP D 133 -59.61 2.07 -13.75
N HIS D 134 -58.70 1.10 -13.88
CA HIS D 134 -59.00 -0.35 -13.74
C HIS D 134 -59.35 -0.67 -12.28
N PRO D 135 -60.35 -1.55 -12.03
CA PRO D 135 -60.72 -1.96 -10.67
C PRO D 135 -59.52 -2.36 -9.78
N LEU D 136 -58.50 -2.98 -10.38
CA LEU D 136 -57.22 -3.35 -9.69
C LEU D 136 -56.53 -2.10 -9.12
N ALA D 137 -56.59 -0.95 -9.80
CA ALA D 137 -55.95 0.30 -9.32
C ALA D 137 -56.70 0.82 -8.07
N ALA D 138 -57.98 0.51 -7.90
CA ALA D 138 -58.77 0.91 -6.71
C ALA D 138 -58.46 -0.03 -5.52
N LEU D 139 -58.23 -1.31 -5.78
CA LEU D 139 -57.98 -2.33 -4.73
C LEU D 139 -56.54 -2.20 -4.22
N TYR D 140 -55.60 -1.79 -5.11
CA TYR D 140 -54.13 -1.71 -4.88
C TYR D 140 -53.58 -0.41 -5.50
N SER D 141 -53.29 0.58 -4.66
CA SER D 141 -52.93 1.98 -5.05
C SER D 141 -51.49 2.05 -5.57
N THR D 142 -50.57 1.25 -5.00
CA THR D 142 -49.17 1.16 -5.47
C THR D 142 -48.82 -0.32 -5.72
N SER D 143 -47.83 -0.53 -6.58
CA SER D 143 -47.41 -1.87 -7.06
C SER D 143 -48.65 -2.69 -7.44
N THR D 144 -49.54 -2.09 -8.22
CA THR D 144 -50.89 -2.62 -8.48
C THR D 144 -50.77 -4.08 -8.93
N MET D 145 -50.13 -4.31 -10.07
CA MET D 145 -50.07 -5.66 -10.68
C MET D 145 -49.37 -6.62 -9.71
N GLU D 146 -48.31 -6.19 -9.02
CA GLU D 146 -47.48 -7.04 -8.11
C GLU D 146 -48.31 -7.52 -6.91
N GLN D 147 -49.24 -6.70 -6.40
CA GLN D 147 -50.12 -7.15 -5.29
C GLN D 147 -51.13 -8.19 -5.83
N HIS D 148 -51.64 -7.98 -7.06
CA HIS D 148 -52.50 -8.98 -7.75
C HIS D 148 -51.72 -10.29 -7.87
N HIS D 149 -50.49 -10.24 -8.39
CA HIS D 149 -49.64 -11.44 -8.62
C HIS D 149 -49.55 -12.26 -7.31
N PHE D 150 -49.29 -11.58 -6.21
CA PHE D 150 -49.17 -12.26 -4.89
C PHE D 150 -50.53 -12.82 -4.46
N SER D 151 -51.60 -12.05 -4.65
CA SER D 151 -53.00 -12.48 -4.37
C SER D 151 -53.32 -13.78 -5.11
N GLN D 152 -53.03 -13.82 -6.42
CA GLN D 152 -53.25 -15.00 -7.32
C GLN D 152 -52.43 -16.19 -6.82
N THR D 153 -51.17 -15.95 -6.46
CA THR D 153 -50.27 -16.98 -5.89
C THR D 153 -50.97 -17.64 -4.71
N VAL D 154 -51.58 -16.86 -3.80
CA VAL D 154 -52.22 -17.40 -2.55
C VAL D 154 -53.49 -18.16 -2.95
N SER D 155 -54.29 -17.61 -3.86
CA SER D 155 -55.50 -18.30 -4.40
C SER D 155 -55.12 -19.71 -4.82
N ILE D 156 -54.01 -19.88 -5.54
CA ILE D 156 -53.61 -21.20 -6.12
C ILE D 156 -53.10 -22.11 -5.01
N LEU D 157 -52.34 -21.58 -4.06
CA LEU D 157 -51.82 -22.39 -2.91
C LEU D 157 -53.00 -22.96 -2.10
N GLN D 158 -54.18 -22.35 -2.17
CA GLN D 158 -55.35 -22.70 -1.32
C GLN D 158 -56.29 -23.66 -2.08
N LEU D 159 -56.16 -23.77 -3.40
CA LEU D 159 -56.81 -24.86 -4.19
C LEU D 159 -56.53 -26.21 -3.51
N GLU D 160 -57.50 -27.15 -3.58
CA GLU D 160 -57.48 -28.50 -2.96
C GLU D 160 -56.28 -29.25 -3.56
N GLY D 161 -55.38 -29.74 -2.69
CA GLY D 161 -54.23 -30.58 -3.09
C GLY D 161 -53.11 -29.79 -3.75
N HIS D 162 -53.10 -28.46 -3.61
CA HIS D 162 -52.14 -27.55 -4.28
C HIS D 162 -51.12 -26.98 -3.28
N ASN D 163 -51.36 -27.07 -1.97
CA ASN D 163 -50.45 -26.46 -0.96
C ASN D 163 -49.19 -27.33 -0.80
N ILE D 164 -48.17 -26.94 -1.56
CA ILE D 164 -46.81 -27.52 -1.63
C ILE D 164 -46.05 -27.25 -0.33
N PHE D 165 -46.55 -26.35 0.54
CA PHE D 165 -45.90 -25.95 1.81
C PHE D 165 -46.60 -26.58 3.02
N SER D 166 -47.35 -27.67 2.83
CA SER D 166 -48.17 -28.30 3.89
C SER D 166 -47.28 -29.04 4.90
N THR D 167 -46.12 -29.54 4.49
CA THR D 167 -45.16 -30.24 5.40
C THR D 167 -44.46 -29.24 6.33
N LEU D 168 -44.51 -27.93 6.04
CA LEU D 168 -43.83 -26.90 6.88
C LEU D 168 -44.58 -26.81 8.22
N SER D 169 -43.90 -26.42 9.30
CA SER D 169 -44.52 -25.92 10.55
C SER D 169 -45.30 -24.64 10.21
N SER D 170 -46.11 -24.13 11.14
CA SER D 170 -46.96 -22.94 10.94
C SER D 170 -46.08 -21.68 10.79
N SER D 171 -45.06 -21.56 11.65
CA SER D 171 -44.07 -20.45 11.66
C SER D 171 -43.31 -20.42 10.34
N GLU D 172 -42.84 -21.59 9.89
CA GLU D 172 -42.09 -21.73 8.61
C GLU D 172 -43.03 -21.38 7.46
N TYR D 173 -44.28 -21.84 7.52
CA TYR D 173 -45.33 -21.51 6.51
C TYR D 173 -45.50 -19.97 6.41
N GLU D 174 -45.72 -19.28 7.52
CA GLU D 174 -46.02 -17.80 7.50
C GLU D 174 -44.76 -17.02 7.08
N GLN D 175 -43.58 -17.59 7.30
CA GLN D 175 -42.27 -17.01 6.92
C GLN D 175 -42.00 -17.16 5.41
N VAL D 176 -42.24 -18.36 4.86
CA VAL D 176 -42.01 -18.60 3.41
C VAL D 176 -42.99 -17.72 2.63
N LEU D 177 -44.25 -17.63 3.08
CA LEU D 177 -45.28 -16.79 2.40
C LEU D 177 -44.82 -15.33 2.41
N GLU D 178 -44.08 -14.91 3.43
CA GLU D 178 -43.55 -13.53 3.56
C GLU D 178 -42.34 -13.32 2.64
N ILE D 179 -41.46 -14.31 2.51
CA ILE D 179 -40.36 -14.30 1.50
C ILE D 179 -40.97 -14.08 0.11
N ILE D 180 -42.03 -14.83 -0.20
CA ILE D 180 -42.67 -14.85 -1.54
C ILE D 180 -43.30 -13.48 -1.79
N ARG D 181 -44.03 -12.94 -0.81
CA ARG D 181 -44.69 -11.62 -0.96
C ARG D 181 -43.66 -10.52 -1.21
N LYS D 182 -42.61 -10.43 -0.39
CA LYS D 182 -41.59 -9.37 -0.49
C LYS D 182 -40.93 -9.45 -1.86
N ALA D 183 -40.60 -10.67 -2.29
CA ALA D 183 -39.91 -10.96 -3.56
C ALA D 183 -40.78 -10.48 -4.72
N ILE D 184 -42.08 -10.82 -4.73
CA ILE D 184 -43.00 -10.47 -5.84
C ILE D 184 -43.21 -8.95 -5.84
N ILE D 185 -43.40 -8.33 -4.68
CA ILE D 185 -43.57 -6.84 -4.60
C ILE D 185 -42.30 -6.16 -5.16
N ALA D 186 -41.10 -6.69 -4.88
CA ALA D 186 -39.82 -6.06 -5.31
C ALA D 186 -39.67 -6.08 -6.84
N THR D 187 -40.44 -6.91 -7.57
CA THR D 187 -40.41 -6.98 -9.05
C THR D 187 -41.05 -5.73 -9.69
N ASP D 188 -41.72 -4.90 -8.89
CA ASP D 188 -42.12 -3.50 -9.24
C ASP D 188 -40.86 -2.67 -9.44
N LEU D 189 -40.53 -2.35 -10.70
CA LEU D 189 -39.27 -1.64 -11.01
C LEU D 189 -39.27 -0.27 -10.30
N ALA D 190 -40.42 0.29 -9.99
CA ALA D 190 -40.55 1.61 -9.33
C ALA D 190 -39.76 1.58 -8.01
N LEU D 191 -39.87 0.49 -7.26
CA LEU D 191 -39.23 0.29 -5.92
C LEU D 191 -37.75 -0.06 -6.08
N TYR D 192 -37.30 -0.49 -7.27
CA TYR D 192 -35.91 -0.99 -7.50
C TYR D 192 -34.88 0.15 -7.34
N PHE D 193 -35.14 1.35 -7.87
CA PHE D 193 -34.16 2.47 -7.93
C PHE D 193 -33.71 2.82 -6.50
N GLY D 194 -34.66 3.11 -5.60
CA GLY D 194 -34.43 3.33 -4.17
C GLY D 194 -33.76 2.15 -3.49
N ASN D 195 -34.10 0.91 -3.88
CA ASN D 195 -33.57 -0.33 -3.25
C ASN D 195 -32.08 -0.47 -3.61
N ARG D 196 -31.72 -0.22 -4.88
CA ARG D 196 -30.31 -0.32 -5.35
C ARG D 196 -29.45 0.77 -4.67
N LYS D 197 -29.97 2.00 -4.49
CA LYS D 197 -29.23 3.14 -3.87
C LYS D 197 -28.92 2.81 -2.41
N GLN D 198 -29.92 2.33 -1.64
CA GLN D 198 -29.72 1.87 -0.24
C GLN D 198 -28.62 0.81 -0.20
N LEU D 199 -28.66 -0.20 -1.07
CA LEU D 199 -27.71 -1.34 -1.00
C LEU D 199 -26.30 -0.86 -1.36
N GLU D 200 -26.16 -0.06 -2.41
CA GLU D 200 -24.87 0.52 -2.85
C GLU D 200 -24.20 1.16 -1.64
N GLU D 201 -24.97 2.02 -0.95
CA GLU D 201 -24.53 2.79 0.24
C GLU D 201 -24.09 1.82 1.35
N MET D 202 -24.84 0.73 1.55
CA MET D 202 -24.59 -0.23 2.65
C MET D 202 -23.35 -1.07 2.33
N TYR D 203 -23.17 -1.49 1.08
CA TYR D 203 -22.04 -2.39 0.69
C TYR D 203 -20.74 -1.59 0.63
N GLN D 204 -20.78 -0.36 0.12
CA GLN D 204 -19.58 0.49 -0.12
C GLN D 204 -19.01 0.98 1.22
N THR D 205 -19.87 1.35 2.18
CA THR D 205 -19.46 1.75 3.56
C THR D 205 -19.39 0.53 4.49
N GLY D 206 -19.46 -0.70 3.94
CA GLY D 206 -19.29 -1.96 4.67
C GLY D 206 -20.27 -2.18 5.83
N SER D 207 -21.41 -1.49 5.86
CA SER D 207 -22.47 -1.68 6.88
C SER D 207 -23.48 -2.76 6.46
N LEU D 208 -23.41 -3.26 5.23
CA LEU D 208 -24.32 -4.35 4.77
C LEU D 208 -24.07 -5.58 5.65
N ASN D 209 -25.14 -6.24 6.10
CA ASN D 209 -25.10 -7.37 7.06
C ASN D 209 -26.21 -8.38 6.73
N LEU D 210 -25.84 -9.54 6.18
CA LEU D 210 -26.79 -10.63 5.82
C LEU D 210 -27.47 -11.22 7.06
N ASN D 211 -26.94 -11.01 8.27
CA ASN D 211 -27.61 -11.46 9.52
C ASN D 211 -28.75 -10.51 9.88
N ASN D 212 -28.85 -9.35 9.22
CA ASN D 212 -29.95 -8.37 9.40
C ASN D 212 -31.03 -8.74 8.38
N GLN D 213 -32.22 -9.16 8.84
CA GLN D 213 -33.35 -9.62 7.99
C GLN D 213 -33.78 -8.51 7.01
N SER D 214 -33.81 -7.26 7.49
CA SER D 214 -34.09 -6.04 6.70
C SER D 214 -33.10 -5.95 5.52
N HIS D 215 -31.87 -6.41 5.72
CA HIS D 215 -30.78 -6.41 4.71
C HIS D 215 -30.98 -7.55 3.72
N ARG D 216 -31.36 -8.73 4.18
CA ARG D 216 -31.54 -9.90 3.30
C ARG D 216 -32.66 -9.56 2.30
N ASP D 217 -33.74 -8.95 2.80
CA ASP D 217 -34.92 -8.58 1.99
C ASP D 217 -34.51 -7.70 0.81
N ARG D 218 -33.66 -6.68 1.08
CA ARG D 218 -33.17 -5.73 0.06
C ARG D 218 -32.32 -6.47 -0.97
N VAL D 219 -31.42 -7.33 -0.50
CA VAL D 219 -30.57 -8.21 -1.36
C VAL D 219 -31.50 -9.11 -2.19
N ILE D 220 -32.47 -9.74 -1.54
CA ILE D 220 -33.47 -10.59 -2.25
C ILE D 220 -34.25 -9.73 -3.25
N GLY D 221 -34.72 -8.56 -2.83
CA GLY D 221 -35.37 -7.60 -3.74
C GLY D 221 -34.53 -7.42 -5.00
N LEU D 222 -33.24 -7.13 -4.83
CA LEU D 222 -32.30 -6.85 -5.95
C LEU D 222 -32.10 -8.12 -6.78
N MET D 223 -31.97 -9.29 -6.16
CA MET D 223 -31.96 -10.58 -6.92
C MET D 223 -33.22 -10.66 -7.83
N MET D 224 -34.40 -10.31 -7.32
CA MET D 224 -35.68 -10.44 -8.08
C MET D 224 -35.62 -9.52 -9.31
N THR D 225 -35.27 -8.24 -9.13
CA THR D 225 -35.05 -7.29 -10.25
C THR D 225 -34.06 -7.92 -11.24
N ALA D 226 -32.94 -8.46 -10.74
CA ALA D 226 -31.86 -9.07 -11.56
C ALA D 226 -32.47 -10.17 -12.44
N CYS D 227 -33.21 -11.11 -11.84
CA CYS D 227 -33.85 -12.24 -12.56
C CYS D 227 -34.92 -11.70 -13.53
N ASP D 228 -35.65 -10.68 -13.11
CA ASP D 228 -36.81 -10.13 -13.86
C ASP D 228 -36.33 -9.50 -15.16
N LEU D 229 -35.11 -8.93 -15.16
CA LEU D 229 -34.57 -8.20 -16.35
C LEU D 229 -33.63 -9.10 -17.14
N CYS D 230 -33.57 -10.39 -16.82
CA CYS D 230 -32.46 -11.29 -17.24
C CYS D 230 -32.43 -11.49 -18.76
N SER D 231 -33.40 -10.98 -19.53
CA SER D 231 -33.36 -10.97 -21.02
C SER D 231 -32.14 -10.18 -21.53
N VAL D 232 -31.69 -9.15 -20.81
CA VAL D 232 -30.51 -8.33 -21.22
C VAL D 232 -29.19 -9.06 -20.87
N THR D 233 -29.23 -10.25 -20.26
CA THR D 233 -28.03 -11.04 -19.86
C THR D 233 -27.97 -12.34 -20.66
N LYS D 234 -28.82 -12.47 -21.68
CA LYS D 234 -28.75 -13.61 -22.62
C LYS D 234 -27.72 -13.28 -23.70
N LEU D 235 -27.39 -14.27 -24.52
CA LEU D 235 -26.55 -14.04 -25.71
C LEU D 235 -27.33 -13.13 -26.67
N TRP D 236 -26.65 -12.42 -27.58
CA TRP D 236 -27.22 -11.28 -28.35
C TRP D 236 -28.42 -11.70 -29.21
N PRO D 237 -28.38 -12.87 -29.90
CA PRO D 237 -29.55 -13.32 -30.67
C PRO D 237 -30.81 -13.47 -29.80
N VAL D 238 -30.68 -14.03 -28.59
CA VAL D 238 -31.81 -14.19 -27.61
C VAL D 238 -32.28 -12.81 -27.14
N THR D 239 -31.36 -11.94 -26.71
CA THR D 239 -31.69 -10.61 -26.13
C THR D 239 -32.47 -9.80 -27.17
N LYS D 240 -32.00 -9.78 -28.42
CA LYS D 240 -32.58 -9.03 -29.57
C LYS D 240 -33.99 -9.57 -29.88
N LEU D 241 -34.15 -10.89 -29.98
CA LEU D 241 -35.47 -11.51 -30.29
C LEU D 241 -36.46 -11.29 -29.14
N THR D 242 -36.00 -11.23 -27.89
CA THR D 242 -36.89 -10.99 -26.72
C THR D 242 -37.35 -9.54 -26.76
N ALA D 243 -36.48 -8.62 -27.22
CA ALA D 243 -36.78 -7.18 -27.31
C ALA D 243 -38.06 -6.96 -28.11
N ASN D 244 -38.23 -7.71 -29.20
CA ASN D 244 -39.47 -7.69 -30.04
C ASN D 244 -40.72 -8.04 -29.22
N ASP D 245 -40.66 -9.08 -28.39
CA ASP D 245 -41.79 -9.50 -27.51
C ASP D 245 -42.13 -8.37 -26.53
N ILE D 246 -41.11 -7.81 -25.88
CA ILE D 246 -41.25 -6.75 -24.84
C ILE D 246 -41.85 -5.49 -25.49
N TYR D 247 -41.42 -5.12 -26.70
CA TYR D 247 -41.89 -3.88 -27.36
C TYR D 247 -43.29 -4.14 -27.91
N ALA D 248 -43.58 -5.38 -28.35
CA ALA D 248 -44.93 -5.76 -28.83
C ALA D 248 -45.95 -5.36 -27.76
N GLU D 249 -45.69 -5.70 -26.49
CA GLU D 249 -46.56 -5.31 -25.36
C GLU D 249 -46.55 -3.79 -25.17
N PHE D 250 -45.37 -3.18 -25.20
CA PHE D 250 -45.21 -1.71 -24.94
C PHE D 250 -46.02 -0.91 -25.96
N TRP D 251 -45.85 -1.20 -27.25
CA TRP D 251 -46.58 -0.51 -28.35
C TRP D 251 -48.09 -0.77 -28.24
N ALA D 252 -48.51 -1.96 -27.80
CA ALA D 252 -49.94 -2.30 -27.57
C ALA D 252 -50.48 -1.47 -26.41
N GLU D 253 -49.68 -1.26 -25.36
CA GLU D 253 -50.04 -0.35 -24.23
C GLU D 253 -50.09 1.10 -24.75
N GLY D 254 -49.09 1.55 -25.52
CA GLY D 254 -49.08 2.91 -26.08
C GLY D 254 -50.26 3.16 -27.00
N ASP D 255 -50.67 2.17 -27.81
CA ASP D 255 -51.91 2.25 -28.63
C ASP D 255 -53.10 2.52 -27.72
N GLU D 256 -53.19 1.81 -26.59
CA GLU D 256 -54.31 1.97 -25.63
C GLU D 256 -54.22 3.35 -24.94
N MET D 257 -53.01 3.88 -24.73
CA MET D 257 -52.80 5.25 -24.18
C MET D 257 -53.38 6.28 -25.17
N LYS D 258 -53.10 6.15 -26.48
CA LYS D 258 -53.65 7.03 -27.55
C LYS D 258 -55.18 6.91 -27.58
N LYS D 259 -55.73 5.74 -27.27
CA LYS D 259 -57.19 5.48 -27.24
C LYS D 259 -57.79 6.14 -26.01
N LEU D 260 -56.99 6.40 -24.96
CA LEU D 260 -57.40 7.18 -23.76
C LEU D 260 -57.21 8.70 -23.99
N GLY D 261 -56.75 9.13 -25.17
CA GLY D 261 -56.51 10.55 -25.50
C GLY D 261 -55.21 11.10 -24.91
N ILE D 262 -54.23 10.24 -24.63
CA ILE D 262 -52.94 10.55 -23.96
C ILE D 262 -51.76 10.14 -24.86
N GLN D 263 -50.82 11.04 -25.11
CA GLN D 263 -49.55 10.70 -25.82
C GLN D 263 -48.76 9.78 -24.91
N PRO D 264 -48.50 8.52 -25.32
CA PRO D 264 -47.67 7.62 -24.52
C PRO D 264 -46.23 8.15 -24.51
N ILE D 265 -45.39 7.64 -23.62
CA ILE D 265 -43.92 7.88 -23.64
C ILE D 265 -43.32 7.23 -24.88
N PRO D 266 -42.21 7.76 -25.42
CA PRO D 266 -41.62 7.20 -26.65
C PRO D 266 -41.44 5.67 -26.69
N MET D 267 -41.02 5.10 -25.57
CA MET D 267 -40.75 3.64 -25.40
C MET D 267 -41.98 2.82 -25.84
N MET D 268 -43.19 3.34 -25.58
CA MET D 268 -44.50 2.67 -25.81
C MET D 268 -45.17 3.19 -27.10
N ASP D 269 -44.49 4.05 -27.88
CA ASP D 269 -45.07 4.67 -29.09
C ASP D 269 -44.48 3.98 -30.33
N ARG D 270 -45.32 3.27 -31.10
CA ARG D 270 -44.84 2.45 -32.25
C ARG D 270 -44.45 3.37 -33.40
N ASP D 271 -44.97 4.62 -33.44
CA ASP D 271 -44.55 5.65 -34.44
C ASP D 271 -43.13 6.15 -34.14
N LYS D 272 -42.49 5.68 -33.07
CA LYS D 272 -41.10 6.03 -32.70
C LYS D 272 -40.24 4.77 -32.55
N LYS D 273 -40.54 3.72 -33.33
CA LYS D 273 -39.72 2.50 -33.47
C LYS D 273 -38.24 2.82 -33.69
N ASP D 274 -37.96 3.74 -34.63
CA ASP D 274 -36.60 4.08 -35.15
C ASP D 274 -35.66 4.47 -33.99
N GLU D 275 -36.18 4.99 -32.90
CA GLU D 275 -35.39 5.41 -31.70
C GLU D 275 -35.17 4.23 -30.73
N VAL D 276 -35.53 2.99 -31.09
CA VAL D 276 -35.39 1.81 -30.17
C VAL D 276 -33.93 1.68 -29.72
N PRO D 277 -32.94 1.67 -30.66
CA PRO D 277 -31.54 1.50 -30.26
C PRO D 277 -31.09 2.53 -29.20
N GLN D 278 -31.55 3.78 -29.32
CA GLN D 278 -31.19 4.92 -28.41
C GLN D 278 -31.89 4.76 -27.05
N GLY D 279 -33.14 4.29 -27.05
CA GLY D 279 -33.90 4.03 -25.81
C GLY D 279 -33.29 2.88 -25.01
N GLN D 280 -32.81 1.84 -25.71
CA GLN D 280 -32.14 0.65 -25.12
C GLN D 280 -30.88 1.11 -24.39
N LEU D 281 -30.07 1.92 -25.07
CA LEU D 281 -28.81 2.48 -24.53
C LEU D 281 -29.07 3.13 -23.17
N GLY D 282 -30.08 4.00 -23.09
CA GLY D 282 -30.49 4.68 -21.84
C GLY D 282 -30.97 3.69 -20.80
N PHE D 283 -31.70 2.66 -21.20
CA PHE D 283 -32.22 1.60 -20.29
C PHE D 283 -31.04 0.82 -19.66
N TYR D 284 -30.03 0.47 -20.47
CA TYR D 284 -28.82 -0.24 -19.97
C TYR D 284 -28.00 0.65 -19.01
N ASN D 285 -27.82 1.95 -19.32
CA ASN D 285 -27.02 2.91 -18.50
C ASN D 285 -27.81 3.37 -17.26
N ALA D 286 -29.13 3.60 -17.35
CA ALA D 286 -29.98 4.09 -16.23
C ALA D 286 -30.40 2.93 -15.30
N VAL D 287 -30.59 1.71 -15.83
CA VAL D 287 -31.33 0.62 -15.12
C VAL D 287 -30.52 -0.67 -15.11
N ALA D 288 -30.26 -1.28 -16.28
CA ALA D 288 -29.68 -2.64 -16.36
C ALA D 288 -28.28 -2.68 -15.71
N ILE D 289 -27.35 -1.82 -16.15
CA ILE D 289 -25.90 -1.94 -15.78
C ILE D 289 -25.77 -1.63 -14.29
N PRO D 290 -26.42 -0.59 -13.72
CA PRO D 290 -26.39 -0.42 -12.27
C PRO D 290 -26.89 -1.69 -11.56
N CYS D 291 -28.03 -2.25 -11.99
CA CYS D 291 -28.66 -3.42 -11.34
C CYS D 291 -27.61 -4.52 -11.10
N TYR D 292 -26.99 -5.03 -12.18
CA TYR D 292 -26.06 -6.19 -12.19
C TYR D 292 -24.68 -5.79 -11.63
N THR D 293 -24.35 -4.50 -11.61
CA THR D 293 -23.08 -3.98 -11.03
C THR D 293 -23.18 -4.12 -9.50
N THR D 294 -24.24 -3.58 -8.91
CA THR D 294 -24.49 -3.69 -7.44
C THR D 294 -24.60 -5.17 -7.03
N LEU D 295 -25.18 -6.02 -7.89
CA LEU D 295 -25.48 -7.43 -7.51
C LEU D 295 -24.19 -8.24 -7.48
N THR D 296 -23.27 -7.99 -8.42
CA THR D 296 -21.96 -8.68 -8.50
C THR D 296 -21.09 -8.21 -7.33
N GLN D 297 -21.24 -6.95 -6.92
CA GLN D 297 -20.61 -6.42 -5.69
C GLN D 297 -21.02 -7.33 -4.52
N ILE D 298 -22.33 -7.51 -4.28
CA ILE D 298 -22.87 -8.22 -3.10
C ILE D 298 -22.69 -9.74 -3.23
N LEU D 299 -22.89 -10.30 -4.43
CA LEU D 299 -22.74 -11.76 -4.72
C LEU D 299 -21.87 -11.93 -5.96
N PRO D 300 -20.53 -11.89 -5.77
CA PRO D 300 -19.56 -11.93 -6.87
C PRO D 300 -19.74 -12.99 -7.94
N PRO D 301 -20.22 -14.23 -7.64
CA PRO D 301 -20.40 -15.24 -8.69
C PRO D 301 -21.55 -14.94 -9.67
N THR D 302 -22.38 -13.91 -9.41
CA THR D 302 -23.42 -13.42 -10.37
C THR D 302 -22.80 -12.52 -11.46
N GLU D 303 -21.49 -12.26 -11.39
CA GLU D 303 -20.73 -11.47 -12.39
C GLU D 303 -21.04 -11.87 -13.83
N PRO D 304 -21.19 -13.16 -14.22
CA PRO D 304 -21.59 -13.48 -15.59
C PRO D 304 -22.86 -12.76 -16.10
N LEU D 305 -23.81 -12.41 -15.23
CA LEU D 305 -24.95 -11.53 -15.62
C LEU D 305 -24.40 -10.18 -16.09
N LEU D 306 -23.50 -9.55 -15.33
CA LEU D 306 -22.93 -8.20 -15.62
C LEU D 306 -22.16 -8.22 -16.96
N LYS D 307 -21.28 -9.20 -17.16
CA LYS D 307 -20.50 -9.38 -18.41
C LYS D 307 -21.46 -9.41 -19.61
N ALA D 308 -22.48 -10.29 -19.56
CA ALA D 308 -23.44 -10.52 -20.65
C ALA D 308 -24.21 -9.23 -20.94
N CYS D 309 -24.59 -8.50 -19.88
CA CYS D 309 -25.27 -7.20 -19.97
C CYS D 309 -24.37 -6.21 -20.72
N ARG D 310 -23.10 -6.10 -20.30
CA ARG D 310 -22.10 -5.19 -20.92
C ARG D 310 -22.00 -5.50 -22.41
N ASP D 311 -21.92 -6.78 -22.78
CA ASP D 311 -21.75 -7.17 -24.20
C ASP D 311 -22.98 -6.73 -24.99
N ASN D 312 -24.20 -6.91 -24.45
CA ASN D 312 -25.46 -6.54 -25.15
C ASN D 312 -25.52 -5.02 -25.30
N LEU D 313 -24.98 -4.27 -24.33
CA LEU D 313 -24.90 -2.78 -24.41
C LEU D 313 -24.08 -2.41 -25.65
N SER D 314 -22.89 -3.01 -25.82
CA SER D 314 -21.97 -2.67 -26.94
C SER D 314 -22.55 -3.19 -28.27
N GLN D 315 -23.41 -4.20 -28.23
CA GLN D 315 -24.19 -4.65 -29.43
C GLN D 315 -25.21 -3.58 -29.83
N TRP D 316 -25.87 -2.91 -28.87
CA TRP D 316 -26.84 -1.80 -29.12
C TRP D 316 -26.13 -0.54 -29.63
N GLU D 317 -24.89 -0.31 -29.17
CA GLU D 317 -24.01 0.79 -29.65
C GLU D 317 -23.65 0.56 -31.14
N LYS D 318 -23.46 -0.70 -31.55
CA LYS D 318 -23.16 -1.09 -32.96
C LYS D 318 -24.40 -0.91 -33.85
N VAL D 319 -25.59 -1.26 -33.34
CA VAL D 319 -26.88 -1.11 -34.07
C VAL D 319 -27.08 0.39 -34.35
N ILE D 320 -26.67 1.27 -33.42
CA ILE D 320 -26.75 2.75 -33.59
C ILE D 320 -25.78 3.24 -34.69
N ARG D 321 -25.03 2.34 -35.37
CA ARG D 321 -24.32 2.65 -36.65
C ARG D 321 -24.37 1.44 -37.60
N GLY D 322 -23.58 0.38 -37.36
CA GLY D 322 -23.54 -0.84 -38.19
C GLY D 322 -23.56 -2.11 -37.35
ZN ZN E . 29.83 15.09 11.31
MG MG F . 31.30 12.42 13.62
C1 KDC G . 19.73 19.38 24.43
C2 KDC G . 18.51 19.01 25.00
C3 KDC G . 20.88 19.62 25.28
N4 KDC G . 20.09 19.57 23.08
C5 KDC G . 18.43 18.91 26.43
S6 KDC G . 16.98 18.67 24.31
N7 KDC G . 21.93 19.95 24.41
C8 KDC G . 20.81 19.51 26.70
C9 KDC G . 21.42 19.90 23.06
C10 KDC G . 19.58 19.16 27.26
N11 KDC G . 17.14 18.56 26.88
C12 KDC G . 16.30 18.38 25.87
S13 KDC G . 22.38 20.23 21.68
C14 KDC G . 21.67 19.32 20.28
C15 KDC G . 22.41 19.77 19.04
C16 KDC G . 23.67 19.18 18.80
N17 KDC G . 21.88 20.71 18.16
C18 KDC G . 24.38 19.57 17.65
C19 KDC G . 22.60 21.09 17.07
C20 KDC G . 23.88 20.56 16.75
O21 KDC G . 25.60 19.07 17.35
C22 KDC G . 24.64 20.99 15.56
C23 KDC G . 26.23 18.17 18.32
C24 KDC G . 27.63 17.96 17.79
ZN ZN H . 0.32 12.28 -11.76
MG MG I . 2.65 15.03 -12.89
C1 KDC J . -4.92 23.27 0.52
C2 KDC J . -4.61 23.71 1.82
C3 KDC J . -5.33 24.25 -0.46
N4 KDC J . -4.90 22.01 -0.09
C5 KDC J . -4.73 25.12 2.10
S6 KDC J . -4.08 22.92 3.23
N7 KDC J . -5.56 23.54 -1.65
C8 KDC J . -5.45 25.61 -0.18
C9 KDC J . -5.30 22.18 -1.39
C10 KDC J . -5.15 26.04 1.09
N11 KDC J . -4.40 25.47 3.43
C12 KDC J . -4.04 24.40 4.12
S13 KDC J . -5.51 21.02 -2.65
C14 KDC J . -4.79 19.45 -2.13
C15 KDC J . -5.00 18.35 -3.16
C16 KDC J . -4.42 18.53 -4.44
N17 KDC J . -5.70 17.21 -2.83
C18 KDC J . -4.61 17.50 -5.39
C19 KDC J . -5.87 16.24 -3.76
C20 KDC J . -5.35 16.33 -5.06
O21 KDC J . -4.11 17.59 -6.65
C22 KDC J . -5.59 15.21 -5.99
C23 KDC J . -3.21 18.66 -7.02
C24 KDC J . -2.85 18.37 -8.47
ZN ZN K . 6.67 -14.16 14.21
MG MG L . 4.01 -15.12 11.66
C1 KDC M . -5.67 -4.41 21.22
C2 KDC M . -6.29 -3.14 21.05
C3 KDC M . -6.51 -5.61 21.39
N4 KDC M . -4.32 -4.79 21.29
C5 KDC M . -7.74 -3.12 21.04
S6 KDC M . -5.65 -1.55 20.80
N7 KDC M . -5.62 -6.69 21.54
C8 KDC M . -7.92 -5.53 21.37
C9 KDC M . -4.31 -6.15 21.48
C10 KDC M . -8.53 -4.30 21.19
N11 KDC M . -8.27 -1.82 20.85
C12 KDC M . -7.27 -0.95 20.73
S13 KDC M . -2.94 -7.19 21.62
C14 KDC M . -1.51 -6.44 20.81
C15 KDC M . -0.27 -7.31 20.84
C16 KDC M . -0.22 -8.46 20.01
N17 KDC M . 0.80 -6.98 21.65
C18 KDC M . 0.91 -9.27 20.02
C19 KDC M . 1.90 -7.78 21.64
C20 KDC M . 2.02 -8.96 20.85
O21 KDC M . 1.02 -10.39 19.22
C22 KDC M . 3.24 -9.79 20.85
C23 KDC M . -0.20 -10.75 18.53
C24 KDC M . 0.21 -11.68 17.40
ZN ZN N . -41.58 -10.25 -14.76
MG MG O . -44.15 -7.82 -13.22
C1 KDC P . -37.18 3.01 -25.07
C2 KDC P . -37.52 3.66 -26.29
C3 KDC P . -36.80 3.83 -23.93
N4 KDC P . -37.13 1.65 -24.71
C5 KDC P . -37.47 5.11 -26.33
S6 KDC P . -38.05 3.06 -27.80
N7 KDC P . -36.53 2.91 -22.89
C8 KDC P . -36.75 5.26 -24.00
C9 KDC P . -36.75 1.60 -23.40
C10 KDC P . -37.08 5.88 -25.18
N11 KDC P . -37.84 5.64 -27.58
C12 KDC P . -38.15 4.67 -28.43
S13 KDC P . -36.50 0.21 -22.38
C14 KDC P . -36.89 -1.33 -23.27
C15 KDC P . -36.61 -2.61 -22.47
C16 KDC P . -37.19 -2.68 -21.18
N17 KDC P . -35.85 -3.65 -23.00
C18 KDC P . -36.94 -3.85 -20.43
C19 KDC P . -35.64 -4.76 -22.25
C20 KDC P . -36.15 -4.92 -20.95
O21 KDC P . -37.45 -4.00 -19.17
C22 KDC P . -35.90 -6.14 -20.15
C23 KDC P . -38.33 -2.95 -18.77
C24 KDC P . -38.93 -3.50 -17.50
#